data_9LH0
# 
_entry.id   9LH0 
# 
_audit_conform.dict_name       mmcif_pdbx.dic 
_audit_conform.dict_version    5.402 
_audit_conform.dict_location   http://mmcif.pdb.org/dictionaries/ascii/mmcif_pdbx.dic 
# 
loop_
_database_2.database_id 
_database_2.database_code 
_database_2.pdbx_database_accession 
_database_2.pdbx_DOI 
PDB   9LH0         pdb_00009lh0 10.2210/pdb9lh0/pdb 
WWPDB D_1300055591 ?            ?                   
# 
_pdbx_audit_revision_history.ordinal             1 
_pdbx_audit_revision_history.data_content_type   'Structure model' 
_pdbx_audit_revision_history.major_revision      1 
_pdbx_audit_revision_history.minor_revision      0 
_pdbx_audit_revision_history.revision_date       2025-03-19 
_pdbx_audit_revision_history.part_number         ? 
# 
_pdbx_audit_revision_details.ordinal             1 
_pdbx_audit_revision_details.revision_ordinal    1 
_pdbx_audit_revision_details.data_content_type   'Structure model' 
_pdbx_audit_revision_details.provider            repository 
_pdbx_audit_revision_details.type                'Initial release' 
_pdbx_audit_revision_details.description         ? 
_pdbx_audit_revision_details.details             ? 
# 
_pdbx_database_status.status_code                     REL 
_pdbx_database_status.status_code_sf                  REL 
_pdbx_database_status.status_code_mr                  ? 
_pdbx_database_status.entry_id                        9LH0 
_pdbx_database_status.recvd_initial_deposition_date   2025-01-11 
_pdbx_database_status.SG_entry                        N 
_pdbx_database_status.deposit_site                    PDBJ 
_pdbx_database_status.process_site                    PDBJ 
_pdbx_database_status.status_code_cs                  ? 
_pdbx_database_status.status_code_nmr_data            ? 
_pdbx_database_status.methods_development_category    ? 
_pdbx_database_status.pdb_format_compatible           Y 
# 
_pdbx_contact_author.id                 2 
_pdbx_contact_author.email              ahmedakrem@bzu.edu.pk 
_pdbx_contact_author.name_first         Ahmed 
_pdbx_contact_author.name_last          Akrem 
_pdbx_contact_author.name_mi            ? 
_pdbx_contact_author.role               'principal investigator/group leader' 
_pdbx_contact_author.identifier_ORCID   0000-0002-9349-2723 
# 
loop_
_audit_author.name 
_audit_author.pdbx_ordinal 
_audit_author.identifier_ORCID 
'Saeed, A.'          1 0000-0002-7820-6311 
'Betzel, C.'         2 0000-0002-3879-5019 
'Brognaro, H.'       3 0009-0005-0852-5842 
'Rajaiah Prabhu, P.' 4 0000-0002-8312-0563 
'Alves Franca, B.'   5 0000-0001-6008-6000 
'Mehmood, S.'        6 0000-0002-4335-4728 
'Khaliq, B.'         7 0000-0001-9471-2428 
'Ishaq, U.'          8 0000-0002-0025-5113 
'Akrem, A.'          9 0000-0002-9349-2723 
# 
_citation.abstract                  ? 
_citation.abstract_id_CAS           ? 
_citation.book_id_ISBN              ? 
_citation.book_publisher            ? 
_citation.book_publisher_city       ? 
_citation.book_title                ? 
_citation.coordinate_linkage        ? 
_citation.country                   ? 
_citation.database_id_Medline       ? 
_citation.details                   ? 
_citation.id                        primary 
_citation.journal_abbrev            'To Be Published' 
_citation.journal_id_ASTM           ? 
_citation.journal_id_CSD            0353 
_citation.journal_id_ISSN           ? 
_citation.journal_full              ? 
_citation.journal_issue             ? 
_citation.journal_volume            ? 
_citation.language                  ? 
_citation.page_first                ? 
_citation.page_last                 ? 
_citation.title                     'Crystal structure of Chitin Binding Protein from Iberis umbellata L.' 
_citation.year                      ? 
_citation.database_id_CSD           ? 
_citation.pdbx_database_id_DOI      ? 
_citation.pdbx_database_id_PubMed   ? 
_citation.pdbx_database_id_patent   ? 
_citation.unpublished_flag          ? 
# 
loop_
_citation_author.citation_id 
_citation_author.name 
_citation_author.ordinal 
_citation_author.identifier_ORCID 
primary 'Saeed, A.'          1 0000-0002-7820-6311 
primary 'Betzel, C.'         2 0000-0002-3879-5019 
primary 'Brognaro, H.'       3 0009-0005-0852-5842 
primary 'Rajaiah Prabhu, P.' 4 0000-0002-8312-0563 
primary 'Alves Franca, B.'   5 0000-0001-6008-6000 
primary 'Mehmood, S.'        6 0000-0002-4335-4728 
primary 'Ishaq, U.'          7 0000-0002-0025-5113 
primary 'Khaliq, B.'         8 0000-0001-9471-2428 
primary 'Akrem, A.'          9 0000-0002-9349-2723 
# 
loop_
_entity.id 
_entity.type 
_entity.src_method 
_entity.pdbx_description 
_entity.formula_weight 
_entity.pdbx_number_of_molecules 
_entity.pdbx_ec 
_entity.pdbx_mutation 
_entity.pdbx_fragment 
_entity.details 
1 polymer     nat 'Chitin Binding Protein' 3757.330 1  ? ? ? ? 
2 polymer     nat 'Chitin Binding Protein' 8216.560 1  ? ? ? ? 
3 non-polymer syn 'SULFATE ION'            96.063   2  ? ? ? ? 
4 non-polymer syn 'NITRATE ION'            62.005   2  ? ? ? ? 
5 non-polymer syn 'ACETIC ACID'            60.052   3  ? ? ? ? 
6 non-polymer syn 'LITHIUM ION'            6.941    1  ? ? ? ? 
7 water       nat water                    18.015   34 ? ? ? ? 
# 
loop_
_entity_poly.entity_id 
_entity_poly.type 
_entity_poly.nstd_linkage 
_entity_poly.nstd_monomer 
_entity_poly.pdbx_seq_one_letter_code 
_entity_poly.pdbx_seq_one_letter_code_can 
_entity_poly.pdbx_strand_id 
_entity_poly.pdbx_target_identifier 
1 'polypeptide(L)' no no AGPFGPRPKCPSQFVSAHRLSACQKWIHKQATSAG                                        
AGPFGPRPKCPSQFVSAHRLSACQKWIHKQATSAG                                        A ? 
2 'polypeptide(L)' no no PEQRPPLLRLCCTQLHQQNPQCTCSTLRRAAMAVRTRQGISASSQVQRLFETARHLPKTCNFAGVGVCPFQAVP 
PEQRPPLLRLCCTQLHQQNPQCTCSTLRRAAMAVRTRQGISASSQVQRLFETARHLPKTCNFAGVGVCPFQAVP B ? 
# 
loop_
_pdbx_entity_nonpoly.entity_id 
_pdbx_entity_nonpoly.name 
_pdbx_entity_nonpoly.comp_id 
3 'SULFATE ION' SO4 
4 'NITRATE ION' NO3 
5 'ACETIC ACID' ACY 
6 'LITHIUM ION' LI  
7 water         HOH 
# 
loop_
_entity_poly_seq.entity_id 
_entity_poly_seq.num 
_entity_poly_seq.mon_id 
_entity_poly_seq.hetero 
1 1  ALA n 
1 2  GLY n 
1 3  PRO n 
1 4  PHE n 
1 5  GLY n 
1 6  PRO n 
1 7  ARG n 
1 8  PRO n 
1 9  LYS n 
1 10 CYS n 
1 11 PRO n 
1 12 SER n 
1 13 GLN n 
1 14 PHE n 
1 15 VAL n 
1 16 SER n 
1 17 ALA n 
1 18 HIS n 
1 19 ARG n 
1 20 LEU n 
1 21 SER n 
1 22 ALA n 
1 23 CYS n 
1 24 GLN n 
1 25 LYS n 
1 26 TRP n 
1 27 ILE n 
1 28 HIS n 
1 29 LYS n 
1 30 GLN n 
1 31 ALA n 
1 32 THR n 
1 33 SER n 
1 34 ALA n 
1 35 GLY n 
2 1  PRO n 
2 2  GLU n 
2 3  GLN n 
2 4  ARG n 
2 5  PRO n 
2 6  PRO n 
2 7  LEU n 
2 8  LEU n 
2 9  ARG n 
2 10 LEU n 
2 11 CYS n 
2 12 CYS n 
2 13 THR n 
2 14 GLN n 
2 15 LEU n 
2 16 HIS n 
2 17 GLN n 
2 18 GLN n 
2 19 ASN n 
2 20 PRO n 
2 21 GLN n 
2 22 CYS n 
2 23 THR n 
2 24 CYS n 
2 25 SER n 
2 26 THR n 
2 27 LEU n 
2 28 ARG n 
2 29 ARG n 
2 30 ALA n 
2 31 ALA n 
2 32 MET n 
2 33 ALA n 
2 34 VAL n 
2 35 ARG n 
2 36 THR n 
2 37 ARG n 
2 38 GLN n 
2 39 GLY n 
2 40 ILE n 
2 41 SER n 
2 42 ALA n 
2 43 SER n 
2 44 SER n 
2 45 GLN n 
2 46 VAL n 
2 47 GLN n 
2 48 ARG n 
2 49 LEU n 
2 50 PHE n 
2 51 GLU n 
2 52 THR n 
2 53 ALA n 
2 54 ARG n 
2 55 HIS n 
2 56 LEU n 
2 57 PRO n 
2 58 LYS n 
2 59 THR n 
2 60 CYS n 
2 61 ASN n 
2 62 PHE n 
2 63 ALA n 
2 64 GLY n 
2 65 VAL n 
2 66 GLY n 
2 67 VAL n 
2 68 CYS n 
2 69 PRO n 
2 70 PHE n 
2 71 GLN n 
2 72 ALA n 
2 73 VAL n 
2 74 PRO n 
# 
loop_
_entity_src_nat.entity_id 
_entity_src_nat.pdbx_src_id 
_entity_src_nat.pdbx_alt_source_flag 
_entity_src_nat.pdbx_beg_seq_num 
_entity_src_nat.pdbx_end_seq_num 
_entity_src_nat.common_name 
_entity_src_nat.pdbx_organism_scientific 
_entity_src_nat.pdbx_ncbi_taxonomy_id 
_entity_src_nat.genus 
_entity_src_nat.species 
_entity_src_nat.strain 
_entity_src_nat.tissue 
_entity_src_nat.tissue_fraction 
_entity_src_nat.pdbx_secretion 
_entity_src_nat.pdbx_fragment 
_entity_src_nat.pdbx_variant 
_entity_src_nat.pdbx_cell_line 
_entity_src_nat.pdbx_atcc 
_entity_src_nat.pdbx_cellular_location 
_entity_src_nat.pdbx_organ 
_entity_src_nat.pdbx_organelle 
_entity_src_nat.pdbx_cell 
_entity_src_nat.pdbx_plasmid_name 
_entity_src_nat.pdbx_plasmid_details 
_entity_src_nat.details 
1 1 sample 1 35 ? 'Iberis umbellata' 226049 ? ? ? ? ? ? ? ? ? ? ? ? ? ? ? ? ? 
2 1 sample 1 74 ? 'Iberis umbellata' 226049 ? ? ? ? ? ? ? ? ? ? ? ? ? ? ? ? ? 
# 
loop_
_chem_comp.id 
_chem_comp.type 
_chem_comp.mon_nstd_flag 
_chem_comp.name 
_chem_comp.pdbx_synonyms 
_chem_comp.formula 
_chem_comp.formula_weight 
ACY non-polymer         . 'ACETIC ACID'   ? 'C2 H4 O2'       60.052  
ALA 'L-peptide linking' y ALANINE         ? 'C3 H7 N O2'     89.093  
ARG 'L-peptide linking' y ARGININE        ? 'C6 H15 N4 O2 1' 175.209 
ASN 'L-peptide linking' y ASPARAGINE      ? 'C4 H8 N2 O3'    132.118 
CYS 'L-peptide linking' y CYSTEINE        ? 'C3 H7 N O2 S'   121.158 
GLN 'L-peptide linking' y GLUTAMINE       ? 'C5 H10 N2 O3'   146.144 
GLU 'L-peptide linking' y 'GLUTAMIC ACID' ? 'C5 H9 N O4'     147.129 
GLY 'peptide linking'   y GLYCINE         ? 'C2 H5 N O2'     75.067  
HIS 'L-peptide linking' y HISTIDINE       ? 'C6 H10 N3 O2 1' 156.162 
HOH non-polymer         . WATER           ? 'H2 O'           18.015  
ILE 'L-peptide linking' y ISOLEUCINE      ? 'C6 H13 N O2'    131.173 
LEU 'L-peptide linking' y LEUCINE         ? 'C6 H13 N O2'    131.173 
LI  non-polymer         . 'LITHIUM ION'   ? 'Li 1'           6.941   
LYS 'L-peptide linking' y LYSINE          ? 'C6 H15 N2 O2 1' 147.195 
MET 'L-peptide linking' y METHIONINE      ? 'C5 H11 N O2 S'  149.211 
NO3 non-polymer         . 'NITRATE ION'   ? 'N O3 -1'        62.005  
PHE 'L-peptide linking' y PHENYLALANINE   ? 'C9 H11 N O2'    165.189 
PRO 'L-peptide linking' y PROLINE         ? 'C5 H9 N O2'     115.130 
SER 'L-peptide linking' y SERINE          ? 'C3 H7 N O3'     105.093 
SO4 non-polymer         . 'SULFATE ION'   ? 'O4 S -2'        96.063  
THR 'L-peptide linking' y THREONINE       ? 'C4 H9 N O3'     119.119 
TRP 'L-peptide linking' y TRYPTOPHAN      ? 'C11 H12 N2 O2'  204.225 
VAL 'L-peptide linking' y VALINE          ? 'C5 H11 N O2'    117.146 
# 
loop_
_pdbx_poly_seq_scheme.asym_id 
_pdbx_poly_seq_scheme.entity_id 
_pdbx_poly_seq_scheme.seq_id 
_pdbx_poly_seq_scheme.mon_id 
_pdbx_poly_seq_scheme.ndb_seq_num 
_pdbx_poly_seq_scheme.pdb_seq_num 
_pdbx_poly_seq_scheme.auth_seq_num 
_pdbx_poly_seq_scheme.pdb_mon_id 
_pdbx_poly_seq_scheme.auth_mon_id 
_pdbx_poly_seq_scheme.pdb_strand_id 
_pdbx_poly_seq_scheme.pdb_ins_code 
_pdbx_poly_seq_scheme.hetero 
A 1 1  ALA 1  1   1   ALA ALA A . n 
A 1 2  GLY 2  2   2   GLY GLY A . n 
A 1 3  PRO 3  3   3   PRO PRO A . n 
A 1 4  PHE 4  4   4   PHE PHE A . n 
A 1 5  GLY 5  5   5   GLY GLY A . n 
A 1 6  PRO 6  6   6   PRO PRO A . n 
A 1 7  ARG 7  7   7   ARG ARG A . n 
A 1 8  PRO 8  8   8   PRO PRO A . n 
A 1 9  LYS 9  9   9   LYS LYS A . n 
A 1 10 CYS 10 10  10  CYS CYS A . n 
A 1 11 PRO 11 11  11  PRO PRO A . n 
A 1 12 SER 12 12  12  SER SER A . n 
A 1 13 GLN 13 13  13  GLN GLN A . n 
A 1 14 PHE 14 14  14  PHE PHE A . n 
A 1 15 VAL 15 15  15  VAL VAL A . n 
A 1 16 SER 16 16  16  SER SER A . n 
A 1 17 ALA 17 17  17  ALA ALA A . n 
A 1 18 HIS 18 18  18  HIS HIS A . n 
A 1 19 ARG 19 19  19  ARG ARG A . n 
A 1 20 LEU 20 20  20  LEU LEU A . n 
A 1 21 SER 21 21  21  SER SER A . n 
A 1 22 ALA 22 22  22  ALA ALA A . n 
A 1 23 CYS 23 23  23  CYS CYS A . n 
A 1 24 GLN 24 24  24  GLN GLN A . n 
A 1 25 LYS 25 25  25  LYS LYS A . n 
A 1 26 TRP 26 26  26  TRP TRP A . n 
A 1 27 ILE 27 27  27  ILE ILE A . n 
A 1 28 HIS 28 28  28  HIS HIS A . n 
A 1 29 LYS 29 29  29  LYS LYS A . n 
A 1 30 GLN 30 30  30  GLN GLN A . n 
A 1 31 ALA 31 31  31  ALA ALA A . n 
A 1 32 THR 32 32  32  THR THR A . n 
A 1 33 SER 33 33  33  SER SER A . n 
A 1 34 ALA 34 34  34  ALA ALA A . n 
A 1 35 GLY 35 35  35  GLY GLY A . n 
B 2 1  PRO 1  56  56  PRO PRO B . n 
B 2 2  GLU 2  57  57  GLU GLU B . n 
B 2 3  GLN 3  58  58  GLN GLN B . n 
B 2 4  ARG 4  59  59  ARG ARG B . n 
B 2 5  PRO 5  60  60  PRO PRO B . n 
B 2 6  PRO 6  61  61  PRO PRO B . n 
B 2 7  LEU 7  62  62  LEU LEU B . n 
B 2 8  LEU 8  63  63  LEU LEU B . n 
B 2 9  ARG 9  64  64  ARG ARG B . n 
B 2 10 LEU 10 65  65  LEU LEU B . n 
B 2 11 CYS 11 66  66  CYS CYS B . n 
B 2 12 CYS 12 67  67  CYS CYS B . n 
B 2 13 THR 13 68  68  THR THR B . n 
B 2 14 GLN 14 69  69  GLN GLN B . n 
B 2 15 LEU 15 70  70  LEU LEU B . n 
B 2 16 HIS 16 71  71  HIS HIS B . n 
B 2 17 GLN 17 72  72  GLN GLN B . n 
B 2 18 GLN 18 73  73  GLN GLN B . n 
B 2 19 ASN 19 74  74  ASN ASN B . n 
B 2 20 PRO 20 75  75  PRO PRO B . n 
B 2 21 GLN 21 76  76  GLN GLN B . n 
B 2 22 CYS 22 77  77  CYS CYS B . n 
B 2 23 THR 23 78  78  THR THR B . n 
B 2 24 CYS 24 79  79  CYS CYS B . n 
B 2 25 SER 25 80  80  SER SER B . n 
B 2 26 THR 26 81  81  THR THR B . n 
B 2 27 LEU 27 82  82  LEU LEU B . n 
B 2 28 ARG 28 83  83  ARG ARG B . n 
B 2 29 ARG 29 84  84  ARG ARG B . n 
B 2 30 ALA 30 85  85  ALA ALA B . n 
B 2 31 ALA 31 86  86  ALA ALA B . n 
B 2 32 MET 32 87  87  MET MET B . n 
B 2 33 ALA 33 88  88  ALA ALA B . n 
B 2 34 VAL 34 89  89  VAL VAL B . n 
B 2 35 ARG 35 90  90  ARG ARG B . n 
B 2 36 THR 36 91  91  THR THR B . n 
B 2 37 ARG 37 92  92  ARG ARG B . n 
B 2 38 GLN 38 93  93  GLN GLN B . n 
B 2 39 GLY 39 94  94  GLY GLY B . n 
B 2 40 ILE 40 95  95  ILE ILE B . n 
B 2 41 SER 41 96  96  SER SER B . n 
B 2 42 ALA 42 97  97  ALA ALA B . n 
B 2 43 SER 43 98  98  SER SER B . n 
B 2 44 SER 44 99  99  SER SER B . n 
B 2 45 GLN 45 100 100 GLN GLN B . n 
B 2 46 VAL 46 101 101 VAL VAL B . n 
B 2 47 GLN 47 102 102 GLN GLN B . n 
B 2 48 ARG 48 103 103 ARG ARG B . n 
B 2 49 LEU 49 104 104 LEU LEU B . n 
B 2 50 PHE 50 105 105 PHE PHE B . n 
B 2 51 GLU 51 106 106 GLU GLU B . n 
B 2 52 THR 52 107 107 THR THR B . n 
B 2 53 ALA 53 108 108 ALA ALA B . n 
B 2 54 ARG 54 109 109 ARG ARG B . n 
B 2 55 HIS 55 110 110 HIS HIS B . n 
B 2 56 LEU 56 111 111 LEU LEU B . n 
B 2 57 PRO 57 112 112 PRO PRO B . n 
B 2 58 LYS 58 113 113 LYS LYS B . n 
B 2 59 THR 59 114 114 THR THR B . n 
B 2 60 CYS 60 115 115 CYS CYS B . n 
B 2 61 ASN 61 116 116 ASN ASN B . n 
B 2 62 PHE 62 117 117 PHE PHE B . n 
B 2 63 ALA 63 118 118 ALA ALA B . n 
B 2 64 GLY 64 119 119 GLY GLY B . n 
B 2 65 VAL 65 120 120 VAL VAL B . n 
B 2 66 GLY 66 121 121 GLY GLY B . n 
B 2 67 VAL 67 122 122 VAL VAL B . n 
B 2 68 CYS 68 123 123 CYS CYS B . n 
B 2 69 PRO 69 124 124 PRO PRO B . n 
B 2 70 PHE 70 125 125 PHE PHE B . n 
B 2 71 GLN 71 126 126 GLN GLN B . n 
B 2 72 ALA 72 127 127 ALA ALA B . n 
B 2 73 VAL 73 128 128 VAL VAL B . n 
B 2 74 PRO 74 129 129 PRO PRO B . n 
# 
loop_
_pdbx_nonpoly_scheme.asym_id 
_pdbx_nonpoly_scheme.entity_id 
_pdbx_nonpoly_scheme.mon_id 
_pdbx_nonpoly_scheme.ndb_seq_num 
_pdbx_nonpoly_scheme.pdb_seq_num 
_pdbx_nonpoly_scheme.auth_seq_num 
_pdbx_nonpoly_scheme.pdb_mon_id 
_pdbx_nonpoly_scheme.auth_mon_id 
_pdbx_nonpoly_scheme.pdb_strand_id 
_pdbx_nonpoly_scheme.pdb_ins_code 
C 3 SO4 1  101 102 SO4 SO4 A . 
D 4 NO3 1  102 103 NO3 NO3 A . 
E 5 ACY 1  103 104 ACY ACY A . 
F 6 LI  1  104 105 LI  LI  A . 
G 5 ACY 1  105 216 ACY ACY A . 
H 3 SO4 1  201 202 SO4 SO4 B . 
I 5 ACY 1  202 203 ACY ACY B . 
J 4 NO3 1  203 204 NO3 NO3 B . 
K 7 HOH 1  201 204 HOH HOH A . 
K 7 HOH 2  202 205 HOH HOH A . 
K 7 HOH 3  203 206 HOH HOH A . 
K 7 HOH 4  204 207 HOH HOH A . 
K 7 HOH 5  205 202 HOH HOH A . 
K 7 HOH 6  206 210 HOH HOH A . 
K 7 HOH 7  207 211 HOH HOH A . 
K 7 HOH 8  208 212 HOH HOH A . 
K 7 HOH 9  209 450 HOH HOH A . 
K 7 HOH 10 210 213 HOH HOH A . 
K 7 HOH 11 211 214 HOH HOH A . 
K 7 HOH 12 212 215 HOH HOH A . 
K 7 HOH 13 213 452 HOH HOH A . 
L 7 HOH 1  301 310 HOH HOH B . 
L 7 HOH 2  302 304 HOH HOH B . 
L 7 HOH 3  303 307 HOH HOH B . 
L 7 HOH 4  304 465 HOH HOH B . 
L 7 HOH 5  305 309 HOH HOH B . 
L 7 HOH 6  306 311 HOH HOH B . 
L 7 HOH 7  307 305 HOH HOH B . 
L 7 HOH 8  308 315 HOH HOH B . 
L 7 HOH 9  309 313 HOH HOH B . 
L 7 HOH 10 310 312 HOH HOH B . 
L 7 HOH 11 311 308 HOH HOH B . 
L 7 HOH 12 312 316 HOH HOH B . 
L 7 HOH 13 313 209 HOH HOH B . 
L 7 HOH 14 314 318 HOH HOH B . 
L 7 HOH 15 315 319 HOH HOH B . 
L 7 HOH 16 316 320 HOH HOH B . 
L 7 HOH 17 317 321 HOH HOH B . 
L 7 HOH 18 318 323 HOH HOH B . 
L 7 HOH 19 319 329 HOH HOH B . 
L 7 HOH 20 320 333 HOH HOH B . 
L 7 HOH 21 321 491 HOH HOH B . 
# 
loop_
_software.citation_id 
_software.classification 
_software.compiler_name 
_software.compiler_version 
_software.contact_author 
_software.contact_author_email 
_software.date 
_software.description 
_software.dependencies 
_software.hardware 
_software.language 
_software.location 
_software.mods 
_software.name 
_software.os 
_software.os_version 
_software.type 
_software.version 
_software.pdbx_ordinal 
? refinement       ? ? ? ? ? ? ? ? ? ? ? PHENIX    ? ? ? '(1.21.2_5419: ???)' 1 
? 'data reduction' ? ? ? ? ? ? ? ? ? ? ? XDS       ? ? ? .                    2 
? 'data scaling'   ? ? ? ? ? ? ? ? ? ? ? pointless ? ? ? .                    3 
? phasing          ? ? ? ? ? ? ? ? ? ? ? PHENIX    ? ? ? .                    4 
# 
_cell.angle_alpha                  90.00 
_cell.angle_alpha_esd              ? 
_cell.angle_beta                   90.00 
_cell.angle_beta_esd               ? 
_cell.angle_gamma                  90.00 
_cell.angle_gamma_esd              ? 
_cell.entry_id                     9LH0 
_cell.details                      ? 
_cell.formula_units_Z              ? 
_cell.length_a                     45.352 
_cell.length_a_esd                 ? 
_cell.length_b                     72.981 
_cell.length_b_esd                 ? 
_cell.length_c                     31.373 
_cell.length_c_esd                 ? 
_cell.volume                       ? 
_cell.volume_esd                   ? 
_cell.Z_PDB                        4 
_cell.reciprocal_angle_alpha       ? 
_cell.reciprocal_angle_beta        ? 
_cell.reciprocal_angle_gamma       ? 
_cell.reciprocal_angle_alpha_esd   ? 
_cell.reciprocal_angle_beta_esd    ? 
_cell.reciprocal_angle_gamma_esd   ? 
_cell.reciprocal_length_a          ? 
_cell.reciprocal_length_b          ? 
_cell.reciprocal_length_c          ? 
_cell.reciprocal_length_a_esd      ? 
_cell.reciprocal_length_b_esd      ? 
_cell.reciprocal_length_c_esd      ? 
_cell.pdbx_unique_axis             ? 
_cell.pdbx_esd_method              ? 
# 
_symmetry.entry_id                         9LH0 
_symmetry.cell_setting                     ? 
_symmetry.Int_Tables_number                18 
_symmetry.space_group_name_Hall            ? 
_symmetry.space_group_name_H-M             'P 21 21 2' 
_symmetry.pdbx_full_space_group_name_H-M   ? 
# 
_exptl.absorpt_coefficient_mu     ? 
_exptl.absorpt_correction_T_max   ? 
_exptl.absorpt_correction_T_min   ? 
_exptl.absorpt_correction_type    ? 
_exptl.absorpt_process_details    ? 
_exptl.entry_id                   9LH0 
_exptl.crystals_number            1 
_exptl.details                    ? 
_exptl.method                     'X-RAY DIFFRACTION' 
_exptl.method_details             ? 
# 
_exptl_crystal.colour                       ? 
_exptl_crystal.density_diffrn               ? 
_exptl_crystal.density_Matthews             2.32 
_exptl_crystal.density_method               ? 
_exptl_crystal.density_percent_sol          43.86 
_exptl_crystal.description                  ? 
_exptl_crystal.F_000                        ? 
_exptl_crystal.id                           1 
_exptl_crystal.preparation                  ? 
_exptl_crystal.size_max                     ? 
_exptl_crystal.size_mid                     ? 
_exptl_crystal.size_min                     ? 
_exptl_crystal.size_rad                     ? 
_exptl_crystal.colour_lustre                ? 
_exptl_crystal.colour_modifier              ? 
_exptl_crystal.colour_primary               ? 
_exptl_crystal.density_meas                 ? 
_exptl_crystal.density_meas_esd             ? 
_exptl_crystal.density_meas_gt              ? 
_exptl_crystal.density_meas_lt              ? 
_exptl_crystal.density_meas_temp            ? 
_exptl_crystal.density_meas_temp_esd        ? 
_exptl_crystal.density_meas_temp_gt         ? 
_exptl_crystal.density_meas_temp_lt         ? 
_exptl_crystal.pdbx_crystal_image_url       ? 
_exptl_crystal.pdbx_crystal_image_format    ? 
_exptl_crystal.pdbx_mosaicity               ? 
_exptl_crystal.pdbx_mosaicity_esd           ? 
_exptl_crystal.pdbx_mosaic_method           ? 
_exptl_crystal.pdbx_mosaic_block_size       ? 
_exptl_crystal.pdbx_mosaic_block_size_esd   ? 
# 
_exptl_crystal_grow.apparatus       ? 
_exptl_crystal_grow.atmosphere      ? 
_exptl_crystal_grow.crystal_id      1 
_exptl_crystal_grow.details         ? 
_exptl_crystal_grow.method          'VAPOR DIFFUSION, HANGING DROP' 
_exptl_crystal_grow.method_ref      ? 
_exptl_crystal_grow.pH              4.3 
_exptl_crystal_grow.pressure        ? 
_exptl_crystal_grow.pressure_esd    ? 
_exptl_crystal_grow.seeding         ? 
_exptl_crystal_grow.seeding_ref     ? 
_exptl_crystal_grow.temp_details    ? 
_exptl_crystal_grow.temp_esd        ? 
_exptl_crystal_grow.time            ? 
_exptl_crystal_grow.pdbx_details    
;2.2M Ammonium sulfate, 0.2M Sodium Nitrate or Ammonium nitrate/Lithium nitrate/Potasium nitrate 16-20mg Protein in 50mM Sodium acetate, 150mM Sodium Chloride, pH 4.3
;
_exptl_crystal_grow.pdbx_pH_range   ? 
_exptl_crystal_grow.temp            293 
# 
_diffrn.ambient_environment              ? 
_diffrn.ambient_temp                     100 
_diffrn.ambient_temp_details             ? 
_diffrn.ambient_temp_esd                 ? 
_diffrn.crystal_id                       1 
_diffrn.crystal_support                  ? 
_diffrn.crystal_treatment                ? 
_diffrn.details                          ? 
_diffrn.id                               1 
_diffrn.ambient_pressure                 ? 
_diffrn.ambient_pressure_esd             ? 
_diffrn.ambient_pressure_gt              ? 
_diffrn.ambient_pressure_lt              ? 
_diffrn.ambient_temp_gt                  ? 
_diffrn.ambient_temp_lt                  ? 
_diffrn.pdbx_serial_crystal_experiment   N 
# 
_diffrn_detector.details                      ? 
_diffrn_detector.detector                     PIXEL 
_diffrn_detector.diffrn_id                    1 
_diffrn_detector.type                         'DECTRIS EIGER2 X CdTe 16M' 
_diffrn_detector.area_resol_mean              ? 
_diffrn_detector.dtime                        ? 
_diffrn_detector.pdbx_frames_total            ? 
_diffrn_detector.pdbx_collection_time_total   ? 
_diffrn_detector.pdbx_collection_date         2024-07-22 
_diffrn_detector.pdbx_frequency               ? 
_diffrn_detector.id                           ? 
_diffrn_detector.number_of_axes               ? 
# 
_diffrn_radiation.collimation                      ? 
_diffrn_radiation.diffrn_id                        1 
_diffrn_radiation.filter_edge                      ? 
_diffrn_radiation.inhomogeneity                    ? 
_diffrn_radiation.monochromator                    'Si(111)' 
_diffrn_radiation.polarisn_norm                    ? 
_diffrn_radiation.polarisn_ratio                   ? 
_diffrn_radiation.probe                            ? 
_diffrn_radiation.type                             ? 
_diffrn_radiation.xray_symbol                      ? 
_diffrn_radiation.wavelength_id                    1 
_diffrn_radiation.pdbx_monochromatic_or_laue_m_l   M 
_diffrn_radiation.pdbx_wavelength_list             ? 
_diffrn_radiation.pdbx_wavelength                  ? 
_diffrn_radiation.pdbx_diffrn_protocol             'SINGLE WAVELENGTH' 
_diffrn_radiation.pdbx_analyzer                    ? 
_diffrn_radiation.pdbx_scattering_type             x-ray 
# 
_diffrn_radiation_wavelength.id           1 
_diffrn_radiation_wavelength.wavelength   0.6888 
_diffrn_radiation_wavelength.wt           1.0 
# 
_diffrn_source.current                     ? 
_diffrn_source.details                     ? 
_diffrn_source.diffrn_id                   1 
_diffrn_source.power                       ? 
_diffrn_source.size                        ? 
_diffrn_source.source                      SYNCHROTRON 
_diffrn_source.target                      ? 
_diffrn_source.type                        'PETRA III, EMBL c/o DESY BEAMLINE P14 (MX2)' 
_diffrn_source.voltage                     ? 
_diffrn_source.take-off_angle              ? 
_diffrn_source.pdbx_wavelength_list        0.6888 
_diffrn_source.pdbx_wavelength             ? 
_diffrn_source.pdbx_synchrotron_beamline   'P14 (MX2)' 
_diffrn_source.pdbx_synchrotron_site       'PETRA III, EMBL c/o DESY' 
# 
_reflns.B_iso_Wilson_estimate                          11.64 
_reflns.entry_id                                       9LH0 
_reflns.data_reduction_details                         ? 
_reflns.data_reduction_method                          ? 
_reflns.d_resolution_high                              0.91 
_reflns.d_resolution_low                               28.82 
_reflns.details                                        ? 
_reflns.limit_h_max                                    ? 
_reflns.limit_h_min                                    ? 
_reflns.limit_k_max                                    ? 
_reflns.limit_k_min                                    ? 
_reflns.limit_l_max                                    ? 
_reflns.limit_l_min                                    ? 
_reflns.number_all                                     ? 
_reflns.number_obs                                     76151 
_reflns.observed_criterion                             ? 
_reflns.observed_criterion_F_max                       ? 
_reflns.observed_criterion_F_min                       ? 
_reflns.observed_criterion_I_max                       ? 
_reflns.observed_criterion_I_min                       ? 
_reflns.observed_criterion_sigma_F                     ? 
_reflns.observed_criterion_sigma_I                     ? 
_reflns.percent_possible_obs                           99.90 
_reflns.R_free_details                                 ? 
_reflns.Rmerge_F_all                                   ? 
_reflns.Rmerge_F_obs                                   ? 
_reflns.Friedel_coverage                               ? 
_reflns.number_gt                                      ? 
_reflns.threshold_expression                           ? 
_reflns.pdbx_redundancy                                5.7 
_reflns.pdbx_netI_over_av_sigmaI                       9.39 
_reflns.pdbx_netI_over_sigmaI                          9.39 
_reflns.pdbx_res_netI_over_av_sigmaI_2                 ? 
_reflns.pdbx_res_netI_over_sigmaI_2                    ? 
_reflns.pdbx_chi_squared                               ? 
_reflns.pdbx_scaling_rejects                           ? 
_reflns.pdbx_d_res_high_opt                            ? 
_reflns.pdbx_d_res_low_opt                             ? 
_reflns.pdbx_d_res_opt_method                          ? 
_reflns.phase_calculation_details                      ? 
_reflns.pdbx_Rrim_I_all                                0.06 
_reflns.pdbx_Rpim_I_all                                0.026 
_reflns.pdbx_d_opt                                     ? 
_reflns.pdbx_number_measured_all                       ? 
_reflns.pdbx_diffrn_id                                 1 
_reflns.pdbx_ordinal                                   1 
_reflns.pdbx_CC_half                                   0.99 
_reflns.pdbx_CC_star                                   0.99 
_reflns.pdbx_R_split                                   ? 
_reflns.pdbx_Rmerge_I_obs                              0.06 
_reflns.pdbx_Rmerge_I_all                              ? 
_reflns.pdbx_Rsym_value                                ? 
_reflns.pdbx_CC_split_method                           ? 
_reflns.pdbx_aniso_diffraction_limit_axis_1_ortho[1]   ? 
_reflns.pdbx_aniso_diffraction_limit_axis_1_ortho[2]   ? 
_reflns.pdbx_aniso_diffraction_limit_axis_1_ortho[3]   ? 
_reflns.pdbx_aniso_diffraction_limit_axis_2_ortho[1]   ? 
_reflns.pdbx_aniso_diffraction_limit_axis_2_ortho[2]   ? 
_reflns.pdbx_aniso_diffraction_limit_axis_2_ortho[3]   ? 
_reflns.pdbx_aniso_diffraction_limit_axis_3_ortho[1]   ? 
_reflns.pdbx_aniso_diffraction_limit_axis_3_ortho[2]   ? 
_reflns.pdbx_aniso_diffraction_limit_axis_3_ortho[3]   ? 
_reflns.pdbx_aniso_diffraction_limit_1                 ? 
_reflns.pdbx_aniso_diffraction_limit_2                 ? 
_reflns.pdbx_aniso_diffraction_limit_3                 ? 
_reflns.pdbx_aniso_B_tensor_eigenvector_1_ortho[1]     ? 
_reflns.pdbx_aniso_B_tensor_eigenvector_1_ortho[2]     ? 
_reflns.pdbx_aniso_B_tensor_eigenvector_1_ortho[3]     ? 
_reflns.pdbx_aniso_B_tensor_eigenvector_2_ortho[1]     ? 
_reflns.pdbx_aniso_B_tensor_eigenvector_2_ortho[2]     ? 
_reflns.pdbx_aniso_B_tensor_eigenvector_2_ortho[3]     ? 
_reflns.pdbx_aniso_B_tensor_eigenvector_3_ortho[1]     ? 
_reflns.pdbx_aniso_B_tensor_eigenvector_3_ortho[2]     ? 
_reflns.pdbx_aniso_B_tensor_eigenvector_3_ortho[3]     ? 
_reflns.pdbx_aniso_B_tensor_eigenvalue_1               ? 
_reflns.pdbx_aniso_B_tensor_eigenvalue_2               ? 
_reflns.pdbx_aniso_B_tensor_eigenvalue_3               ? 
_reflns.pdbx_orthogonalization_convention              ? 
_reflns.pdbx_percent_possible_ellipsoidal              ? 
_reflns.pdbx_percent_possible_spherical                ? 
_reflns.pdbx_percent_possible_ellipsoidal_anomalous    ? 
_reflns.pdbx_percent_possible_spherical_anomalous      ? 
_reflns.pdbx_redundancy_anomalous                      ? 
_reflns.pdbx_CC_half_anomalous                         ? 
_reflns.pdbx_absDiff_over_sigma_anomalous              ? 
_reflns.pdbx_percent_possible_anomalous                ? 
_reflns.pdbx_observed_signal_threshold                 ? 
_reflns.pdbx_signal_type                               ? 
_reflns.pdbx_signal_details                            ? 
_reflns.pdbx_signal_software_id                        ? 
# 
_reflns_shell.d_res_high                                    0.91 
_reflns_shell.d_res_low                                     0.92 
_reflns_shell.meanI_over_sigI_all                           ? 
_reflns_shell.meanI_over_sigI_obs                           9.39 
_reflns_shell.number_measured_all                           ? 
_reflns_shell.number_measured_obs                           ? 
_reflns_shell.number_possible                               ? 
_reflns_shell.number_unique_all                             ? 
_reflns_shell.number_unique_obs                             555 
_reflns_shell.percent_possible_obs                          ? 
_reflns_shell.Rmerge_F_all                                  ? 
_reflns_shell.Rmerge_F_obs                                  ? 
_reflns_shell.meanI_over_sigI_gt                            ? 
_reflns_shell.meanI_over_uI_all                             ? 
_reflns_shell.meanI_over_uI_gt                              ? 
_reflns_shell.number_measured_gt                            ? 
_reflns_shell.number_unique_gt                              ? 
_reflns_shell.percent_possible_gt                           ? 
_reflns_shell.Rmerge_F_gt                                   ? 
_reflns_shell.Rmerge_I_gt                                   ? 
_reflns_shell.pdbx_redundancy                               1.9 
_reflns_shell.pdbx_chi_squared                              ? 
_reflns_shell.pdbx_netI_over_sigmaI_all                     ? 
_reflns_shell.pdbx_netI_over_sigmaI_obs                     ? 
_reflns_shell.pdbx_Rrim_I_all                               0.06 
_reflns_shell.pdbx_Rpim_I_all                               0.019 
_reflns_shell.pdbx_rejects                                  ? 
_reflns_shell.pdbx_ordinal                                  1 
_reflns_shell.pdbx_diffrn_id                                1 
_reflns_shell.pdbx_CC_half                                  0.012 
_reflns_shell.pdbx_CC_star                                  0.16 
_reflns_shell.pdbx_R_split                                  ? 
_reflns_shell.percent_possible_all                          99.9 
_reflns_shell.Rmerge_I_all                                  ? 
_reflns_shell.Rmerge_I_obs                                  0.06 
_reflns_shell.pdbx_Rsym_value                               ? 
_reflns_shell.pdbx_percent_possible_ellipsoidal             ? 
_reflns_shell.pdbx_percent_possible_spherical               ? 
_reflns_shell.pdbx_percent_possible_ellipsoidal_anomalous   ? 
_reflns_shell.pdbx_percent_possible_spherical_anomalous     ? 
_reflns_shell.pdbx_redundancy_anomalous                     ? 
_reflns_shell.pdbx_CC_half_anomalous                        ? 
_reflns_shell.pdbx_absDiff_over_sigma_anomalous             ? 
_reflns_shell.pdbx_percent_possible_anomalous               ? 
# 
_refine.aniso_B[1][1]                            ? 
_refine.aniso_B[1][2]                            ? 
_refine.aniso_B[1][3]                            ? 
_refine.aniso_B[2][2]                            ? 
_refine.aniso_B[2][3]                            ? 
_refine.aniso_B[3][3]                            ? 
_refine.B_iso_max                                ? 
_refine.B_iso_mean                               ? 
_refine.B_iso_min                                ? 
_refine.correlation_coeff_Fo_to_Fc               ? 
_refine.correlation_coeff_Fo_to_Fc_free          ? 
_refine.details                                  ? 
_refine.diff_density_max                         ? 
_refine.diff_density_max_esd                     ? 
_refine.diff_density_min                         ? 
_refine.diff_density_min_esd                     ? 
_refine.diff_density_rms                         ? 
_refine.diff_density_rms_esd                     ? 
_refine.entry_id                                 9LH0 
_refine.pdbx_refine_id                           'X-RAY DIFFRACTION' 
_refine.ls_abs_structure_details                 ? 
_refine.ls_abs_structure_Flack                   ? 
_refine.ls_abs_structure_Flack_esd               ? 
_refine.ls_abs_structure_Rogers                  ? 
_refine.ls_abs_structure_Rogers_esd              ? 
_refine.ls_d_res_high                            0.91 
_refine.ls_d_res_low                             28.82 
_refine.ls_extinction_coef                       ? 
_refine.ls_extinction_coef_esd                   ? 
_refine.ls_extinction_expression                 ? 
_refine.ls_extinction_method                     ? 
_refine.ls_goodness_of_fit_all                   ? 
_refine.ls_goodness_of_fit_all_esd               ? 
_refine.ls_goodness_of_fit_obs                   ? 
_refine.ls_goodness_of_fit_obs_esd               ? 
_refine.ls_hydrogen_treatment                    ? 
_refine.ls_matrix_type                           ? 
_refine.ls_number_constraints                    ? 
_refine.ls_number_parameters                     ? 
_refine.ls_number_reflns_all                     ? 
_refine.ls_number_reflns_obs                     76084 
_refine.ls_number_reflns_R_free                  3828 
_refine.ls_number_reflns_R_work                  ? 
_refine.ls_number_restraints                     ? 
_refine.ls_percent_reflns_obs                    99.82 
_refine.ls_percent_reflns_R_free                 5.03 
_refine.ls_R_factor_all                          ? 
_refine.ls_R_factor_obs                          0.1768 
_refine.ls_R_factor_R_free                       0.1861 
_refine.ls_R_factor_R_free_error                 ? 
_refine.ls_R_factor_R_free_error_details         ? 
_refine.ls_R_factor_R_work                       0.1763 
_refine.ls_R_Fsqd_factor_obs                     ? 
_refine.ls_R_I_factor_obs                        ? 
_refine.ls_redundancy_reflns_all                 ? 
_refine.ls_redundancy_reflns_obs                 ? 
_refine.ls_restrained_S_all                      ? 
_refine.ls_restrained_S_obs                      ? 
_refine.ls_shift_over_esd_max                    ? 
_refine.ls_shift_over_esd_mean                   ? 
_refine.ls_structure_factor_coef                 ? 
_refine.ls_weighting_details                     ? 
_refine.ls_weighting_scheme                      ? 
_refine.ls_wR_factor_all                         ? 
_refine.ls_wR_factor_obs                         ? 
_refine.ls_wR_factor_R_free                      ? 
_refine.ls_wR_factor_R_work                      ? 
_refine.occupancy_max                            ? 
_refine.occupancy_min                            ? 
_refine.solvent_model_details                    'FLAT BULK SOLVENT MODEL' 
_refine.solvent_model_param_bsol                 ? 
_refine.solvent_model_param_ksol                 ? 
_refine.pdbx_R_complete                          ? 
_refine.ls_R_factor_gt                           ? 
_refine.ls_goodness_of_fit_gt                    ? 
_refine.ls_goodness_of_fit_ref                   ? 
_refine.ls_shift_over_su_max                     ? 
_refine.ls_shift_over_su_max_lt                  ? 
_refine.ls_shift_over_su_mean                    ? 
_refine.ls_shift_over_su_mean_lt                 ? 
_refine.pdbx_ls_sigma_I                          ? 
_refine.pdbx_ls_sigma_F                          1.34 
_refine.pdbx_ls_sigma_Fsqd                       ? 
_refine.pdbx_data_cutoff_high_absF               ? 
_refine.pdbx_data_cutoff_high_rms_absF           ? 
_refine.pdbx_data_cutoff_low_absF                ? 
_refine.pdbx_isotropic_thermal_model             ? 
_refine.pdbx_ls_cross_valid_method               'FREE R-VALUE' 
_refine.pdbx_method_to_determine_struct          'MOLECULAR REPLACEMENT' 
_refine.pdbx_starting_model                      ? 
_refine.pdbx_stereochemistry_target_values       ML 
_refine.pdbx_R_Free_selection_details            ? 
_refine.pdbx_stereochem_target_val_spec_case     ? 
_refine.pdbx_overall_ESU_R                       ? 
_refine.pdbx_overall_ESU_R_Free                  ? 
_refine.pdbx_solvent_vdw_probe_radii             1.10 
_refine.pdbx_solvent_ion_probe_radii             ? 
_refine.pdbx_solvent_shrinkage_radii             0.90 
_refine.pdbx_real_space_R                        ? 
_refine.pdbx_density_correlation                 ? 
_refine.pdbx_pd_number_of_powder_patterns        ? 
_refine.pdbx_pd_number_of_points                 ? 
_refine.pdbx_pd_meas_number_of_points            ? 
_refine.pdbx_pd_proc_ls_prof_R_factor            ? 
_refine.pdbx_pd_proc_ls_prof_wR_factor           ? 
_refine.pdbx_pd_Marquardt_correlation_coeff      ? 
_refine.pdbx_pd_Fsqrd_R_factor                   ? 
_refine.pdbx_pd_ls_matrix_band_width             ? 
_refine.pdbx_overall_phase_error                 17.74 
_refine.pdbx_overall_SU_R_free_Cruickshank_DPI   ? 
_refine.pdbx_overall_SU_R_free_Blow_DPI          ? 
_refine.pdbx_overall_SU_R_Blow_DPI               ? 
_refine.pdbx_TLS_residual_ADP_flag               ? 
_refine.pdbx_diffrn_id                           1 
_refine.overall_SU_B                             ? 
_refine.overall_SU_ML                            0.09 
_refine.overall_SU_R_Cruickshank_DPI             ? 
_refine.overall_SU_R_free                        ? 
_refine.overall_FOM_free_R_set                   ? 
_refine.overall_FOM_work_R_set                   ? 
_refine.pdbx_average_fsc_overall                 ? 
_refine.pdbx_average_fsc_work                    ? 
_refine.pdbx_average_fsc_free                    ? 
# 
_refine_hist.pdbx_refine_id                   'X-RAY DIFFRACTION' 
_refine_hist.cycle_id                         LAST 
_refine_hist.details                          ? 
_refine_hist.d_res_high                       0.91 
_refine_hist.d_res_low                        28.82 
_refine_hist.number_atoms_solvent             34 
_refine_hist.number_atoms_total               898 
_refine_hist.number_reflns_all                ? 
_refine_hist.number_reflns_obs                ? 
_refine_hist.number_reflns_R_free             ? 
_refine_hist.number_reflns_R_work             ? 
_refine_hist.R_factor_all                     ? 
_refine_hist.R_factor_obs                     ? 
_refine_hist.R_factor_R_free                  ? 
_refine_hist.R_factor_R_work                  ? 
_refine_hist.pdbx_number_residues_total       ? 
_refine_hist.pdbx_B_iso_mean_ligand           ? 
_refine_hist.pdbx_B_iso_mean_solvent          ? 
_refine_hist.pdbx_number_atoms_protein        833 
_refine_hist.pdbx_number_atoms_nucleic_acid   0 
_refine_hist.pdbx_number_atoms_ligand         31 
_refine_hist.pdbx_number_atoms_lipid          ? 
_refine_hist.pdbx_number_atoms_carb           ? 
_refine_hist.pdbx_pseudo_atom_details         ? 
# 
loop_
_refine_ls_restr.pdbx_refine_id 
_refine_ls_restr.criterion 
_refine_ls_restr.dev_ideal 
_refine_ls_restr.dev_ideal_target 
_refine_ls_restr.number 
_refine_ls_restr.rejects 
_refine_ls_restr.type 
_refine_ls_restr.weight 
_refine_ls_restr.pdbx_restraint_function 
'X-RAY DIFFRACTION' ? 0.005  ? ?   ? f_bond_d           ? ? 
'X-RAY DIFFRACTION' ? 0.763  ? ?   ? f_angle_d          ? ? 
'X-RAY DIFFRACTION' ? 13.975 ? 335 ? f_dihedral_angle_d ? ? 
'X-RAY DIFFRACTION' ? 0.084  ? 129 ? f_chiral_restr     ? ? 
'X-RAY DIFFRACTION' ? 0.010  ? 163 ? f_plane_restr      ? ? 
# 
loop_
_refine_ls_shell.pdbx_refine_id 
_refine_ls_shell.d_res_high 
_refine_ls_shell.d_res_low 
_refine_ls_shell.number_reflns_all 
_refine_ls_shell.number_reflns_obs 
_refine_ls_shell.number_reflns_R_free 
_refine_ls_shell.number_reflns_R_work 
_refine_ls_shell.percent_reflns_obs 
_refine_ls_shell.percent_reflns_R_free 
_refine_ls_shell.R_factor_all 
_refine_ls_shell.R_factor_obs 
_refine_ls_shell.R_factor_R_free_error 
_refine_ls_shell.R_factor_R_work 
_refine_ls_shell.redundancy_reflns_all 
_refine_ls_shell.redundancy_reflns_obs 
_refine_ls_shell.wR_factor_all 
_refine_ls_shell.wR_factor_obs 
_refine_ls_shell.wR_factor_R_free 
_refine_ls_shell.wR_factor_R_work 
_refine_ls_shell.pdbx_R_complete 
_refine_ls_shell.pdbx_total_number_of_bins_used 
_refine_ls_shell.pdbx_phase_error 
_refine_ls_shell.pdbx_fsc_work 
_refine_ls_shell.pdbx_fsc_free 
_refine_ls_shell.R_factor_R_free 
'X-RAY DIFFRACTION' 0.91 0.92 . . 142 2619 99.00  . . . . 0.2468 . . . . . . . . . . . 0.2791 
'X-RAY DIFFRACTION' 0.92 0.93 . . 134 2638 100.00 . . . . 0.2263 . . . . . . . . . . . 0.2391 
'X-RAY DIFFRACTION' 0.93 0.94 . . 154 2638 100.00 . . . . 0.2080 . . . . . . . . . . . 0.2217 
'X-RAY DIFFRACTION' 0.94 0.96 . . 151 2623 100.00 . . . . 0.1909 . . . . . . . . . . . 0.2016 
'X-RAY DIFFRACTION' 0.96 0.97 . . 134 2630 100.00 . . . . 0.1788 . . . . . . . . . . . 0.2201 
'X-RAY DIFFRACTION' 0.97 0.99 . . 120 2696 100.00 . . . . 0.1744 . . . . . . . . . . . 0.1797 
'X-RAY DIFFRACTION' 0.99 1.00 . . 137 2632 100.00 . . . . 0.1676 . . . . . . . . . . . 0.1804 
'X-RAY DIFFRACTION' 1.00 1.02 . . 134 2658 100.00 . . . . 0.1503 . . . . . . . . . . . 0.1582 
'X-RAY DIFFRACTION' 1.02 1.04 . . 128 2632 100.00 . . . . 0.1481 . . . . . . . . . . . 0.1522 
'X-RAY DIFFRACTION' 1.04 1.06 . . 144 2677 100.00 . . . . 0.1463 . . . . . . . . . . . 0.1695 
'X-RAY DIFFRACTION' 1.06 1.08 . . 144 2646 100.00 . . . . 0.1528 . . . . . . . . . . . 0.1703 
'X-RAY DIFFRACTION' 1.08 1.10 . . 145 2646 100.00 . . . . 0.1512 . . . . . . . . . . . 0.1774 
'X-RAY DIFFRACTION' 1.10 1.13 . . 148 2655 100.00 . . . . .      . . . . . . . . . . . 0.1248 
'X-RAY DIFFRACTION' 1.13 1.16 . . 155 2652 100.00 . . . . 0.1346 . . . . . . . . . . . 0.1483 
'X-RAY DIFFRACTION' 1.16 1.19 . . 149 2638 100.00 . . . . 0.1353 . . . . . . . . . . . 0.1353 
'X-RAY DIFFRACTION' 1.19 1.22 . . 148 2659 100.00 . . . . 0.1398 . . . . . . . . . . . 0.1685 
'X-RAY DIFFRACTION' 1.22 1.26 . . 147 2663 100.00 . . . . .      . . . . . . . . . . . 0.1369 
'X-RAY DIFFRACTION' 1.26 1.31 . . 136 2684 100.00 . . . . 0.1396 . . . . . . . . . . . 0.1493 
'X-RAY DIFFRACTION' 1.31 1.36 . . 140 2662 100.00 . . . . 0.1450 . . . . . . . . . . . 0.1497 
'X-RAY DIFFRACTION' 1.36 1.42 . . 142 2686 100.00 . . . . 0.1384 . . . . . . . . . . . 0.1387 
'X-RAY DIFFRACTION' 1.42 1.50 . . 126 2722 100.00 . . . . 0.1489 . . . . . . . . . . . 0.1578 
'X-RAY DIFFRACTION' 1.50 1.59 . . 133 2689 100.00 . . . . 0.1492 . . . . . . . . . . . 0.1795 
'X-RAY DIFFRACTION' 1.59 1.71 . . 128 2720 100.00 . . . . 0.1569 . . . . . . . . . . . 0.1832 
'X-RAY DIFFRACTION' 1.71 1.89 . . 153 2715 100.00 . . . . 0.1792 . . . . . . . . . . . 0.2127 
'X-RAY DIFFRACTION' 1.89 2.16 . . 132 2738 100.00 . . . . 0.1839 . . . . . . . . . . . 0.2123 
'X-RAY DIFFRACTION' 2.16 2.72 . . 154 2763 100.00 . . . . 0.1952 . . . . . . . . . . . 0.2084 
'X-RAY DIFFRACTION' 2.72 8.8  . . 170 2875 99.00  . . . . .      . . . . . . . . . . . 0.1914 
# 
_struct.entry_id                     9LH0 
_struct.title                        
'High-resolution crystal structure of an isoform of Chitin Binding Protein from Iberis umbellata L.' 
_struct.pdbx_model_details           ? 
_struct.pdbx_formula_weight          ? 
_struct.pdbx_formula_weight_method   ? 
_struct.pdbx_model_type_details      ? 
_struct.pdbx_CASP_flag               N 
# 
_struct_keywords.entry_id        9LH0 
_struct_keywords.text            'Isoform, Chitin Binding Protein, Iberis, Candytuft, PLANT PROTEIN' 
_struct_keywords.pdbx_keywords   'PLANT PROTEIN' 
# 
loop_
_struct_asym.id 
_struct_asym.pdbx_blank_PDB_chainid_flag 
_struct_asym.pdbx_modified 
_struct_asym.entity_id 
_struct_asym.details 
A N N 1 ? 
B N N 2 ? 
C N N 3 ? 
D N N 4 ? 
E N N 5 ? 
F N N 6 ? 
G N N 5 ? 
H N N 3 ? 
I N N 5 ? 
J N N 4 ? 
K N N 7 ? 
L N N 7 ? 
# 
loop_
_struct_ref.id 
_struct_ref.db_name 
_struct_ref.db_code 
_struct_ref.pdbx_db_accession 
_struct_ref.pdbx_db_isoform 
_struct_ref.entity_id 
_struct_ref.pdbx_seq_one_letter_code 
_struct_ref.pdbx_align_begin 
1 PDB 9LH0 9LH0 ? 1 ? 1 
2 PDB 9LH0 9LH0 ? 2 ? 1 
# 
loop_
_struct_ref_seq.align_id 
_struct_ref_seq.ref_id 
_struct_ref_seq.pdbx_PDB_id_code 
_struct_ref_seq.pdbx_strand_id 
_struct_ref_seq.seq_align_beg 
_struct_ref_seq.pdbx_seq_align_beg_ins_code 
_struct_ref_seq.seq_align_end 
_struct_ref_seq.pdbx_seq_align_end_ins_code 
_struct_ref_seq.pdbx_db_accession 
_struct_ref_seq.db_align_beg 
_struct_ref_seq.pdbx_db_align_beg_ins_code 
_struct_ref_seq.db_align_end 
_struct_ref_seq.pdbx_db_align_end_ins_code 
_struct_ref_seq.pdbx_auth_seq_align_beg 
_struct_ref_seq.pdbx_auth_seq_align_end 
1 1 9LH0 A 1 ? 35 ? 9LH0 1  ? 35  ? 1  35  
2 2 9LH0 B 1 ? 74 ? 9LH0 56 ? 129 ? 56 129 
# 
_pdbx_struct_assembly.id                   1 
_pdbx_struct_assembly.details              author_and_software_defined_assembly 
_pdbx_struct_assembly.method_details       PISA 
_pdbx_struct_assembly.oligomeric_details   dimeric 
_pdbx_struct_assembly.oligomeric_count     2 
# 
loop_
_pdbx_struct_assembly_prop.biol_id 
_pdbx_struct_assembly_prop.type 
_pdbx_struct_assembly_prop.value 
_pdbx_struct_assembly_prop.details 
1 'ABSA (A^2)' 3040 ? 
1 MORE         -42  ? 
1 'SSA (A^2)'  6840 ? 
# 
_pdbx_struct_assembly_gen.assembly_id       1 
_pdbx_struct_assembly_gen.oper_expression   1 
_pdbx_struct_assembly_gen.asym_id_list      A,B,C,D,E,F,G,H,I,J,K,L 
# 
_pdbx_struct_assembly_auth_evidence.id                     1 
_pdbx_struct_assembly_auth_evidence.assembly_id            1 
_pdbx_struct_assembly_auth_evidence.experimental_support   none 
_pdbx_struct_assembly_auth_evidence.details                ? 
# 
_pdbx_struct_oper_list.id                   1 
_pdbx_struct_oper_list.type                 'identity operation' 
_pdbx_struct_oper_list.name                 1_555 
_pdbx_struct_oper_list.symmetry_operation   x,y,z 
_pdbx_struct_oper_list.matrix[1][1]         1.0000000000 
_pdbx_struct_oper_list.matrix[1][2]         0.0000000000 
_pdbx_struct_oper_list.matrix[1][3]         0.0000000000 
_pdbx_struct_oper_list.vector[1]            0.0000000000 
_pdbx_struct_oper_list.matrix[2][1]         0.0000000000 
_pdbx_struct_oper_list.matrix[2][2]         1.0000000000 
_pdbx_struct_oper_list.matrix[2][3]         0.0000000000 
_pdbx_struct_oper_list.vector[2]            0.0000000000 
_pdbx_struct_oper_list.matrix[3][1]         0.0000000000 
_pdbx_struct_oper_list.matrix[3][2]         0.0000000000 
_pdbx_struct_oper_list.matrix[3][3]         1.0000000000 
_pdbx_struct_oper_list.vector[3]            0.0000000000 
# 
loop_
_struct_conf.conf_type_id 
_struct_conf.id 
_struct_conf.pdbx_PDB_helix_id 
_struct_conf.beg_label_comp_id 
_struct_conf.beg_label_asym_id 
_struct_conf.beg_label_seq_id 
_struct_conf.pdbx_beg_PDB_ins_code 
_struct_conf.end_label_comp_id 
_struct_conf.end_label_asym_id 
_struct_conf.end_label_seq_id 
_struct_conf.pdbx_end_PDB_ins_code 
_struct_conf.beg_auth_comp_id 
_struct_conf.beg_auth_asym_id 
_struct_conf.beg_auth_seq_id 
_struct_conf.end_auth_comp_id 
_struct_conf.end_auth_asym_id 
_struct_conf.end_auth_seq_id 
_struct_conf.pdbx_PDB_helix_class 
_struct_conf.details 
_struct_conf.pdbx_PDB_helix_length 
HELX_P HELX_P1 AA1 LYS A 9  ? ALA A 17 ? LYS A 9  ALA A 17  1 ? 9  
HELX_P HELX_P2 AA2 LEU A 20 ? THR A 32 ? LEU A 20 THR A 32  1 ? 13 
HELX_P HELX_P3 AA3 PRO B 5  ? HIS B 16 ? PRO B 60 HIS B 71  1 ? 12 
HELX_P HELX_P4 AA4 ASN B 19 ? GLN B 38 ? ASN B 74 GLN B 93  1 ? 20 
HELX_P HELX_P5 AA5 ALA B 42 ? CYS B 60 ? ALA B 97 CYS B 115 1 ? 19 
# 
_struct_conf_type.id          HELX_P 
_struct_conf_type.criteria    ? 
_struct_conf_type.reference   ? 
# 
loop_
_struct_conn.id 
_struct_conn.conn_type_id 
_struct_conn.pdbx_leaving_atom_flag 
_struct_conn.pdbx_PDB_id 
_struct_conn.ptnr1_label_asym_id 
_struct_conn.ptnr1_label_comp_id 
_struct_conn.ptnr1_label_seq_id 
_struct_conn.ptnr1_label_atom_id 
_struct_conn.pdbx_ptnr1_label_alt_id 
_struct_conn.pdbx_ptnr1_PDB_ins_code 
_struct_conn.pdbx_ptnr1_standard_comp_id 
_struct_conn.ptnr1_symmetry 
_struct_conn.ptnr2_label_asym_id 
_struct_conn.ptnr2_label_comp_id 
_struct_conn.ptnr2_label_seq_id 
_struct_conn.ptnr2_label_atom_id 
_struct_conn.pdbx_ptnr2_label_alt_id 
_struct_conn.pdbx_ptnr2_PDB_ins_code 
_struct_conn.ptnr1_auth_asym_id 
_struct_conn.ptnr1_auth_comp_id 
_struct_conn.ptnr1_auth_seq_id 
_struct_conn.ptnr2_auth_asym_id 
_struct_conn.ptnr2_auth_comp_id 
_struct_conn.ptnr2_auth_seq_id 
_struct_conn.ptnr2_symmetry 
_struct_conn.pdbx_ptnr3_label_atom_id 
_struct_conn.pdbx_ptnr3_label_seq_id 
_struct_conn.pdbx_ptnr3_label_comp_id 
_struct_conn.pdbx_ptnr3_label_asym_id 
_struct_conn.pdbx_ptnr3_label_alt_id 
_struct_conn.pdbx_ptnr3_PDB_ins_code 
_struct_conn.details 
_struct_conn.pdbx_dist_value 
_struct_conn.pdbx_value_order 
_struct_conn.pdbx_role 
disulf1 disulf ? ? A CYS 10 SG ? ? ? 1_555 B CYS 22 SG ? ? A CYS 10 B CYS 77  1_555 ? ? ? ? ? ? ? 2.030 ? ? 
disulf2 disulf ? ? A CYS 23 SG ? ? ? 1_555 B CYS 11 SG ? ? A CYS 23 B CYS 66  1_555 ? ? ? ? ? ? ? 2.045 ? ? 
disulf3 disulf ? ? B CYS 12 SG ? ? ? 1_555 B CYS 60 SG ? ? B CYS 67 B CYS 115 1_555 ? ? ? ? ? ? ? 2.018 ? ? 
disulf4 disulf ? ? B CYS 24 SG ? ? ? 1_555 B CYS 68 SG ? ? B CYS 79 B CYS 123 1_555 ? ? ? ? ? ? ? 2.040 ? ? 
# 
_struct_conn_type.id          disulf 
_struct_conn_type.criteria    ? 
_struct_conn_type.reference   ? 
# 
loop_
_pdbx_modification_feature.ordinal 
_pdbx_modification_feature.label_comp_id 
_pdbx_modification_feature.label_asym_id 
_pdbx_modification_feature.label_seq_id 
_pdbx_modification_feature.label_alt_id 
_pdbx_modification_feature.modified_residue_label_comp_id 
_pdbx_modification_feature.modified_residue_label_asym_id 
_pdbx_modification_feature.modified_residue_label_seq_id 
_pdbx_modification_feature.modified_residue_label_alt_id 
_pdbx_modification_feature.auth_comp_id 
_pdbx_modification_feature.auth_asym_id 
_pdbx_modification_feature.auth_seq_id 
_pdbx_modification_feature.PDB_ins_code 
_pdbx_modification_feature.symmetry 
_pdbx_modification_feature.modified_residue_auth_comp_id 
_pdbx_modification_feature.modified_residue_auth_asym_id 
_pdbx_modification_feature.modified_residue_auth_seq_id 
_pdbx_modification_feature.modified_residue_PDB_ins_code 
_pdbx_modification_feature.modified_residue_symmetry 
_pdbx_modification_feature.comp_id_linking_atom 
_pdbx_modification_feature.modified_residue_id_linking_atom 
_pdbx_modification_feature.modified_residue_id 
_pdbx_modification_feature.ref_pcm_id 
_pdbx_modification_feature.ref_comp_id 
_pdbx_modification_feature.type 
_pdbx_modification_feature.category 
1 CYS A 10 ? CYS B 22 ? CYS A 10 ? 1_555 CYS B 77  ? 1_555 SG SG . . . None 'Disulfide bridge' 
2 CYS A 23 ? CYS B 11 ? CYS A 23 ? 1_555 CYS B 66  ? 1_555 SG SG . . . None 'Disulfide bridge' 
3 CYS B 12 ? CYS B 60 ? CYS B 67 ? 1_555 CYS B 115 ? 1_555 SG SG . . . None 'Disulfide bridge' 
4 CYS B 24 ? CYS B 68 ? CYS B 79 ? 1_555 CYS B 123 ? 1_555 SG SG . . . None 'Disulfide bridge' 
# 
_pdbx_entry_details.entry_id                   9LH0 
_pdbx_entry_details.nonpolymer_details         ? 
_pdbx_entry_details.sequence_details           ? 
_pdbx_entry_details.compound_details           ? 
_pdbx_entry_details.source_details             ? 
_pdbx_entry_details.has_ligand_of_interest     N 
_pdbx_entry_details.has_protein_modification   Y 
# 
loop_
_chem_comp_atom.comp_id 
_chem_comp_atom.atom_id 
_chem_comp_atom.type_symbol 
_chem_comp_atom.pdbx_aromatic_flag 
_chem_comp_atom.pdbx_stereo_config 
_chem_comp_atom.pdbx_ordinal 
ACY C    C  N N 1   
ACY O    O  N N 2   
ACY OXT  O  N N 3   
ACY CH3  C  N N 4   
ACY HXT  H  N N 5   
ACY H1   H  N N 6   
ACY H2   H  N N 7   
ACY H3   H  N N 8   
ALA N    N  N N 9   
ALA CA   C  N S 10  
ALA C    C  N N 11  
ALA O    O  N N 12  
ALA CB   C  N N 13  
ALA OXT  O  N N 14  
ALA H    H  N N 15  
ALA H2   H  N N 16  
ALA HA   H  N N 17  
ALA HB1  H  N N 18  
ALA HB2  H  N N 19  
ALA HB3  H  N N 20  
ALA HXT  H  N N 21  
ARG N    N  N N 22  
ARG CA   C  N S 23  
ARG C    C  N N 24  
ARG O    O  N N 25  
ARG CB   C  N N 26  
ARG CG   C  N N 27  
ARG CD   C  N N 28  
ARG NE   N  N N 29  
ARG CZ   C  N N 30  
ARG NH1  N  N N 31  
ARG NH2  N  N N 32  
ARG OXT  O  N N 33  
ARG H    H  N N 34  
ARG H2   H  N N 35  
ARG HA   H  N N 36  
ARG HB2  H  N N 37  
ARG HB3  H  N N 38  
ARG HG2  H  N N 39  
ARG HG3  H  N N 40  
ARG HD2  H  N N 41  
ARG HD3  H  N N 42  
ARG HE   H  N N 43  
ARG HH11 H  N N 44  
ARG HH12 H  N N 45  
ARG HH21 H  N N 46  
ARG HH22 H  N N 47  
ARG HXT  H  N N 48  
ASN N    N  N N 49  
ASN CA   C  N S 50  
ASN C    C  N N 51  
ASN O    O  N N 52  
ASN CB   C  N N 53  
ASN CG   C  N N 54  
ASN OD1  O  N N 55  
ASN ND2  N  N N 56  
ASN OXT  O  N N 57  
ASN H    H  N N 58  
ASN H2   H  N N 59  
ASN HA   H  N N 60  
ASN HB2  H  N N 61  
ASN HB3  H  N N 62  
ASN HD21 H  N N 63  
ASN HD22 H  N N 64  
ASN HXT  H  N N 65  
CYS N    N  N N 66  
CYS CA   C  N R 67  
CYS C    C  N N 68  
CYS O    O  N N 69  
CYS CB   C  N N 70  
CYS SG   S  N N 71  
CYS OXT  O  N N 72  
CYS H    H  N N 73  
CYS H2   H  N N 74  
CYS HA   H  N N 75  
CYS HB2  H  N N 76  
CYS HB3  H  N N 77  
CYS HG   H  N N 78  
CYS HXT  H  N N 79  
GLN N    N  N N 80  
GLN CA   C  N S 81  
GLN C    C  N N 82  
GLN O    O  N N 83  
GLN CB   C  N N 84  
GLN CG   C  N N 85  
GLN CD   C  N N 86  
GLN OE1  O  N N 87  
GLN NE2  N  N N 88  
GLN OXT  O  N N 89  
GLN H    H  N N 90  
GLN H2   H  N N 91  
GLN HA   H  N N 92  
GLN HB2  H  N N 93  
GLN HB3  H  N N 94  
GLN HG2  H  N N 95  
GLN HG3  H  N N 96  
GLN HE21 H  N N 97  
GLN HE22 H  N N 98  
GLN HXT  H  N N 99  
GLU N    N  N N 100 
GLU CA   C  N S 101 
GLU C    C  N N 102 
GLU O    O  N N 103 
GLU CB   C  N N 104 
GLU CG   C  N N 105 
GLU CD   C  N N 106 
GLU OE1  O  N N 107 
GLU OE2  O  N N 108 
GLU OXT  O  N N 109 
GLU H    H  N N 110 
GLU H2   H  N N 111 
GLU HA   H  N N 112 
GLU HB2  H  N N 113 
GLU HB3  H  N N 114 
GLU HG2  H  N N 115 
GLU HG3  H  N N 116 
GLU HE2  H  N N 117 
GLU HXT  H  N N 118 
GLY N    N  N N 119 
GLY CA   C  N N 120 
GLY C    C  N N 121 
GLY O    O  N N 122 
GLY OXT  O  N N 123 
GLY H    H  N N 124 
GLY H2   H  N N 125 
GLY HA2  H  N N 126 
GLY HA3  H  N N 127 
GLY HXT  H  N N 128 
HIS N    N  N N 129 
HIS CA   C  N S 130 
HIS C    C  N N 131 
HIS O    O  N N 132 
HIS CB   C  N N 133 
HIS CG   C  Y N 134 
HIS ND1  N  Y N 135 
HIS CD2  C  Y N 136 
HIS CE1  C  Y N 137 
HIS NE2  N  Y N 138 
HIS OXT  O  N N 139 
HIS H    H  N N 140 
HIS H2   H  N N 141 
HIS HA   H  N N 142 
HIS HB2  H  N N 143 
HIS HB3  H  N N 144 
HIS HD1  H  N N 145 
HIS HD2  H  N N 146 
HIS HE1  H  N N 147 
HIS HE2  H  N N 148 
HIS HXT  H  N N 149 
HOH O    O  N N 150 
HOH H1   H  N N 151 
HOH H2   H  N N 152 
ILE N    N  N N 153 
ILE CA   C  N S 154 
ILE C    C  N N 155 
ILE O    O  N N 156 
ILE CB   C  N S 157 
ILE CG1  C  N N 158 
ILE CG2  C  N N 159 
ILE CD1  C  N N 160 
ILE OXT  O  N N 161 
ILE H    H  N N 162 
ILE H2   H  N N 163 
ILE HA   H  N N 164 
ILE HB   H  N N 165 
ILE HG12 H  N N 166 
ILE HG13 H  N N 167 
ILE HG21 H  N N 168 
ILE HG22 H  N N 169 
ILE HG23 H  N N 170 
ILE HD11 H  N N 171 
ILE HD12 H  N N 172 
ILE HD13 H  N N 173 
ILE HXT  H  N N 174 
LEU N    N  N N 175 
LEU CA   C  N S 176 
LEU C    C  N N 177 
LEU O    O  N N 178 
LEU CB   C  N N 179 
LEU CG   C  N N 180 
LEU CD1  C  N N 181 
LEU CD2  C  N N 182 
LEU OXT  O  N N 183 
LEU H    H  N N 184 
LEU H2   H  N N 185 
LEU HA   H  N N 186 
LEU HB2  H  N N 187 
LEU HB3  H  N N 188 
LEU HG   H  N N 189 
LEU HD11 H  N N 190 
LEU HD12 H  N N 191 
LEU HD13 H  N N 192 
LEU HD21 H  N N 193 
LEU HD22 H  N N 194 
LEU HD23 H  N N 195 
LEU HXT  H  N N 196 
LI  LI   LI N N 197 
LYS N    N  N N 198 
LYS CA   C  N S 199 
LYS C    C  N N 200 
LYS O    O  N N 201 
LYS CB   C  N N 202 
LYS CG   C  N N 203 
LYS CD   C  N N 204 
LYS CE   C  N N 205 
LYS NZ   N  N N 206 
LYS OXT  O  N N 207 
LYS H    H  N N 208 
LYS H2   H  N N 209 
LYS HA   H  N N 210 
LYS HB2  H  N N 211 
LYS HB3  H  N N 212 
LYS HG2  H  N N 213 
LYS HG3  H  N N 214 
LYS HD2  H  N N 215 
LYS HD3  H  N N 216 
LYS HE2  H  N N 217 
LYS HE3  H  N N 218 
LYS HZ1  H  N N 219 
LYS HZ2  H  N N 220 
LYS HZ3  H  N N 221 
LYS HXT  H  N N 222 
MET N    N  N N 223 
MET CA   C  N S 224 
MET C    C  N N 225 
MET O    O  N N 226 
MET CB   C  N N 227 
MET CG   C  N N 228 
MET SD   S  N N 229 
MET CE   C  N N 230 
MET OXT  O  N N 231 
MET H    H  N N 232 
MET H2   H  N N 233 
MET HA   H  N N 234 
MET HB2  H  N N 235 
MET HB3  H  N N 236 
MET HG2  H  N N 237 
MET HG3  H  N N 238 
MET HE1  H  N N 239 
MET HE2  H  N N 240 
MET HE3  H  N N 241 
MET HXT  H  N N 242 
NO3 N    N  N N 243 
NO3 O1   O  N N 244 
NO3 O2   O  N N 245 
NO3 O3   O  N N 246 
PHE N    N  N N 247 
PHE CA   C  N S 248 
PHE C    C  N N 249 
PHE O    O  N N 250 
PHE CB   C  N N 251 
PHE CG   C  Y N 252 
PHE CD1  C  Y N 253 
PHE CD2  C  Y N 254 
PHE CE1  C  Y N 255 
PHE CE2  C  Y N 256 
PHE CZ   C  Y N 257 
PHE OXT  O  N N 258 
PHE H    H  N N 259 
PHE H2   H  N N 260 
PHE HA   H  N N 261 
PHE HB2  H  N N 262 
PHE HB3  H  N N 263 
PHE HD1  H  N N 264 
PHE HD2  H  N N 265 
PHE HE1  H  N N 266 
PHE HE2  H  N N 267 
PHE HZ   H  N N 268 
PHE HXT  H  N N 269 
PRO N    N  N N 270 
PRO CA   C  N S 271 
PRO C    C  N N 272 
PRO O    O  N N 273 
PRO CB   C  N N 274 
PRO CG   C  N N 275 
PRO CD   C  N N 276 
PRO OXT  O  N N 277 
PRO H    H  N N 278 
PRO HA   H  N N 279 
PRO HB2  H  N N 280 
PRO HB3  H  N N 281 
PRO HG2  H  N N 282 
PRO HG3  H  N N 283 
PRO HD2  H  N N 284 
PRO HD3  H  N N 285 
PRO HXT  H  N N 286 
SER N    N  N N 287 
SER CA   C  N S 288 
SER C    C  N N 289 
SER O    O  N N 290 
SER CB   C  N N 291 
SER OG   O  N N 292 
SER OXT  O  N N 293 
SER H    H  N N 294 
SER H2   H  N N 295 
SER HA   H  N N 296 
SER HB2  H  N N 297 
SER HB3  H  N N 298 
SER HG   H  N N 299 
SER HXT  H  N N 300 
SO4 S    S  N N 301 
SO4 O1   O  N N 302 
SO4 O2   O  N N 303 
SO4 O3   O  N N 304 
SO4 O4   O  N N 305 
THR N    N  N N 306 
THR CA   C  N S 307 
THR C    C  N N 308 
THR O    O  N N 309 
THR CB   C  N R 310 
THR OG1  O  N N 311 
THR CG2  C  N N 312 
THR OXT  O  N N 313 
THR H    H  N N 314 
THR H2   H  N N 315 
THR HA   H  N N 316 
THR HB   H  N N 317 
THR HG1  H  N N 318 
THR HG21 H  N N 319 
THR HG22 H  N N 320 
THR HG23 H  N N 321 
THR HXT  H  N N 322 
TRP N    N  N N 323 
TRP CA   C  N S 324 
TRP C    C  N N 325 
TRP O    O  N N 326 
TRP CB   C  N N 327 
TRP CG   C  Y N 328 
TRP CD1  C  Y N 329 
TRP CD2  C  Y N 330 
TRP NE1  N  Y N 331 
TRP CE2  C  Y N 332 
TRP CE3  C  Y N 333 
TRP CZ2  C  Y N 334 
TRP CZ3  C  Y N 335 
TRP CH2  C  Y N 336 
TRP OXT  O  N N 337 
TRP H    H  N N 338 
TRP H2   H  N N 339 
TRP HA   H  N N 340 
TRP HB2  H  N N 341 
TRP HB3  H  N N 342 
TRP HD1  H  N N 343 
TRP HE1  H  N N 344 
TRP HE3  H  N N 345 
TRP HZ2  H  N N 346 
TRP HZ3  H  N N 347 
TRP HH2  H  N N 348 
TRP HXT  H  N N 349 
VAL N    N  N N 350 
VAL CA   C  N S 351 
VAL C    C  N N 352 
VAL O    O  N N 353 
VAL CB   C  N N 354 
VAL CG1  C  N N 355 
VAL CG2  C  N N 356 
VAL OXT  O  N N 357 
VAL H    H  N N 358 
VAL H2   H  N N 359 
VAL HA   H  N N 360 
VAL HB   H  N N 361 
VAL HG11 H  N N 362 
VAL HG12 H  N N 363 
VAL HG13 H  N N 364 
VAL HG21 H  N N 365 
VAL HG22 H  N N 366 
VAL HG23 H  N N 367 
VAL HXT  H  N N 368 
# 
loop_
_chem_comp_bond.comp_id 
_chem_comp_bond.atom_id_1 
_chem_comp_bond.atom_id_2 
_chem_comp_bond.value_order 
_chem_comp_bond.pdbx_aromatic_flag 
_chem_comp_bond.pdbx_stereo_config 
_chem_comp_bond.pdbx_ordinal 
ACY C   O    doub N N 1   
ACY C   OXT  sing N N 2   
ACY C   CH3  sing N N 3   
ACY OXT HXT  sing N N 4   
ACY CH3 H1   sing N N 5   
ACY CH3 H2   sing N N 6   
ACY CH3 H3   sing N N 7   
ALA N   CA   sing N N 8   
ALA N   H    sing N N 9   
ALA N   H2   sing N N 10  
ALA CA  C    sing N N 11  
ALA CA  CB   sing N N 12  
ALA CA  HA   sing N N 13  
ALA C   O    doub N N 14  
ALA C   OXT  sing N N 15  
ALA CB  HB1  sing N N 16  
ALA CB  HB2  sing N N 17  
ALA CB  HB3  sing N N 18  
ALA OXT HXT  sing N N 19  
ARG N   CA   sing N N 20  
ARG N   H    sing N N 21  
ARG N   H2   sing N N 22  
ARG CA  C    sing N N 23  
ARG CA  CB   sing N N 24  
ARG CA  HA   sing N N 25  
ARG C   O    doub N N 26  
ARG C   OXT  sing N N 27  
ARG CB  CG   sing N N 28  
ARG CB  HB2  sing N N 29  
ARG CB  HB3  sing N N 30  
ARG CG  CD   sing N N 31  
ARG CG  HG2  sing N N 32  
ARG CG  HG3  sing N N 33  
ARG CD  NE   sing N N 34  
ARG CD  HD2  sing N N 35  
ARG CD  HD3  sing N N 36  
ARG NE  CZ   sing N N 37  
ARG NE  HE   sing N N 38  
ARG CZ  NH1  sing N N 39  
ARG CZ  NH2  doub N N 40  
ARG NH1 HH11 sing N N 41  
ARG NH1 HH12 sing N N 42  
ARG NH2 HH21 sing N N 43  
ARG NH2 HH22 sing N N 44  
ARG OXT HXT  sing N N 45  
ASN N   CA   sing N N 46  
ASN N   H    sing N N 47  
ASN N   H2   sing N N 48  
ASN CA  C    sing N N 49  
ASN CA  CB   sing N N 50  
ASN CA  HA   sing N N 51  
ASN C   O    doub N N 52  
ASN C   OXT  sing N N 53  
ASN CB  CG   sing N N 54  
ASN CB  HB2  sing N N 55  
ASN CB  HB3  sing N N 56  
ASN CG  OD1  doub N N 57  
ASN CG  ND2  sing N N 58  
ASN ND2 HD21 sing N N 59  
ASN ND2 HD22 sing N N 60  
ASN OXT HXT  sing N N 61  
CYS N   CA   sing N N 62  
CYS N   H    sing N N 63  
CYS N   H2   sing N N 64  
CYS CA  C    sing N N 65  
CYS CA  CB   sing N N 66  
CYS CA  HA   sing N N 67  
CYS C   O    doub N N 68  
CYS C   OXT  sing N N 69  
CYS CB  SG   sing N N 70  
CYS CB  HB2  sing N N 71  
CYS CB  HB3  sing N N 72  
CYS SG  HG   sing N N 73  
CYS OXT HXT  sing N N 74  
GLN N   CA   sing N N 75  
GLN N   H    sing N N 76  
GLN N   H2   sing N N 77  
GLN CA  C    sing N N 78  
GLN CA  CB   sing N N 79  
GLN CA  HA   sing N N 80  
GLN C   O    doub N N 81  
GLN C   OXT  sing N N 82  
GLN CB  CG   sing N N 83  
GLN CB  HB2  sing N N 84  
GLN CB  HB3  sing N N 85  
GLN CG  CD   sing N N 86  
GLN CG  HG2  sing N N 87  
GLN CG  HG3  sing N N 88  
GLN CD  OE1  doub N N 89  
GLN CD  NE2  sing N N 90  
GLN NE2 HE21 sing N N 91  
GLN NE2 HE22 sing N N 92  
GLN OXT HXT  sing N N 93  
GLU N   CA   sing N N 94  
GLU N   H    sing N N 95  
GLU N   H2   sing N N 96  
GLU CA  C    sing N N 97  
GLU CA  CB   sing N N 98  
GLU CA  HA   sing N N 99  
GLU C   O    doub N N 100 
GLU C   OXT  sing N N 101 
GLU CB  CG   sing N N 102 
GLU CB  HB2  sing N N 103 
GLU CB  HB3  sing N N 104 
GLU CG  CD   sing N N 105 
GLU CG  HG2  sing N N 106 
GLU CG  HG3  sing N N 107 
GLU CD  OE1  doub N N 108 
GLU CD  OE2  sing N N 109 
GLU OE2 HE2  sing N N 110 
GLU OXT HXT  sing N N 111 
GLY N   CA   sing N N 112 
GLY N   H    sing N N 113 
GLY N   H2   sing N N 114 
GLY CA  C    sing N N 115 
GLY CA  HA2  sing N N 116 
GLY CA  HA3  sing N N 117 
GLY C   O    doub N N 118 
GLY C   OXT  sing N N 119 
GLY OXT HXT  sing N N 120 
HIS N   CA   sing N N 121 
HIS N   H    sing N N 122 
HIS N   H2   sing N N 123 
HIS CA  C    sing N N 124 
HIS CA  CB   sing N N 125 
HIS CA  HA   sing N N 126 
HIS C   O    doub N N 127 
HIS C   OXT  sing N N 128 
HIS CB  CG   sing N N 129 
HIS CB  HB2  sing N N 130 
HIS CB  HB3  sing N N 131 
HIS CG  ND1  sing Y N 132 
HIS CG  CD2  doub Y N 133 
HIS ND1 CE1  doub Y N 134 
HIS ND1 HD1  sing N N 135 
HIS CD2 NE2  sing Y N 136 
HIS CD2 HD2  sing N N 137 
HIS CE1 NE2  sing Y N 138 
HIS CE1 HE1  sing N N 139 
HIS NE2 HE2  sing N N 140 
HIS OXT HXT  sing N N 141 
HOH O   H1   sing N N 142 
HOH O   H2   sing N N 143 
ILE N   CA   sing N N 144 
ILE N   H    sing N N 145 
ILE N   H2   sing N N 146 
ILE CA  C    sing N N 147 
ILE CA  CB   sing N N 148 
ILE CA  HA   sing N N 149 
ILE C   O    doub N N 150 
ILE C   OXT  sing N N 151 
ILE CB  CG1  sing N N 152 
ILE CB  CG2  sing N N 153 
ILE CB  HB   sing N N 154 
ILE CG1 CD1  sing N N 155 
ILE CG1 HG12 sing N N 156 
ILE CG1 HG13 sing N N 157 
ILE CG2 HG21 sing N N 158 
ILE CG2 HG22 sing N N 159 
ILE CG2 HG23 sing N N 160 
ILE CD1 HD11 sing N N 161 
ILE CD1 HD12 sing N N 162 
ILE CD1 HD13 sing N N 163 
ILE OXT HXT  sing N N 164 
LEU N   CA   sing N N 165 
LEU N   H    sing N N 166 
LEU N   H2   sing N N 167 
LEU CA  C    sing N N 168 
LEU CA  CB   sing N N 169 
LEU CA  HA   sing N N 170 
LEU C   O    doub N N 171 
LEU C   OXT  sing N N 172 
LEU CB  CG   sing N N 173 
LEU CB  HB2  sing N N 174 
LEU CB  HB3  sing N N 175 
LEU CG  CD1  sing N N 176 
LEU CG  CD2  sing N N 177 
LEU CG  HG   sing N N 178 
LEU CD1 HD11 sing N N 179 
LEU CD1 HD12 sing N N 180 
LEU CD1 HD13 sing N N 181 
LEU CD2 HD21 sing N N 182 
LEU CD2 HD22 sing N N 183 
LEU CD2 HD23 sing N N 184 
LEU OXT HXT  sing N N 185 
LYS N   CA   sing N N 186 
LYS N   H    sing N N 187 
LYS N   H2   sing N N 188 
LYS CA  C    sing N N 189 
LYS CA  CB   sing N N 190 
LYS CA  HA   sing N N 191 
LYS C   O    doub N N 192 
LYS C   OXT  sing N N 193 
LYS CB  CG   sing N N 194 
LYS CB  HB2  sing N N 195 
LYS CB  HB3  sing N N 196 
LYS CG  CD   sing N N 197 
LYS CG  HG2  sing N N 198 
LYS CG  HG3  sing N N 199 
LYS CD  CE   sing N N 200 
LYS CD  HD2  sing N N 201 
LYS CD  HD3  sing N N 202 
LYS CE  NZ   sing N N 203 
LYS CE  HE2  sing N N 204 
LYS CE  HE3  sing N N 205 
LYS NZ  HZ1  sing N N 206 
LYS NZ  HZ2  sing N N 207 
LYS NZ  HZ3  sing N N 208 
LYS OXT HXT  sing N N 209 
MET N   CA   sing N N 210 
MET N   H    sing N N 211 
MET N   H2   sing N N 212 
MET CA  C    sing N N 213 
MET CA  CB   sing N N 214 
MET CA  HA   sing N N 215 
MET C   O    doub N N 216 
MET C   OXT  sing N N 217 
MET CB  CG   sing N N 218 
MET CB  HB2  sing N N 219 
MET CB  HB3  sing N N 220 
MET CG  SD   sing N N 221 
MET CG  HG2  sing N N 222 
MET CG  HG3  sing N N 223 
MET SD  CE   sing N N 224 
MET CE  HE1  sing N N 225 
MET CE  HE2  sing N N 226 
MET CE  HE3  sing N N 227 
MET OXT HXT  sing N N 228 
NO3 N   O1   doub N N 229 
NO3 N   O2   sing N N 230 
NO3 N   O3   sing N N 231 
PHE N   CA   sing N N 232 
PHE N   H    sing N N 233 
PHE N   H2   sing N N 234 
PHE CA  C    sing N N 235 
PHE CA  CB   sing N N 236 
PHE CA  HA   sing N N 237 
PHE C   O    doub N N 238 
PHE C   OXT  sing N N 239 
PHE CB  CG   sing N N 240 
PHE CB  HB2  sing N N 241 
PHE CB  HB3  sing N N 242 
PHE CG  CD1  doub Y N 243 
PHE CG  CD2  sing Y N 244 
PHE CD1 CE1  sing Y N 245 
PHE CD1 HD1  sing N N 246 
PHE CD2 CE2  doub Y N 247 
PHE CD2 HD2  sing N N 248 
PHE CE1 CZ   doub Y N 249 
PHE CE1 HE1  sing N N 250 
PHE CE2 CZ   sing Y N 251 
PHE CE2 HE2  sing N N 252 
PHE CZ  HZ   sing N N 253 
PHE OXT HXT  sing N N 254 
PRO N   CA   sing N N 255 
PRO N   CD   sing N N 256 
PRO N   H    sing N N 257 
PRO CA  C    sing N N 258 
PRO CA  CB   sing N N 259 
PRO CA  HA   sing N N 260 
PRO C   O    doub N N 261 
PRO C   OXT  sing N N 262 
PRO CB  CG   sing N N 263 
PRO CB  HB2  sing N N 264 
PRO CB  HB3  sing N N 265 
PRO CG  CD   sing N N 266 
PRO CG  HG2  sing N N 267 
PRO CG  HG3  sing N N 268 
PRO CD  HD2  sing N N 269 
PRO CD  HD3  sing N N 270 
PRO OXT HXT  sing N N 271 
SER N   CA   sing N N 272 
SER N   H    sing N N 273 
SER N   H2   sing N N 274 
SER CA  C    sing N N 275 
SER CA  CB   sing N N 276 
SER CA  HA   sing N N 277 
SER C   O    doub N N 278 
SER C   OXT  sing N N 279 
SER CB  OG   sing N N 280 
SER CB  HB2  sing N N 281 
SER CB  HB3  sing N N 282 
SER OG  HG   sing N N 283 
SER OXT HXT  sing N N 284 
SO4 S   O1   doub N N 285 
SO4 S   O2   doub N N 286 
SO4 S   O3   sing N N 287 
SO4 S   O4   sing N N 288 
THR N   CA   sing N N 289 
THR N   H    sing N N 290 
THR N   H2   sing N N 291 
THR CA  C    sing N N 292 
THR CA  CB   sing N N 293 
THR CA  HA   sing N N 294 
THR C   O    doub N N 295 
THR C   OXT  sing N N 296 
THR CB  OG1  sing N N 297 
THR CB  CG2  sing N N 298 
THR CB  HB   sing N N 299 
THR OG1 HG1  sing N N 300 
THR CG2 HG21 sing N N 301 
THR CG2 HG22 sing N N 302 
THR CG2 HG23 sing N N 303 
THR OXT HXT  sing N N 304 
TRP N   CA   sing N N 305 
TRP N   H    sing N N 306 
TRP N   H2   sing N N 307 
TRP CA  C    sing N N 308 
TRP CA  CB   sing N N 309 
TRP CA  HA   sing N N 310 
TRP C   O    doub N N 311 
TRP C   OXT  sing N N 312 
TRP CB  CG   sing N N 313 
TRP CB  HB2  sing N N 314 
TRP CB  HB3  sing N N 315 
TRP CG  CD1  doub Y N 316 
TRP CG  CD2  sing Y N 317 
TRP CD1 NE1  sing Y N 318 
TRP CD1 HD1  sing N N 319 
TRP CD2 CE2  doub Y N 320 
TRP CD2 CE3  sing Y N 321 
TRP NE1 CE2  sing Y N 322 
TRP NE1 HE1  sing N N 323 
TRP CE2 CZ2  sing Y N 324 
TRP CE3 CZ3  doub Y N 325 
TRP CE3 HE3  sing N N 326 
TRP CZ2 CH2  doub Y N 327 
TRP CZ2 HZ2  sing N N 328 
TRP CZ3 CH2  sing Y N 329 
TRP CZ3 HZ3  sing N N 330 
TRP CH2 HH2  sing N N 331 
TRP OXT HXT  sing N N 332 
VAL N   CA   sing N N 333 
VAL N   H    sing N N 334 
VAL N   H2   sing N N 335 
VAL CA  C    sing N N 336 
VAL CA  CB   sing N N 337 
VAL CA  HA   sing N N 338 
VAL C   O    doub N N 339 
VAL C   OXT  sing N N 340 
VAL CB  CG1  sing N N 341 
VAL CB  CG2  sing N N 342 
VAL CB  HB   sing N N 343 
VAL CG1 HG11 sing N N 344 
VAL CG1 HG12 sing N N 345 
VAL CG1 HG13 sing N N 346 
VAL CG2 HG21 sing N N 347 
VAL CG2 HG22 sing N N 348 
VAL CG2 HG23 sing N N 349 
VAL OXT HXT  sing N N 350 
# 
_pdbx_audit_support.funding_organization   'Other government' 
_pdbx_audit_support.country                Pakistan 
_pdbx_audit_support.grant_number           IRSIP 
_pdbx_audit_support.ordinal                1 
# 
_pdbx_initial_refinement_model.id               1 
_pdbx_initial_refinement_model.entity_id_list   ? 
_pdbx_initial_refinement_model.type             'experimental model' 
_pdbx_initial_refinement_model.source_name      PDB 
_pdbx_initial_refinement_model.accession_code   9GVH 
_pdbx_initial_refinement_model.details          ? 
# 
_atom_sites.entry_id                    9LH0 
_atom_sites.Cartn_transf_matrix[1][1]   ? 
_atom_sites.Cartn_transf_matrix[1][2]   ? 
_atom_sites.Cartn_transf_matrix[1][3]   ? 
_atom_sites.Cartn_transf_matrix[2][1]   ? 
_atom_sites.Cartn_transf_matrix[2][2]   ? 
_atom_sites.Cartn_transf_matrix[2][3]   ? 
_atom_sites.Cartn_transf_matrix[3][1]   ? 
_atom_sites.Cartn_transf_matrix[3][2]   ? 
_atom_sites.Cartn_transf_matrix[3][3]   ? 
_atom_sites.Cartn_transf_vector[1]      ? 
_atom_sites.Cartn_transf_vector[2]      ? 
_atom_sites.Cartn_transf_vector[3]      ? 
_atom_sites.Cartn_transform_axes        ? 
_atom_sites.fract_transf_matrix[1][1]   -0.01583435 
_atom_sites.fract_transf_matrix[1][2]   -0.00837834 
_atom_sites.fract_transf_matrix[1][3]   -0.01285610 
_atom_sites.fract_transf_matrix[2][1]   0.00950783 
_atom_sites.fract_transf_matrix[2][2]   -0.00448093 
_atom_sites.fract_transf_matrix[2][3]   -0.00879018 
_atom_sites.fract_transf_matrix[3][1]   0.00169222 
_atom_sites.fract_transf_matrix[3][2]   -0.02758018 
_atom_sites.fract_transf_matrix[3][3]   0.01588980 
_atom_sites.fract_transf_vector[1]      0.438646 
_atom_sites.fract_transf_vector[2]      0.167888 
_atom_sites.fract_transf_vector[3]      0.155369 
_atom_sites.solution_primary            ? 
_atom_sites.solution_secondary          ? 
_atom_sites.solution_hydrogens          ? 
_atom_sites.special_details             ? 
# 
loop_
_atom_type.symbol 
C  
LI 
N  
O  
S  
# 
loop_
_atom_site.group_PDB 
_atom_site.id 
_atom_site.type_symbol 
_atom_site.label_atom_id 
_atom_site.label_alt_id 
_atom_site.label_comp_id 
_atom_site.label_asym_id 
_atom_site.label_entity_id 
_atom_site.label_seq_id 
_atom_site.pdbx_PDB_ins_code 
_atom_site.Cartn_x 
_atom_site.Cartn_y 
_atom_site.Cartn_z 
_atom_site.occupancy 
_atom_site.B_iso_or_equiv 
_atom_site.pdbx_formal_charge 
_atom_site.auth_seq_id 
_atom_site.auth_comp_id 
_atom_site.auth_asym_id 
_atom_site.auth_atom_id 
_atom_site.pdbx_PDB_model_num 
ATOM   1   N  N   . ALA A 1 1  ? -2.319  12.788  -23.970 1.00 26.71 ?  1   ALA A N   1 
ATOM   2   C  CA  . ALA A 1 1  ? -3.464  13.013  -23.095 1.00 25.38 ?  1   ALA A CA  1 
ATOM   3   C  C   . ALA A 1 1  ? -4.619  13.649  -23.866 1.00 24.83 ?  1   ALA A C   1 
ATOM   4   O  O   . ALA A 1 1  ? -4.435  14.636  -24.580 1.00 26.08 ?  1   ALA A O   1 
ATOM   5   C  CB  . ALA A 1 1  ? -3.064  13.883  -21.913 1.00 24.04 ?  1   ALA A CB  1 
ATOM   6   N  N   . GLY A 1 2  ? -5.811  13.080  -23.719 1.00 25.87 ?  2   GLY A N   1 
ATOM   7   C  CA  . GLY A 1 2  ? -6.972  13.563  -24.426 1.00 24.88 ?  2   GLY A CA  1 
ATOM   8   C  C   . GLY A 1 2  ? -8.264  13.259  -23.698 1.00 19.80 ?  2   GLY A C   1 
ATOM   9   O  O   . GLY A 1 2  ? -8.288  12.513  -22.711 1.00 19.53 ?  2   GLY A O   1 
ATOM   10  N  N   . PRO A 1 3  ? -9.373  13.823  -24.185 1.00 20.48 ?  3   PRO A N   1 
ATOM   11  C  CA  . PRO A 1 3  ? -10.662 13.625  -23.501 1.00 17.71 ?  3   PRO A CA  1 
ATOM   12  C  C   . PRO A 1 3  ? -11.114 12.180  -23.456 1.00 16.73 ?  3   PRO A C   1 
ATOM   13  O  O   . PRO A 1 3  ? -11.927 11.824  -22.595 1.00 19.09 ?  3   PRO A O   1 
ATOM   14  C  CB  . PRO A 1 3  ? -11.633 14.494  -24.311 1.00 22.33 ?  3   PRO A CB  1 
ATOM   15  C  CG  . PRO A 1 3  ? -10.998 14.608  -25.661 1.00 22.75 ?  3   PRO A CG  1 
ATOM   16  C  CD  . PRO A 1 3  ? -9.514  14.621  -25.415 1.00 23.16 ?  3   PRO A CD  1 
ATOM   17  N  N   . PHE A 1 4  ? -10.615 11.331  -24.354 1.00 15.15 ?  4   PHE A N   1 
ATOM   18  C  CA  . PHE A 1 4  ? -11.019 9.933   -24.407 1.00 15.04 ?  4   PHE A CA  1 
ATOM   19  C  C   . PHE A 1 4  ? -9.866  8.988   -24.091 1.00 13.94 ?  4   PHE A C   1 
ATOM   20  O  O   . PHE A 1 4  ? -9.923  7.808   -24.437 1.00 13.75 ?  4   PHE A O   1 
ATOM   21  C  CB  . PHE A 1 4  ? -11.680 9.620   -25.753 1.00 16.38 ?  4   PHE A CB  1 
ATOM   22  C  CG  . PHE A 1 4  ? -12.867 10.500  -26.049 1.00 18.67 ?  4   PHE A CG  1 
ATOM   23  C  CD1 . PHE A 1 4  ? -14.103 10.219  -25.494 1.00 20.69 ?  4   PHE A CD1 1 
ATOM   24  C  CD2 . PHE A 1 4  ? -12.737 11.630  -26.845 1.00 18.53 ?  4   PHE A CD2 1 
ATOM   25  C  CE1 . PHE A 1 4  ? -15.196 11.033  -25.750 1.00 22.42 ?  4   PHE A CE1 1 
ATOM   26  C  CE2 . PHE A 1 4  ? -13.826 12.443  -27.103 1.00 22.38 ?  4   PHE A CE2 1 
ATOM   27  C  CZ  . PHE A 1 4  ? -15.055 12.144  -26.553 1.00 22.95 ?  4   PHE A CZ  1 
ATOM   28  N  N   . GLY A 1 5  ? -8.818  9.488   -23.426 1.00 12.75 ?  5   GLY A N   1 
ATOM   29  C  CA  . GLY A 1 5  ? -7.738  8.653   -22.982 1.00 12.67 ?  5   GLY A CA  1 
ATOM   30  C  C   . GLY A 1 5  ? -8.152  7.773   -21.813 1.00 12.05 ?  5   GLY A C   1 
ATOM   31  O  O   . GLY A 1 5  ? -9.290  7.828   -21.331 1.00 13.02 ?  5   GLY A O   1 
ATOM   32  N  N   . PRO A 1 6  ? -7.215  6.949   -21.337 1.00 11.23 ?  6   PRO A N   1 
ATOM   33  C  CA  . PRO A 1 6  ? -7.549  6.054   -20.217 1.00 11.57 ?  6   PRO A CA  1 
ATOM   34  C  C   . PRO A 1 6  ? -8.002  6.794   -18.969 1.00 12.30 ?  6   PRO A C   1 
ATOM   35  O  O   . PRO A 1 6  ? -8.883  6.297   -18.255 1.00 13.78 ?  6   PRO A O   1 
ATOM   36  C  CB  . PRO A 1 6  ? -6.269  5.234   -20.021 1.00 12.53 ?  6   PRO A CB  1 
ATOM   37  C  CG  . PRO A 1 6  ? -5.189  6.013   -20.702 1.00 12.37 ?  6   PRO A CG  1 
ATOM   38  C  CD  . PRO A 1 6  ? -5.855  6.718   -21.844 1.00 11.58 ?  6   PRO A CD  1 
ATOM   39  N  N   . ARG A 1 7  ? -7.425  7.960   -18.691 1.00 11.63 ?  7   ARG A N   1 
ATOM   40  C  CA  . ARG A 1 7  ? -7.867  8.833   -17.607 1.00 11.82 ?  7   ARG A CA  1 
ATOM   41  C  C   . ARG A 1 7  ? -8.042  8.115   -16.266 1.00 11.96 ?  7   ARG A C   1 
ATOM   42  O  O   . ARG A 1 7  ? -9.155  8.049   -15.729 1.00 13.38 ?  7   ARG A O   1 
ATOM   43  C  CB  . ARG A 1 7  ? -9.122  9.602   -17.989 1.00 13.66 ?  7   ARG A CB  1 
ATOM   44  C  CG  . ARG A 1 7  ? -8.897  10.496  -19.189 1.00 13.66 ?  7   ARG A CG  1 
ATOM   45  C  CD  . ARG A 1 7  ? -10.087 11.373  -19.476 1.00 19.79 ?  7   ARG A CD  1 
ATOM   46  N  NE  . ARG A 1 7  ? -9.623  12.667  -19.951 1.00 82.88 ?  7   ARG A NE  1 
ATOM   47  C  CZ  . ARG A 1 7  ? -10.222 13.821  -19.700 1.00 50.33 ?  7   ARG A CZ  1 
ATOM   48  N  NH1 . ARG A 1 7  ? -11.354 13.880  -19.018 1.00 30.92 ?  7   ARG A NH1 1 
ATOM   49  N  NH2 . ARG A 1 7  ? -9.660  14.946  -20.130 1.00 19.82 ?  7   ARG A NH2 1 
ATOM   50  N  N   . PRO A 1 8  ? -6.965  7.575   -15.701 1.00 12.25 ?  8   PRO A N   1 
ATOM   51  C  CA  . PRO A 1 8  ? -7.067  6.894   -14.404 1.00 12.33 ?  8   PRO A CA  1 
ATOM   52  C  C   . PRO A 1 8  ? -7.642  7.811   -13.339 1.00 11.29 ?  8   PRO A C   1 
ATOM   53  O  O   . PRO A 1 8  ? -7.263  8.975   -13.237 1.00 11.83 ?  8   PRO A O   1 
ATOM   54  C  CB  . PRO A 1 8  ? -5.611  6.542   -14.074 1.00 13.20 ?  8   PRO A CB  1 
ATOM   55  C  CG  . PRO A 1 8  ? -4.890  6.568   -15.371 1.00 13.38 ?  8   PRO A CG  1 
ATOM   56  C  CD  . PRO A 1 8  ? -5.581  7.607   -16.200 1.00 12.37 ?  8   PRO A CD  1 
ATOM   57  N  N   . LYS A 1 9  ? -8.525  7.261   -12.507 1.00 11.58 ?  9   LYS A N   1 
ATOM   58  C  CA  . LYS A 1 9  ? -9.104  7.965   -11.362 1.00 13.01 ?  9   LYS A CA  1 
ATOM   59  C  C   . LYS A 1 9  ? -8.658  7.190   -10.127 1.00 12.76 ?  9   LYS A C   1 
ATOM   60  O  O   . LYS A 1 9  ? -9.293  6.209   -9.730  1.00 13.12 ?  9   LYS A O   1 
ATOM   61  C  CB  . LYS A 1 9  ? -10.628 8.029   -11.458 1.00 15.31 ?  9   LYS A CB  1 
ATOM   62  C  CG  . LYS A 1 9  ? -11.162 8.606   -12.757 1.00 16.70 ?  9   LYS A CG  1 
ATOM   63  C  CD  . LYS A 1 9  ? -10.629 9.995   -13.036 1.00 21.55 ?  9   LYS A CD  1 
ATOM   64  C  CE  . LYS A 1 9  ? -11.166 10.510  -14.362 1.00 20.58 ?  9   LYS A CE  1 
ATOM   65  N  NZ  . LYS A 1 9  ? -10.477 11.747  -14.804 1.00 17.38 ?  9   LYS A NZ  1 
ATOM   66  N  N   . CYS A 1 10 ? -7.559  7.631   -9.521  1.00 12.59 ?  10  CYS A N   1 
ATOM   67  C  CA  . CYS A 1 10 ? -6.976  6.855   -8.431  1.00 12.78 ?  10  CYS A CA  1 
ATOM   68  C  C   . CYS A 1 10 ? -7.923  6.620   -7.256  1.00 13.33 ?  10  CYS A C   1 
ATOM   69  O  O   . CYS A 1 10 ? -7.940  5.489   -6.737  1.00 13.70 ?  10  CYS A O   1 
ATOM   70  C  CB  . CYS A 1 10 ? -5.628  7.448   -7.994  1.00 13.89 ?  10  CYS A CB  1 
ATOM   71  S  SG  . CYS A 1 10 ? -4.385  7.617   -9.306  1.00 13.82 ?  10  CYS A SG  1 
ATOM   72  N  N   . PRO A 1 11 ? -8.722  7.593   -6.793  1.00 14.43 ?  11  PRO A N   1 
ATOM   73  C  CA  . PRO A 1 11 ? -9.622  7.295   -5.662  1.00 15.54 ?  11  PRO A CA  1 
ATOM   74  C  C   . PRO A 1 11 ? -10.676 6.247   -5.983  1.00 16.03 ?  11  PRO A C   1 
ATOM   75  O  O   . PRO A 1 11 ? -11.028 5.435   -5.117  1.00 16.27 ?  11  PRO A O   1 
ATOM   76  C  CB  . PRO A 1 11 ? -10.243 8.661   -5.331  1.00 18.03 ?  11  PRO A CB  1 
ATOM   77  C  CG  . PRO A 1 11 ? -9.278  9.658   -5.868  1.00 18.14 ?  11  PRO A CG  1 
ATOM   78  C  CD  . PRO A 1 11 ? -8.708  9.034   -7.105  1.00 15.72 ?  11  PRO A CD  1 
ATOM   79  N  N   . SER A 1 12 ? -11.197 6.254   -7.211  1.00 15.66 ?  12  SER A N   1 
ATOM   80  C  CA  . SER A 1 12 ? -12.158 5.236   -7.618  1.00 15.90 ?  12  SER A CA  1 
ATOM   81  C  C   . SER A 1 12 ? -11.498 3.866   -7.701  1.00 15.20 ?  12  SER A C   1 
ATOM   82  O  O   . SER A 1 12 ? -12.088 2.860   -7.291  1.00 15.46 ?  12  SER A O   1 
ATOM   83  C  CB  . SER A 1 12 ? -12.784 5.626   -8.958  1.00 16.41 ?  12  SER A CB  1 
ATOM   84  O  OG  . SER A 1 12 ? -13.762 4.687   -9.368  1.00 23.96 ?  12  SER A OG  1 
ATOM   85  N  N   . GLN A 1 13 ? -10.268 3.807   -8.217  1.00 14.31 ?  13  GLN A N   1 
ATOM   86  C  CA  . GLN A 1 13 ? -9.550  2.539   -8.254  1.00 13.18 ?  13  GLN A CA  1 
ATOM   87  C  C   . GLN A 1 13 ? -9.324  2.003   -6.850  1.00 12.86 ?  13  GLN A C   1 
ATOM   88  O  O   . GLN A 1 13 ? -9.436  0.798   -6.614  1.00 12.80 ?  13  GLN A O   1 
ATOM   89  C  CB  . GLN A 1 13 ? -8.220  2.702   -8.987  1.00 13.59 ?  13  GLN A CB  1 
ATOM   90  C  CG  . GLN A 1 13 ? -8.398  3.060   -10.436 1.00 13.83 ?  13  GLN A CG  1 
ATOM   91  C  CD  . GLN A 1 13 ? -7.100  3.131   -11.204 1.00 13.05 ?  13  GLN A CD  1 
ATOM   92  O  OE1 . GLN A 1 13 ? -6.034  2.760   -10.724 1.00 14.03 ?  13  GLN A OE1 1 
ATOM   93  N  NE2 . GLN A 1 13 ? -7.191  3.620   -12.416 1.00 13.07 ?  13  GLN A NE2 1 
ATOM   94  N  N   . PHE A 1 14 ? -9.024  2.894   -5.907  1.00 12.24 ?  14  PHE A N   1 
ATOM   95  C  CA  . PHE A 1 14 ? -8.793  2.494   -4.524  1.00 12.07 ?  14  PHE A CA  1 
ATOM   96  C  C   . PHE A 1 14 ? -10.029 1.840   -3.929  1.00 12.50 ?  14  PHE A C   1 
ATOM   97  O  O   . PHE A 1 14 ? -9.946  0.764   -3.326  1.00 12.21 ?  14  PHE A O   1 
ATOM   98  C  CB  . PHE A 1 14 ? -8.398  3.731   -3.720  1.00 12.68 ?  14  PHE A CB  1 
ATOM   99  C  CG  . PHE A 1 14 ? -8.062  3.462   -2.275  1.00 12.21 ?  14  PHE A CG  1 
ATOM   100 C  CD1 . PHE A 1 14 ? -6.987  2.662   -1.924  1.00 11.89 ?  14  PHE A CD1 1 
ATOM   101 C  CD2 . PHE A 1 14 ? -8.813  4.045   -1.267  1.00 14.39 ?  14  PHE A CD2 1 
ATOM   102 C  CE1 . PHE A 1 14 ? -6.668  2.453   -0.589  1.00 12.02 ?  14  PHE A CE1 1 
ATOM   103 C  CE2 . PHE A 1 14 ? -8.507  3.828   0.063   1.00 15.23 ?  14  PHE A CE2 1 
ATOM   104 C  CZ  . PHE A 1 14 ? -7.430  3.037   0.403   1.00 13.92 ?  14  PHE A CZ  1 
ATOM   105 N  N   . VAL A 1 15 ? -11.193 2.473   -4.087  1.00 13.72 ?  15  VAL A N   1 
ATOM   106 C  CA  . VAL A 1 15 ? -12.405 1.897   -3.515  1.00 15.12 ?  15  VAL A CA  1 
ATOM   107 C  C   . VAL A 1 15 ? -12.790 0.610   -4.236  1.00 14.37 ?  15  VAL A C   1 
ATOM   108 O  O   . VAL A 1 15 ? -13.232 -0.358  -3.605  1.00 15.10 ?  15  VAL A O   1 
ATOM   109 C  CB  . VAL A 1 15 ? -13.551 2.926   -3.438  1.00 20.37 ?  15  VAL A CB  1 
ATOM   110 C  CG1 . VAL A 1 15 ? -13.209 4.021   -2.443  1.00 23.90 ?  15  VAL A CG1 1 
ATOM   111 C  CG2 . VAL A 1 15 ? -13.827 3.526   -4.793  1.00 21.11 ?  15  VAL A CG2 1 
ATOM   112 N  N   . SER A 1 16 ? -12.582 0.556   -5.555  1.00 14.68 ?  16  SER A N   1 
ATOM   113 C  CA  . SER A 1 16 ? -12.874 -0.667  -6.299  1.00 15.55 ?  16  SER A CA  1 
ATOM   114 C  C   . SER A 1 16 ? -11.977 -1.821  -5.859  1.00 14.89 ?  16  SER A C   1 
ATOM   115 O  O   . SER A 1 16 ? -12.397 -2.986  -5.893  1.00 16.62 ?  16  SER A O   1 
ATOM   116 C  CB  . SER A 1 16 ? -12.737 -0.418  -7.805  1.00 16.95 ?  16  SER A CB  1 
ATOM   117 O  OG  . SER A 1 16 ? -13.686 0.531   -8.267  1.00 24.07 ?  16  SER A OG  1 
ATOM   118 N  N   . ALA A 1 17 ? -10.744 -1.514  -5.442  1.00 12.83 ?  17  ALA A N   1 
ATOM   119 C  CA  . ALA A 1 17 ? -9.793  -2.487  -4.917  1.00 12.89 ?  17  ALA A CA  1 
ATOM   120 C  C   . ALA A 1 17 ? -9.974  -2.734  -3.425  1.00 11.61 ?  17  ALA A C   1 
ATOM   121 O  O   . ALA A 1 17 ? -9.016  -3.118  -2.734  1.00 11.59 ?  17  ALA A O   1 
ATOM   122 C  CB  . ALA A 1 17 ? -8.360  -2.064  -5.238  1.00 13.54 ?  17  ALA A CB  1 
ATOM   123 N  N   . HIS A 1 18 ? -11.185 -2.510  -2.914  1.00 11.72 ?  18  HIS A N   1 
ATOM   124 C  CA  . HIS A 1 18 ? -11.518 -2.751  -1.510  1.00 12.14 ?  18  HIS A CA  1 
ATOM   125 C  C   . HIS A 1 18 ? -10.636 -1.945  -0.559  1.00 11.05 ?  18  HIS A C   1 
ATOM   126 O  O   . HIS A 1 18 ? -10.311 -2.401  0.544   1.00 11.05 ?  18  HIS A O   1 
ATOM   127 C  CB  . HIS A 1 18 ? -11.509 -4.243  -1.159  1.00 14.38 ?  18  HIS A CB  1 
ATOM   128 C  CG  . HIS A 1 18 ? -12.467 -5.067  -1.966  1.00 17.02 ?  18  HIS A CG  1 
ATOM   129 N  ND1 . HIS A 1 18 ? -13.187 -6.107  -1.419  1.00 20.34 ?  18  HIS A ND1 1 
ATOM   130 C  CD2 . HIS A 1 18 ? -12.808 -5.025  -3.278  1.00 21.29 ?  18  HIS A CD2 1 
ATOM   131 C  CE1 . HIS A 1 18 ? -13.941 -6.659  -2.354  1.00 20.51 ?  18  HIS A CE1 1 
ATOM   132 N  NE2 . HIS A 1 18 ? -13.729 -6.021  -3.491  1.00 20.53 ?  18  HIS A NE2 1 
ATOM   133 N  N   . ARG A 1 19 ? -10.250 -0.742  -0.987  1.00 10.73 ?  19  ARG A N   1 
ATOM   134 C  CA  . ARG A 1 19 ? -9.375  0.120   -0.202  1.00 10.99 ?  19  ARG A CA  1 
ATOM   135 C  C   . ARG A 1 19 ? -8.083  -0.595  0.173   1.00 10.33 ?  19  ARG A C   1 
ATOM   136 O  O   . ARG A 1 19 ? -7.470  -0.312  1.202   1.00 11.16 ?  19  ARG A O   1 
ATOM   137 C  CB  . ARG A 1 19 ? -10.104 0.715   0.999   1.00 12.34 ?  19  ARG A CB  1 
ATOM   138 C  CG  . ARG A 1 19 ? -11.324 1.482   0.552   1.00 13.83 ?  19  ARG A CG  1 
ATOM   139 C  CD  . ARG A 1 19 ? -11.780 2.504   1.552   1.00 16.22 ?  19  ARG A CD  1 
ATOM   140 N  NE  . ARG A 1 19 ? -12.926 3.236   1.034   1.00 16.41 ?  19  ARG A NE  1 
ATOM   141 C  CZ  . ARG A 1 19 ? -13.456 4.304   1.605   1.00 17.45 ?  19  ARG A CZ  1 
ATOM   142 N  NH1 . ARG A 1 19 ? -12.931 4.831   2.697   1.00 18.55 ?  19  ARG A NH1 1 
ATOM   143 N  NH2 . ARG A 1 19 ? -14.538 4.858   1.063   1.00 17.80 ?  19  ARG A NH2 1 
ATOM   144 N  N   . LEU A 1 20 ? -7.649  -1.508  -0.692  1.00 9.83  ?  20  LEU A N   1 
ATOM   145 C  CA  . LEU A 1 20 ? -6.441  -2.287  -0.444  1.00 9.80  ?  20  LEU A CA  1 
ATOM   146 C  C   . LEU A 1 20 ? -6.486  -2.948  0.936   1.00 9.90  ?  20  LEU A C   1 
ATOM   147 O  O   . LEU A 1 20 ? -5.495  -2.982  1.659   1.00 9.91  ?  20  LEU A O   1 
ATOM   148 C  CB  . LEU A 1 20 ? -5.170  -1.451  -0.639  1.00 10.05 ?  20  LEU A CB  1 
ATOM   149 C  CG  . LEU A 1 20 ? -5.046  -0.725  -1.977  1.00 9.97  ?  20  LEU A CG  1 
ATOM   150 C  CD1 . LEU A 1 20 ? -3.777  0.130   -1.977  1.00 11.07 ?  20  LEU A CD1 1 
ATOM   151 C  CD2 . LEU A 1 20 ? -5.053  -1.703  -3.139  1.00 10.72 ?  20  LEU A CD2 1 
ATOM   152 N  N   . SER A 1 21 ? -7.652  -3.491  1.294   1.00 10.47 ?  21  SER A N   1 
ATOM   153 C  CA  . SER A 1 21 ? -7.887  -4.037  2.633   1.00 11.79 ?  21  SER A CA  1 
ATOM   154 C  C   . SER A 1 21 ? -6.833  -5.047  3.060   1.00 10.10 ?  21  SER A C   1 
ATOM   155 O  O   . SER A 1 21 ? -6.427  -5.069  4.230   1.00 10.16 ?  21  SER A O   1 
ATOM   156 C  CB  . SER A 1 21 ? -9.271  -4.702  2.672   1.00 14.85 ?  21  SER A CB  1 
ATOM   157 O  OG  . SER A 1 21 ? -9.375  -5.788  1.763   1.00 16.02 ?  21  SER A OG  1 
ATOM   158 N  N   . ALA A 1 22 ? -6.432  -5.939  2.150   1.00 9.80  ?  22  ALA A N   1 
ATOM   159 C  CA  . ALA A 1 22 ? -5.431  -6.936  2.516   1.00 9.87  ?  22  ALA A CA  1 
ATOM   160 C  C   . ALA A 1 22 ? -4.067  -6.289  2.726   1.00 9.59  ?  22  ALA A C   1 
ATOM   161 O  O   . ALA A 1 22 ? -3.295  -6.709  3.597   1.00 9.90  ?  22  ALA A O   1 
ATOM   162 C  CB  . ALA A 1 22 ? -5.347  -8.033  1.457   1.00 10.89 ?  22  ALA A CB  1 
ATOM   163 N  N   . CYS A 1 23 ? -3.749  -5.273  1.921   1.00 9.09  ?  23  CYS A N   1 
ATOM   164 C  CA  . CYS A 1 23 ? -2.526  -4.514  2.156   1.00 8.69  ?  23  CYS A CA  1 
ATOM   165 C  C   . CYS A 1 23 ? -2.568  -3.801  3.499   1.00 8.95  ?  23  CYS A C   1 
ATOM   166 O  O   . CYS A 1 23 ? -1.553  -3.737  4.196   1.00 9.18  ?  23  CYS A O   1 
ATOM   167 C  CB  . CYS A 1 23 ? -2.280  -3.498  1.042   1.00 8.93  ?  23  CYS A CB  1 
ATOM   168 S  SG  . CYS A 1 23 ? -2.198  -4.212  -0.620  1.00 9.06  ?  23  CYS A SG  1 
ATOM   169 N  N   . GLN A 1 24 ? -3.723  -3.237  3.871   1.00 9.08  ?  24  GLN A N   1 
ATOM   170 C  CA  . GLN A 1 24 ? -3.838  -2.600  5.180   1.00 9.33  ?  24  GLN A CA  1 
ATOM   171 C  C   . GLN A 1 24 ? -3.551  -3.589  6.303   1.00 9.69  ?  24  GLN A C   1 
ATOM   172 O  O   . GLN A 1 24 ? -2.821  -3.273  7.249   1.00 10.19 ?  24  GLN A O   1 
ATOM   173 C  CB  . GLN A 1 24 ? -5.213  -1.949  5.346   1.00 9.87  ?  24  GLN A CB  1 
ATOM   174 C  CG  . GLN A 1 24 ? -5.436  -0.750  4.439   1.00 10.29 ?  24  GLN A CG  1 
ATOM   175 C  CD  . GLN A 1 24 ? -6.617  0.108   4.865   1.00 10.41 ?  24  GLN A CD  1 
ATOM   176 O  OE1 . GLN A 1 24 ? -6.835  0.337   6.050   1.00 11.30 ?  24  GLN A OE1 1 
ATOM   177 N  NE2 . GLN A 1 24 ? -7.365  0.607   3.894   1.00 11.15 ?  24  GLN A NE2 1 
ATOM   178 N  N   . LYS A 1 25 ? -4.109  -4.794  6.212   1.00 9.93  ?  25  LYS A N   1 
ATOM   179 C  CA  . LYS A 1 25 ? -3.842  -5.808  7.228   1.00 10.54 ?  25  LYS A CA  1 
ATOM   180 C  C   . LYS A 1 25 ? -2.368  -6.188  7.248   1.00 10.28 ?  25  LYS A C   1 
ATOM   181 O  O   . LYS A 1 25 ? -1.781  -6.371  8.318   1.00 10.88 ?  25  LYS A O   1 
ATOM   182 C  CB  . LYS A 1 25 ? -4.716  -7.044  6.983   1.00 12.20 ?  25  LYS A CB  1 
ATOM   183 C  CG  . LYS A 1 25 ? -6.190  -6.832  7.247   1.00 15.59 ?  25  LYS A CG  1 
ATOM   184 C  CD  . LYS A 1 25 ? -6.990  -8.086  6.955   1.00 17.84 ?  25  LYS A CD  1 
ATOM   185 C  CE  . LYS A 1 25 ? -8.467  -7.852  7.212   1.00 22.42 ?  25  LYS A CE  1 
ATOM   186 N  NZ  . LYS A 1 25 ? -8.694  -7.332  8.587   1.00 26.68 ?  25  LYS A NZ  1 
ATOM   187 N  N   . TRP A 1 26 ? -1.755  -6.323  6.072   1.00 10.08 ?  26  TRP A N   1 
ATOM   188 C  CA  . TRP A 1 26 ? -0.340  -6.672  5.982   1.00 10.16 ?  26  TRP A CA  1 
ATOM   189 C  C   . TRP A 1 26 ? 0.541   -5.584  6.592   1.00 10.33 ?  26  TRP A C   1 
ATOM   190 O  O   . TRP A 1 26 ? 1.476   -5.875  7.353   1.00 10.89 ?  26  TRP A O   1 
ATOM   191 C  CB  . TRP A 1 26 ? 0.030   -6.909  4.512   1.00 10.63 ?  26  TRP A CB  1 
ATOM   192 C  CG  . TRP A 1 26 ? 1.465   -7.270  4.354   1.00 9.85  ?  26  TRP A CG  1 
ATOM   193 C  CD1 . TRP A 1 26 ? 2.491   -6.440  3.993   1.00 10.62 ?  26  TRP A CD1 1 
ATOM   194 C  CD2 . TRP A 1 26 ? 2.055   -8.547  4.611   1.00 9.98  ?  26  TRP A CD2 1 
ATOM   195 N  NE1 . TRP A 1 26 ? 3.680   -7.122  3.998   1.00 10.55 ?  26  TRP A NE1 1 
ATOM   196 C  CE2 . TRP A 1 26 ? 3.438   -8.420  4.372   1.00 10.00 ?  26  TRP A CE2 1 
ATOM   197 C  CE3 . TRP A 1 26 ? 1.550   -9.792  5.013   1.00 10.82 ?  26  TRP A CE3 1 
ATOM   198 C  CZ2 . TRP A 1 26 ? 4.322   -9.482  4.527   1.00 10.92 ?  26  TRP A CZ2 1 
ATOM   199 C  CZ3 . TRP A 1 26 ? 2.430   -10.842 5.171   1.00 11.50 ?  26  TRP A CZ3 1 
ATOM   200 C  CH2 . TRP A 1 26 ? 3.801   -10.685 4.922   1.00 11.45 ?  26  TRP A CH2 1 
ATOM   201 N  N   A ILE A 1 27 ? 0.272   -4.320  6.273   0.31 10.10 ?  27  ILE A N   1 
ATOM   202 N  N   B ILE A 1 27 ? 0.253   -4.326  6.232   0.69 10.13 ?  27  ILE A N   1 
ATOM   203 C  CA  A ILE A 1 27 ? 1.116   -3.269  6.833   0.31 9.76  ?  27  ILE A CA  1 
ATOM   204 C  CA  B ILE A 1 27 ? 0.940   -3.147  6.764   0.69 11.02 ?  27  ILE A CA  1 
ATOM   205 C  C   A ILE A 1 27 ? 0.861   -3.045  8.320   0.31 11.39 ?  27  ILE A C   1 
ATOM   206 C  C   B ILE A 1 27 ? 0.863   -3.134  8.287   0.69 10.32 ?  27  ILE A C   1 
ATOM   207 O  O   A ILE A 1 27 ? 1.760   -2.574  9.027   0.31 11.60 ?  27  ILE A O   1 
ATOM   208 O  O   B ILE A 1 27 ? 1.863   -2.931  8.987   0.69 10.21 ?  27  ILE A O   1 
ATOM   209 C  CB  A ILE A 1 27 ? 1.062   -1.976  6.003   0.31 9.88  ?  27  ILE A CB  1 
ATOM   210 C  CB  B ILE A 1 27 ? 0.334   -1.870  6.137   0.69 9.91  ?  27  ILE A CB  1 
ATOM   211 C  CG1 A ILE A 1 27 ? -0.309  -1.320  6.146   0.31 11.29 ?  27  ILE A CG1 1 
ATOM   212 C  CG1 B ILE A 1 27 ? 0.755   -1.722  4.668   0.69 10.67 ?  27  ILE A CG1 1 
ATOM   213 C  CG2 A ILE A 1 27 ? 1.363   -2.272  4.543   0.31 10.16 ?  27  ILE A CG2 1 
ATOM   214 C  CG2 B ILE A 1 27 ? 0.719   -0.624  6.911   0.69 11.03 ?  27  ILE A CG2 1 
ATOM   215 C  CD1 A ILE A 1 27 ? -0.471  -0.078  5.305   0.31 11.78 ?  27  ILE A CD1 1 
ATOM   216 C  CD1 B ILE A 1 27 ? -0.127  -0.791  3.851   0.69 10.69 ?  27  ILE A CD1 1 
ATOM   217 N  N   . HIS A 1 28 ? -0.338  -3.363  8.818   1.00 10.84 ?  28  HIS A N   1 
ATOM   218 C  CA  . HIS A 1 28 ? -0.547  -3.380  10.263  1.00 11.46 ?  28  HIS A CA  1 
ATOM   219 C  C   . HIS A 1 28 ? 0.307   -4.462  10.918  1.00 11.51 ?  28  HIS A C   1 
ATOM   220 O  O   . HIS A 1 28 ? 0.997   -4.213  11.914  1.00 12.58 ?  28  HIS A O   1 
ATOM   221 C  CB  . HIS A 1 28 ? -2.031  -3.615  10.540  1.00 12.61 ?  28  HIS A CB  1 
ATOM   222 C  CG  . HIS A 1 28 ? -2.385  -3.627  11.993  1.00 14.39 ?  28  HIS A CG  1 
ATOM   223 N  ND1 . HIS A 1 28 ? -3.534  -4.218  12.472  1.00 18.11 ?  28  HIS A ND1 1 
ATOM   224 C  CD2 . HIS A 1 28 ? -1.751  -3.110  13.072  1.00 16.63 ?  28  HIS A CD2 1 
ATOM   225 C  CE1 . HIS A 1 28 ? -3.587  -4.073  13.784  1.00 18.83 ?  28  HIS A CE1 1 
ATOM   226 N  NE2 . HIS A 1 28 ? -2.517  -3.403  14.172  1.00 16.92 ?  28  HIS A NE2 1 
ATOM   227 N  N   . LYS A 1 29 ? 0.285   -5.668  10.345  1.00 11.60 ?  29  LYS A N   1 
ATOM   228 C  CA  . LYS A 1 29 ? 1.062   -6.791  10.862  1.00 12.66 ?  29  LYS A CA  1 
ATOM   229 C  C   . LYS A 1 29 ? 2.551   -6.471  10.891  1.00 12.71 ?  29  LYS A C   1 
ATOM   230 O  O   . LYS A 1 29 ? 3.234   -6.751  11.881  1.00 13.75 ?  29  LYS A O   1 
ATOM   231 C  CB  . LYS A 1 29 ? 0.786   -8.020  9.991   1.00 14.63 ?  29  LYS A CB  1 
ATOM   232 C  CG  . LYS A 1 29 ? 1.810   -9.138  10.068  1.00 18.93 ?  29  LYS A CG  1 
ATOM   233 C  CD  . LYS A 1 29 ? 1.474   -10.226 9.053   1.00 22.35 ?  29  LYS A CD  1 
ATOM   234 C  CE  . LYS A 1 29 ? 2.541   -11.305 9.008   1.00 23.18 ?  29  LYS A CE  1 
ATOM   235 N  NZ  . LYS A 1 29 ? 2.749   -11.929 10.343  1.00 24.74 ?  29  LYS A NZ  1 
ATOM   236 N  N   . GLN A 1 30 ? 3.073   -5.875  9.819   1.00 11.91 ?  30  GLN A N   1 
ATOM   237 C  CA  . GLN A 1 30 ? 4.489   -5.518  9.801   1.00 11.61 ?  30  GLN A CA  1 
ATOM   238 C  C   . GLN A 1 30 ? 4.799   -4.421  10.811  1.00 12.26 ?  30  GLN A C   1 
ATOM   239 O  O   . GLN A 1 30 ? 5.842   -4.461  11.472  1.00 13.19 ?  30  GLN A O   1 
ATOM   240 C  CB  . GLN A 1 30 ? 4.912   -5.088  8.398   1.00 12.58 ?  30  GLN A CB  1 
ATOM   241 C  CG  . GLN A 1 30 ? 4.984   -6.230  7.405   1.00 12.78 ?  30  GLN A CG  1 
ATOM   242 C  CD  . GLN A 1 30 ? 6.050   -7.243  7.766   1.00 13.90 ?  30  GLN A CD  1 
ATOM   243 O  OE1 . GLN A 1 30 ? 7.032   -6.925  8.433   1.00 15.67 ?  30  GLN A OE1 1 
ATOM   244 N  NE2 . GLN A 1 30 ? 5.860   -8.475  7.329   1.00 15.85 ?  30  GLN A NE2 1 
ATOM   245 N  N   . ALA A 1 31 ? 3.905   -3.439  10.942  1.00 12.09 ?  31  ALA A N   1 
ATOM   246 C  CA  . ALA A 1 31 ? 4.170   -2.294  11.804  1.00 13.07 ?  31  ALA A CA  1 
ATOM   247 C  C   . ALA A 1 31 ? 4.358   -2.725  13.251  1.00 14.18 ?  31  ALA A C   1 
ATOM   248 O  O   . ALA A 1 31 ? 5.280   -2.258  13.930  1.00 14.35 ?  31  ALA A O   1 
ATOM   249 C  CB  . ALA A 1 31 ? 3.041   -1.275  11.701  1.00 13.13 ?  31  ALA A CB  1 
ATOM   250 N  N   . THR A 1 32 ? 3.497   -3.612  13.740  1.00 14.67 ?  32  THR A N   1 
ATOM   251 C  CA  . THR A 1 32 ? 3.565   -3.989  15.146  1.00 16.77 ?  32  THR A CA  1 
ATOM   252 C  C   . THR A 1 32 ? 4.727   -4.923  15.459  1.00 19.23 ?  32  THR A C   1 
ATOM   253 O  O   . THR A 1 32 ? 4.943   -5.237  16.631  1.00 19.40 ?  32  THR A O   1 
ATOM   254 C  CB  . THR A 1 32 ? 2.230   -4.557  15.640  1.00 18.65 ?  32  THR A CB  1 
ATOM   255 O  OG1 . THR A 1 32 ? 1.918   -5.767  14.942  1.00 23.68 ?  32  THR A OG1 1 
ATOM   256 C  CG2 . THR A 1 32 ? 1.116   -3.540  15.446  1.00 21.16 ?  32  THR A CG2 1 
ATOM   257 N  N   . SER A 1 33 ? 5.487   -5.352  14.454  1.00 18.31 ?  33  SER A N   1 
ATOM   258 C  CA  . SER A 1 33 ? 6.710   -6.111  14.671  1.00 21.41 ?  33  SER A CA  1 
ATOM   259 C  C   . SER A 1 33 ? 7.936   -5.221  14.840  1.00 20.94 ?  33  SER A C   1 
ATOM   260 O  O   . SER A 1 33 ? 9.042   -5.746  15.014  1.00 23.93 ?  33  SER A O   1 
ATOM   261 C  CB  . SER A 1 33 ? 6.943   -7.088  13.512  1.00 26.78 ?  33  SER A CB  1 
ATOM   262 O  OG  . SER A 1 33 ? 5.880   -8.020  13.404  1.00 29.12 ?  33  SER A OG  1 
ATOM   263 N  N   . ALA A 1 34 ? 7.768   -3.898  14.796  1.00 19.56 ?  34  ALA A N   1 
ATOM   264 C  CA  . ALA A 1 34 ? 8.910   -2.995  14.863  1.00 20.65 ?  34  ALA A CA  1 
ATOM   265 C  C   . ALA A 1 34 ? 9.668   -3.163  16.173  1.00 21.64 ?  34  ALA A C   1 
ATOM   266 O  O   . ALA A 1 34 ? 9.074   -3.277  17.249  1.00 22.72 ?  34  ALA A O   1 
ATOM   267 C  CB  . ALA A 1 34 ? 8.444   -1.547  14.726  1.00 20.66 ?  34  ALA A CB  1 
ATOM   268 N  N   . GLY A 1 35 ? 10.990  -3.176  16.075  1.00 22.44 ?  35  GLY A N   1 
ATOM   269 C  CA  . GLY A 1 35 ? 11.839  -3.327  17.240  1.00 24.99 ?  35  GLY A CA  1 
ATOM   270 C  C   . GLY A 1 35 ? 11.836  -4.738  17.793  1.00 28.00 ?  35  GLY A C   1 
ATOM   271 O  O   . GLY A 1 35 ? 12.542  -5.038  18.755  1.00 30.00 ?  35  GLY A O   1 
ATOM   272 N  N   . PRO B 2 1  ? 8.760   -22.332 3.158   1.00 28.79 ?  56  PRO B N   1 
ATOM   273 C  CA  . PRO B 2 1  ? 7.916   -22.303 1.959   1.00 28.49 ?  56  PRO B CA  1 
ATOM   274 C  C   . PRO B 2 1  ? 8.338   -21.209 0.982   1.00 24.80 ?  56  PRO B C   1 
ATOM   275 O  O   . PRO B 2 1  ? 8.642   -20.093 1.402   1.00 26.41 ?  56  PRO B O   1 
ATOM   276 C  CB  . PRO B 2 1  ? 6.527   -21.996 2.526   1.00 29.60 ?  56  PRO B CB  1 
ATOM   277 C  CG  . PRO B 2 1  ? 6.561   -22.549 3.906   1.00 29.25 ?  56  PRO B CG  1 
ATOM   278 C  CD  . PRO B 2 1  ? 7.962   -22.313 4.396   1.00 28.05 ?  56  PRO B CD  1 
ATOM   279 N  N   . GLU B 2 2  ? 8.357   -21.531 -0.312  1.00 24.94 ?  57  GLU B N   1 
ATOM   280 C  CA  . GLU B 2 2  ? 8.718   -20.545 -1.324  1.00 25.00 ?  57  GLU B CA  1 
ATOM   281 C  C   . GLU B 2 2  ? 7.547   -19.662 -1.736  1.00 21.52 ?  57  GLU B C   1 
ATOM   282 O  O   . GLU B 2 2  ? 7.774   -18.534 -2.188  1.00 24.45 ?  57  GLU B O   1 
ATOM   283 C  CB  . GLU B 2 2  ? 9.344   -21.226 -2.544  1.00 28.61 ?  57  GLU B CB  1 
ATOM   284 C  CG  . GLU B 2 2  ? 10.817  -21.566 -2.369  1.00 31.46 ?  57  GLU B CG  1 
ATOM   285 C  CD  . GLU B 2 2  ? 11.705  -20.337 -2.411  1.00 33.61 ?  57  GLU B CD  1 
ATOM   286 O  OE1 . GLU B 2 2  ? 11.575  -19.541 -3.365  1.00 34.91 ?  57  GLU B OE1 1 
ATOM   287 O  OE2 . GLU B 2 2  ? 12.525  -20.162 -1.486  1.00 34.61 ?  57  GLU B OE2 1 
ATOM   288 N  N   . GLN B 2 3  ? 6.311   -20.136 -1.596  1.00 19.33 ?  58  GLN B N   1 
ATOM   289 C  CA  . GLN B 2 3  ? 5.167   -19.260 -1.807  1.00 16.61 ?  58  GLN B CA  1 
ATOM   290 C  C   . GLN B 2 3  ? 5.058   -18.261 -0.662  1.00 14.36 ?  58  GLN B C   1 
ATOM   291 O  O   . GLN B 2 3  ? 5.419   -18.545 0.481   1.00 17.01 ?  58  GLN B O   1 
ATOM   292 C  CB  . GLN B 2 3  ? 3.872   -20.064 -1.909  1.00 14.88 ?  58  GLN B CB  1 
ATOM   293 C  CG  . GLN B 2 3  ? 3.748   -20.904 -3.170  1.00 15.33 ?  58  GLN B CG  1 
ATOM   294 C  CD  . GLN B 2 3  ? 2.364   -21.499 -3.323  1.00 13.25 ?  58  GLN B CD  1 
ATOM   295 O  OE1 . GLN B 2 3  ? 2.148   -22.679 -3.053  1.00 14.50 ?  58  GLN B OE1 1 
ATOM   296 N  NE2 . GLN B 2 3  ? 1.416   -20.685 -3.758  1.00 13.35 ?  58  GLN B NE2 1 
ATOM   297 N  N   . ARG B 2 4  ? 4.548   -17.084 -0.985  1.00 14.57 ?  59  ARG B N   1 
ATOM   298 C  CA  . ARG B 2 4  ? 4.431   -15.992 -0.042  1.00 14.02 ?  59  ARG B CA  1 
ATOM   299 C  C   . ARG B 2 4  ? 3.281   -16.228 0.934   1.00 12.14 ?  59  ARG B C   1 
ATOM   300 O  O   . ARG B 2 4  ? 2.407   -17.069 0.694   1.00 11.98 ?  59  ARG B O   1 
ATOM   301 C  CB  . ARG B 2 4  ? 4.203   -14.696 -0.813  1.00 14.45 ?  59  ARG B CB  1 
ATOM   302 C  CG  . ARG B 2 4  ? 5.437   -14.194 -1.550  1.00 18.03 ?  59  ARG B CG  1 
ATOM   303 C  CD  . ARG B 2 4  ? 5.097   -13.073 -2.517  1.00 20.56 ?  59  ARG B CD  1 
ATOM   304 N  NE  . ARG B 2 4  ? 4.245   -13.539 -3.602  1.00 20.67 ?  59  ARG B NE  1 
ATOM   305 C  CZ  . ARG B 2 4  ? 3.829   -12.781 -4.607  1.00 19.86 ?  59  ARG B CZ  1 
ATOM   306 N  NH1 . ARG B 2 4  ? 4.174   -11.507 -4.701  1.00 20.17 ?  59  ARG B NH1 1 
ATOM   307 N  NH2 . ARG B 2 4  ? 3.048   -13.315 -5.542  1.00 19.52 ?  59  ARG B NH2 1 
ATOM   308 N  N   . PRO B 2 5  ? 3.258   -15.494 2.046   1.00 11.88 ?  60  PRO B N   1 
ATOM   309 C  CA  . PRO B 2 5  ? 2.118   -15.575 2.956   1.00 11.65 ?  60  PRO B CA  1 
ATOM   310 C  C   . PRO B 2 5  ? 0.828   -15.244 2.226   1.00 10.98 ?  60  PRO B C   1 
ATOM   311 O  O   . PRO B 2 5  ? 0.789   -14.318 1.400   1.00 10.76 ?  60  PRO B O   1 
ATOM   312 C  CB  . PRO B 2 5  ? 2.447   -14.515 4.019   1.00 12.98 ?  60  PRO B CB  1 
ATOM   313 C  CG  . PRO B 2 5  ? 3.943   -14.481 4.024   1.00 13.17 ?  60  PRO B CG  1 
ATOM   314 C  CD  . PRO B 2 5  ? 4.315   -14.614 2.577   1.00 12.94 ?  60  PRO B CD  1 
ATOM   315 N  N   . PRO B 2 6  ? -0.240  -15.991 2.485   1.00 10.98 ?  61  PRO B N   1 
ATOM   316 C  CA  . PRO B 2 6  ? -1.490  -15.755 1.744   1.00 10.84 ?  61  PRO B CA  1 
ATOM   317 C  C   . PRO B 2 6  ? -1.985  -14.319 1.794   1.00 10.12 ?  61  PRO B C   1 
ATOM   318 O  O   . PRO B 2 6  ? -2.475  -13.803 0.778   1.00 10.08 ?  61  PRO B O   1 
ATOM   319 C  CB  . PRO B 2 6  ? -2.462  -16.756 2.385   1.00 12.03 ?  61  PRO B CB  1 
ATOM   320 C  CG  . PRO B 2 6  ? -1.569  -17.900 2.795   1.00 12.79 ?  61  PRO B CG  1 
ATOM   321 C  CD  . PRO B 2 6  ? -0.300  -17.232 3.285   1.00 12.06 ?  61  PRO B CD  1 
ATOM   322 N  N   . LEU B 2 7  ? -1.847  -13.648 2.939   1.00 10.39 ?  62  LEU B N   1 
ATOM   323 C  CA  . LEU B 2 7  ? -2.334  -12.280 3.050   1.00 10.50 ?  62  LEU B CA  1 
ATOM   324 C  C   . LEU B 2 7  ? -1.566  -11.337 2.126   1.00 9.83  ?  62  LEU B C   1 
ATOM   325 O  O   . LEU B 2 7  ? -2.146  -10.411 1.544   1.00 10.19 ?  62  LEU B O   1 
ATOM   326 C  CB  . LEU B 2 7  ? -2.224  -11.823 4.503   1.00 11.14 ?  62  LEU B CB  1 
ATOM   327 C  CG  . LEU B 2 7  ? -2.669  -10.391 4.795   1.00 12.09 ?  62  LEU B CG  1 
ATOM   328 C  CD1 . LEU B 2 7  ? -4.138  -10.203 4.464   1.00 12.94 ?  62  LEU B CD1 1 
ATOM   329 C  CD2 . LEU B 2 7  ? -2.393  -10.053 6.253   1.00 12.76 ?  62  LEU B CD2 1 
ATOM   330 N  N   . LEU B 2 8  ? -0.252  -11.538 2.005   1.00 9.92  ?  63  LEU B N   1 
ATOM   331 C  CA  . LEU B 2 8  ? 0.541   -10.718 1.099   1.00 9.83  ?  63  LEU B CA  1 
ATOM   332 C  C   . LEU B 2 8  ? 0.080   -10.905 -0.341  1.00 9.51  ?  63  LEU B C   1 
ATOM   333 O  O   . LEU B 2 8  ? -0.070  -9.933  -1.087  1.00 9.84  ?  63  LEU B O   1 
ATOM   334 C  CB  . LEU B 2 8  ? 2.022   -11.051 1.259   1.00 10.21 ?  63  LEU B CB  1 
ATOM   335 C  CG  . LEU B 2 8  ? 2.977   -10.301 0.330   1.00 10.67 ?  63  LEU B CG  1 
ATOM   336 C  CD1 . LEU B 2 8  ? 2.814   -8.783  0.456   1.00 11.32 ?  63  LEU B CD1 1 
ATOM   337 C  CD2 . LEU B 2 8  ? 4.408   -10.724 0.588   1.00 12.10 ?  63  LEU B CD2 1 
ATOM   338 N  N   . ARG B 2 9  ? -0.190  -12.148 -0.739  1.00 9.94  ?  64  ARG B N   1 
ATOM   339 C  CA  . ARG B 2 9  ? -0.702  -12.401 -2.083  1.00 9.70  ?  64  ARG B CA  1 
ATOM   340 C  C   . ARG B 2 9  ? -2.039  -11.708 -2.320  1.00 9.90  ?  64  ARG B C   1 
ATOM   341 O  O   . ARG B 2 9  ? -2.268  -11.150 -3.399  1.00 10.33 ?  64  ARG B O   1 
ATOM   342 C  CB  . ARG B 2 9  ? -0.796  -13.907 -2.320  1.00 10.25 ?  64  ARG B CB  1 
ATOM   343 C  CG  . ARG B 2 9  ? 0.567   -14.539 -2.529  1.00 11.16 ?  64  ARG B CG  1 
ATOM   344 C  CD  . ARG B 2 9  ? 0.704   -15.864 -1.827  1.00 11.21 ?  64  ARG B CD  1 
ATOM   345 N  NE  . ARG B 2 9  ? -0.288  -16.817 -2.293  1.00 10.36 ?  64  ARG B NE  1 
ATOM   346 C  CZ  . ARG B 2 9  ? -0.330  -18.074 -1.887  1.00 10.16 ?  64  ARG B CZ  1 
ATOM   347 N  NH1 . ARG B 2 9  ? 0.507   -18.523 -0.963  1.00 10.86 ?  64  ARG B NH1 1 
ATOM   348 N  NH2 . ARG B 2 9  ? -1.220  -18.901 -2.431  1.00 10.35 ?  64  ARG B NH2 1 
ATOM   349 N  N   . LEU B 2 10 ? -2.941  -11.733 -1.331  1.00 9.79  ?  65  LEU B N   1 
ATOM   350 C  CA  . LEU B 2 10 ? -4.202  -11.013 -1.492  1.00 9.91  ?  65  LEU B CA  1 
ATOM   351 C  C   . LEU B 2 10 ? -3.958  -9.523  -1.706  1.00 9.65  ?  65  LEU B C   1 
ATOM   352 O  O   . LEU B 2 10 ? -4.629  -8.881  -2.519  1.00 10.55 ?  65  LEU B O   1 
ATOM   353 C  CB  . LEU B 2 10 ? -5.097  -11.207 -0.272  1.00 10.80 ?  65  LEU B CB  1 
ATOM   354 C  CG  . LEU B 2 10 ? -5.647  -12.591 0.031   1.00 11.74 ?  65  LEU B CG  1 
ATOM   355 C  CD1 . LEU B 2 10 ? -6.534  -12.513 1.258   1.00 13.36 ?  65  LEU B CD1 1 
ATOM   356 C  CD2 . LEU B 2 10 ? -6.415  -13.134 -1.179  1.00 12.25 ?  65  LEU B CD2 1 
ATOM   357 N  N   . CYS B 2 11 ? -3.005  -8.957  -0.967  1.00 9.42  ?  66  CYS B N   1 
ATOM   358 C  CA  . CYS B 2 11 ? -2.646  -7.555  -1.149  1.00 9.18  ?  66  CYS B CA  1 
ATOM   359 C  C   . CYS B 2 11 ? -2.136  -7.298  -2.559  1.00 9.65  ?  66  CYS B C   1 
ATOM   360 O  O   . CYS B 2 11 ? -2.544  -6.329  -3.215  1.00 10.55 ?  66  CYS B O   1 
ATOM   361 C  CB  . CYS B 2 11 ? -1.584  -7.172  -0.106  1.00 9.07  ?  66  CYS B CB  1 
ATOM   362 S  SG  . CYS B 2 11 ? -0.720  -5.616  -0.460  1.00 9.24  ?  66  CYS B SG  1 
ATOM   363 N  N   . CYS B 2 12 ? -1.246  -8.160  -3.052  1.00 10.39 ?  67  CYS B N   1 
ATOM   364 C  CA  . CYS B 2 12 ? -0.705  -7.945  -4.388  1.00 12.36 ?  67  CYS B CA  1 
ATOM   365 C  C   . CYS B 2 12 ? -1.799  -8.017  -5.448  1.00 12.90 ?  67  CYS B C   1 
ATOM   366 O  O   . CYS B 2 12 ? -1.776  -7.255  -6.418  1.00 14.53 ?  67  CYS B O   1 
ATOM   367 C  CB  . CYS B 2 12 ? 0.432   -8.923  -4.682  1.00 13.41 ?  67  CYS B CB  1 
ATOM   368 S  SG  . CYS B 2 12 ? 1.872   -8.800  -3.558  1.00 17.43 ?  67  CYS B SG  1 
ATOM   369 N  N   . THR B 2 13 ? -2.778  -8.910  -5.272  1.00 13.06 ?  68  THR B N   1 
ATOM   370 C  CA  . THR B 2 13 ? -3.897  -8.976  -6.207  1.00 13.78 ?  68  THR B CA  1 
ATOM   371 C  C   . THR B 2 13 ? -4.700  -7.678  -6.194  1.00 13.49 ?  68  THR B C   1 
ATOM   372 O  O   . THR B 2 13 ? -5.093  -7.170  -7.248  1.00 14.45 ?  68  THR B O   1 
ATOM   373 C  CB  . THR B 2 13 ? -4.772  -10.189 -5.882  1.00 14.76 ?  68  THR B CB  1 
ATOM   374 O  OG1 . THR B 2 13 ? -4.005  -11.378 -6.089  1.00 15.63 ?  68  THR B OG1 1 
ATOM   375 C  CG2 . THR B 2 13 ? -6.009  -10.228 -6.763  1.00 15.70 ?  68  THR B CG2 1 
ATOM   376 N  N   . GLN B 2 14 ? -4.933  -7.112  -5.008  1.00 12.19 ?  69  GLN B N   1 
ATOM   377 C  CA  . GLN B 2 14 ? -5.636  -5.836  -4.926  1.00 11.90 ?  69  GLN B CA  1 
ATOM   378 C  C   . GLN B 2 14 ? -4.847  -4.718  -5.591  1.00 11.65 ?  69  GLN B C   1 
ATOM   379 O  O   . GLN B 2 14 ? -5.420  -3.892  -6.313  1.00 11.99 ?  69  GLN B O   1 
ATOM   380 C  CB  . GLN B 2 14 ? -5.953  -5.488  -3.473  1.00 11.80 ?  69  GLN B CB  1 
ATOM   381 C  CG  . GLN B 2 14 ? -7.000  -6.402  -2.867  1.00 12.08 ?  69  GLN B CG  1 
ATOM   382 C  CD  . GLN B 2 14 ? -7.273  -6.099  -1.413  1.00 12.44 ?  69  GLN B CD  1 
ATOM   383 O  OE1 . GLN B 2 14 ? -6.392  -5.642  -0.685  1.00 12.55 ?  69  GLN B OE1 1 
ATOM   384 N  NE2 . GLN B 2 14 ? -8.497  -6.348  -0.975  1.00 14.24 ?  69  GLN B NE2 1 
ATOM   385 N  N   . LEU B 2 15 ? -3.531  -4.671  -5.362  1.00 11.95 ?  70  LEU B N   1 
ATOM   386 C  CA  . LEU B 2 15 ? -2.711  -3.636  -5.991  1.00 12.01 ?  70  LEU B CA  1 
ATOM   387 C  C   . LEU B 2 15 ? -2.769  -3.728  -7.511  1.00 12.50 ?  70  LEU B C   1 
ATOM   388 O  O   . LEU B 2 15 ? -2.751  -2.701  -8.202  1.00 12.32 ?  70  LEU B O   1 
ATOM   389 C  CB  . LEU B 2 15 ? -1.263  -3.738  -5.508  1.00 12.69 ?  70  LEU B CB  1 
ATOM   390 C  CG  . LEU B 2 15 ? -0.979  -3.172  -4.128  1.00 14.82 ?  70  LEU B CG  1 
ATOM   391 C  CD1 . LEU B 2 15 ? 0.441   -3.498  -3.692  1.00 15.24 ?  70  LEU B CD1 1 
ATOM   392 C  CD2 . LEU B 2 15 ? -1.226  -1.668  -4.161  1.00 15.29 ?  70  LEU B CD2 1 
ATOM   393 N  N   . HIS B 2 16 ? -2.839  -4.947  -8.049  1.00 12.56 ?  71  HIS B N   1 
ATOM   394 C  CA  . HIS B 2 16 ? -2.934  -5.145  -9.488  1.00 13.50 ?  71  HIS B CA  1 
ATOM   395 C  C   . HIS B 2 16 ? -4.241  -4.643  -10.075 1.00 13.09 ?  71  HIS B C   1 
ATOM   396 O  O   . HIS B 2 16 ? -4.346  -4.554  -11.299 1.00 14.55 ?  71  HIS B O   1 
ATOM   397 C  CB  . HIS B 2 16 ? -2.776  -6.623  -9.839  1.00 15.55 ?  71  HIS B CB  1 
ATOM   398 C  CG  . HIS B 2 16 ? -1.396  -7.147  -9.623  1.00 18.80 ?  71  HIS B CG  1 
ATOM   399 N  ND1 . HIS B 2 16 ? -1.118  -8.494  -9.543  1.00 24.73 ?  71  HIS B ND1 1 
ATOM   400 C  CD2 . HIS B 2 16 ? -0.213  -6.509  -9.464  1.00 22.69 ?  71  HIS B CD2 1 
ATOM   401 C  CE1 . HIS B 2 16 ? 0.176   -8.664  -9.346  1.00 25.68 ?  71  HIS B CE1 1 
ATOM   402 N  NE2 . HIS B 2 16 ? 0.748   -7.475  -9.293  1.00 23.45 ?  71  HIS B NE2 1 
ATOM   403 N  N   . GLN B 2 17 ? -5.233  -4.322  -9.254  1.00 12.57 ?  72  GLN B N   1 
ATOM   404 C  CA  . GLN B 2 17 ? -6.449  -3.691  -9.755  1.00 12.97 ?  72  GLN B CA  1 
ATOM   405 C  C   . GLN B 2 17 ? -6.278  -2.201  -10.005 1.00 14.08 ?  72  GLN B C   1 
ATOM   406 O  O   . GLN B 2 17 ? -7.243  -1.536  -10.393 1.00 16.92 ?  72  GLN B O   1 
ATOM   407 C  CB  . GLN B 2 17 ? -7.593  -3.921  -8.771  1.00 14.20 ?  72  GLN B CB  1 
ATOM   408 C  CG  . GLN B 2 17 ? -7.871  -5.384  -8.501  1.00 15.89 ?  72  GLN B CG  1 
ATOM   409 C  CD  . GLN B 2 17 ? -9.000  -5.588  -7.515  1.00 21.32 ?  72  GLN B CD  1 
ATOM   410 O  OE1 . GLN B 2 17 ? -8.832  -6.245  -6.490  1.00 27.75 ?  72  GLN B OE1 1 
ATOM   411 N  NE2 . GLN B 2 17 ? -10.163 -5.024  -7.821  1.00 26.18 ?  72  GLN B NE2 1 
ATOM   412 N  N   . GLN B 2 18 ? -5.082  -1.666  -9.787  1.00 12.27 ?  73  GLN B N   1 
ATOM   413 C  CA  . GLN B 2 18 ? -4.818  -0.246  -9.951  1.00 11.98 ?  73  GLN B CA  1 
ATOM   414 C  C   . GLN B 2 18 ? -3.748  -0.021  -11.013 1.00 12.15 ?  73  GLN B C   1 
ATOM   415 O  O   . GLN B 2 18 ? -2.908  -0.889  -11.268 1.00 14.25 ?  73  GLN B O   1 
ATOM   416 C  CB  . GLN B 2 18 ? -4.361  0.355   -8.622  1.00 12.01 ?  73  GLN B CB  1 
ATOM   417 C  CG  . GLN B 2 18 ? -5.314  0.071   -7.477  1.00 11.60 ?  73  GLN B CG  1 
ATOM   418 C  CD  . GLN B 2 18 ? -4.955  0.829   -6.234  1.00 12.04 ?  73  GLN B CD  1 
ATOM   419 O  OE1 . GLN B 2 18 ? -5.815  1.303   -5.499  1.00 14.12 ?  73  GLN B OE1 1 
ATOM   420 N  NE2 . GLN B 2 18 ? -3.666  0.947   -5.990  1.00 11.23 ?  73  GLN B NE2 1 
ATOM   421 N  N   . ASN B 2 19 ? -3.777  1.164   -11.626 1.00 12.44 ?  74  ASN B N   1 
ATOM   422 C  CA  . ASN B 2 19 ? -2.722  1.540   -12.547 1.00 12.24 ?  74  ASN B CA  1 
ATOM   423 C  C   . ASN B 2 19 ? -1.432  1.849   -11.784 1.00 11.62 ?  74  ASN B C   1 
ATOM   424 O  O   . ASN B 2 19 ? -1.474  2.366   -10.665 1.00 11.90 ?  74  ASN B O   1 
ATOM   425 C  CB  . ASN B 2 19 ? -3.127  2.780   -13.338 1.00 12.27 ?  74  ASN B CB  1 
ATOM   426 C  CG  . ASN B 2 19 ? -4.319  2.542   -14.229 1.00 13.13 ?  74  ASN B CG  1 
ATOM   427 O  OD1 . ASN B 2 19 ? -5.299  3.269   -14.163 1.00 14.73 ?  74  ASN B OD1 1 
ATOM   428 N  ND2 . ASN B 2 19 ? -4.237  1.540   -15.081 1.00 13.06 ?  74  ASN B ND2 1 
ATOM   429 N  N   . PRO B 2 20 ? -0.274  1.578   -12.398 1.00 12.01 ?  75  PRO B N   1 
ATOM   430 C  CA  . PRO B 2 20 ? 1.012   1.851   -11.731 1.00 12.84 ?  75  PRO B CA  1 
ATOM   431 C  C   . PRO B 2 20 ? 1.132   3.243   -11.150 1.00 12.45 ?  75  PRO B C   1 
ATOM   432 O  O   . PRO B 2 20 ? 1.613   3.401   -10.025 1.00 12.78 ?  75  PRO B O   1 
ATOM   433 C  CB  . PRO B 2 20 ? 2.030   1.609   -12.852 1.00 14.96 ?  75  PRO B CB  1 
ATOM   434 C  CG  . PRO B 2 20 ? 1.375   0.585   -13.721 1.00 15.39 ?  75  PRO B CG  1 
ATOM   435 C  CD  . PRO B 2 20 ? -0.093  0.894   -13.690 1.00 13.30 ?  75  PRO B CD  1 
ATOM   436 N  N   . GLN B 2 21 ? 0.698   4.256   -11.886 1.00 12.08 ?  76  GLN B N   1 
ATOM   437 C  CA  . GLN B 2 21 ? 0.843   5.631   -11.443 1.00 13.30 ?  76  GLN B CA  1 
ATOM   438 C  C   . GLN B 2 21 ? -0.186  6.032   -10.384 1.00 12.39 ?  76  GLN B C   1 
ATOM   439 O  O   . GLN B 2 21 ? -0.161  7.175   -9.923  1.00 14.52 ?  76  GLN B O   1 
ATOM   440 C  CB  . GLN B 2 21 ? 0.907   6.585   -12.646 1.00 14.20 ?  76  GLN B CB  1 
ATOM   441 C  CG  . GLN B 2 21 ? -0.362  6.703   -13.450 1.00 13.46 ?  76  GLN B CG  1 
ATOM   442 C  CD  . GLN B 2 21 ? -0.561  5.634   -14.517 1.00 12.48 ?  76  GLN B CD  1 
ATOM   443 O  OE1 . GLN B 2 21 ? -0.178  4.471   -14.397 1.00 12.50 ?  76  GLN B OE1 1 
ATOM   444 N  NE2 . GLN B 2 21 ? -1.222  6.037   -15.561 1.00 12.23 ?  76  GLN B NE2 1 
ATOM   445 N  N   . CYS B 2 22 ? -1.067  5.113   -9.971  1.00 11.94 ?  77  CYS B N   1 
ATOM   446 C  CA  . CYS B 2 22 ? -1.921  5.296   -8.801  1.00 12.04 ?  77  CYS B CA  1 
ATOM   447 C  C   . CYS B 2 22 ? -1.432  4.554   -7.564  1.00 11.36 ?  77  CYS B C   1 
ATOM   448 O  O   . CYS B 2 22 ? -1.918  4.839   -6.463  1.00 12.58 ?  77  CYS B O   1 
ATOM   449 C  CB  . CYS B 2 22 ? -3.345  4.802   -9.089  1.00 12.45 ?  77  CYS B CB  1 
ATOM   450 S  SG  . CYS B 2 22 ? -4.307  5.812   -10.231 1.00 13.26 ?  77  CYS B SG  1 
ATOM   451 N  N   . THR B 2 23 ? -0.510  3.605   -7.715  1.00 10.68 ?  78  THR B N   1 
ATOM   452 C  CA  . THR B 2 23 ? -0.215  2.676   -6.630  1.00 10.78 ?  78  THR B CA  1 
ATOM   453 C  C   . THR B 2 23 ? 0.362   3.387   -5.400  1.00 10.27 ?  78  THR B C   1 
ATOM   454 O  O   . THR B 2 23 ? -0.093  3.156   -4.276  1.00 11.21 ?  78  THR B O   1 
ATOM   455 C  CB  . THR B 2 23 ? 0.670   1.534   -7.152  1.00 12.92 ?  78  THR B CB  1 
ATOM   456 O  OG1 . THR B 2 23 ? -0.120  0.638   -7.959  1.00 14.86 ?  78  THR B OG1 1 
ATOM   457 C  CG2 . THR B 2 23 ? 1.298   0.767   -6.017  1.00 14.09 ?  78  THR B CG2 1 
ATOM   458 N  N   . CYS B 2 24 ? 1.339   4.279   -5.588  1.00 10.66 ?  79  CYS B N   1 
ATOM   459 C  CA  . CYS B 2 24 ? 1.962   4.902   -4.421  1.00 10.93 ?  79  CYS B CA  1 
ATOM   460 C  C   . CYS B 2 24 ? 0.997   5.823   -3.679  1.00 11.37 ?  79  CYS B C   1 
ATOM   461 O  O   . CYS B 2 24 ? 0.967   5.828   -2.444  1.00 11.79 ?  79  CYS B O   1 
ATOM   462 C  CB  . CYS B 2 24 ? 3.244   5.631   -4.815  1.00 11.49 ?  79  CYS B CB  1 
ATOM   463 S  SG  . CYS B 2 24 ? 4.541   4.503   -5.335  1.00 12.29 ?  79  CYS B SG  1 
ATOM   464 N  N   . SER B 2 25 ? 0.197   6.599   -4.415  1.00 11.80 ?  80  SER B N   1 
ATOM   465 C  CA  . SER B 2 25 ? -0.775  7.483   -3.778  1.00 13.10 ?  80  SER B CA  1 
ATOM   466 C  C   . SER B 2 25 ? -1.787  6.684   -2.968  1.00 11.89 ?  80  SER B C   1 
ATOM   467 O  O   . SER B 2 25 ? -2.125  7.051   -1.835  1.00 12.60 ?  80  SER B O   1 
ATOM   468 C  CB  . SER B 2 25 ? -1.474  8.335   -4.841  1.00 15.13 ?  80  SER B CB  1 
ATOM   469 O  OG  . SER B 2 25 ? -2.436  9.207   -4.268  1.00 22.65 ?  80  SER B OG  1 
ATOM   470 N  N   . THR B 2 26 ? -2.271  5.573   -3.524  1.00 11.07 ?  81  THR B N   1 
ATOM   471 C  CA  . THR B 2 26 ? -3.259  4.780   -2.804  1.00 10.74 ?  81  THR B CA  1 
ATOM   472 C  C   . THR B 2 26 ? -2.647  4.034   -1.626  1.00 10.38 ?  81  THR B C   1 
ATOM   473 O  O   . THR B 2 26 ? -3.320  3.838   -0.610  1.00 11.02 ?  81  THR B O   1 
ATOM   474 C  CB  . THR B 2 26 ? -3.986  3.811   -3.740  1.00 12.02 ?  81  THR B CB  1 
ATOM   475 O  OG1 . THR B 2 26 ? -3.051  2.893   -4.317  1.00 12.18 ?  81  THR B OG1 1 
ATOM   476 C  CG2 . THR B 2 26 ? -4.731  4.570   -4.841  1.00 12.95 ?  81  THR B CG2 1 
ATOM   477 N  N   . LEU B 2 27 ? -1.384  3.620   -1.731  1.00 10.76 ?  82  LEU B N   1 
ATOM   478 C  CA  . LEU B 2 27 ? -0.733  2.980   -0.593  1.00 10.73 ?  82  LEU B CA  1 
ATOM   479 C  C   . LEU B 2 27 ? -0.494  3.964   0.543   1.00 11.41 ?  82  LEU B C   1 
ATOM   480 O  O   . LEU B 2 27 ? -0.572  3.583   1.715   1.00 12.71 ?  82  LEU B O   1 
ATOM   481 C  CB  . LEU B 2 27 ? 0.566   2.312   -1.034  1.00 10.79 ?  82  LEU B CB  1 
ATOM   482 C  CG  . LEU B 2 27 ? 0.354   0.934   -1.672  1.00 11.45 ?  82  LEU B CG  1 
ATOM   483 C  CD1 . LEU B 2 27 ? 1.607   0.490   -2.396  1.00 12.07 ?  82  LEU B CD1 1 
ATOM   484 C  CD2 . LEU B 2 27 ? -0.058  -0.096  -0.632  1.00 13.01 ?  82  LEU B CD2 1 
ATOM   485 N  N   . ARG B 2 28 ? -0.207  5.227   0.218   1.00 11.89 ?  83  ARG B N   1 
ATOM   486 C  CA  . ARG B 2 28 ? -0.103  6.254   1.250   1.00 12.62 ?  83  ARG B CA  1 
ATOM   487 C  C   . ARG B 2 28 ? -1.439  6.442   1.957   1.00 11.84 ?  83  ARG B C   1 
ATOM   488 O  O   . ARG B 2 28 ? -1.495  6.543   3.187   1.00 12.42 ?  83  ARG B O   1 
ATOM   489 C  CB  . ARG B 2 28 ? 0.378   7.563   0.614   1.00 15.13 ?  83  ARG B CB  1 
ATOM   490 C  CG  . ARG B 2 28 ? 0.224   8.805   1.462   1.00 18.36 ?  83  ARG B CG  1 
ATOM   491 C  CD  . ARG B 2 28 ? 1.410   9.007   2.335   1.00 19.63 ?  83  ARG B CD  1 
ATOM   492 N  NE  . ARG B 2 28 ? 1.364   10.317  2.960   1.00 20.97 ?  83  ARG B NE  1 
ATOM   493 C  CZ  . ARG B 2 28 ? 2.268   10.749  3.821   1.00 21.80 ?  83  ARG B CZ  1 
ATOM   494 N  NH1 . ARG B 2 28 ? 3.291   9.991   4.181   1.00 23.99 ?  83  ARG B NH1 1 
ATOM   495 N  NH2 . ARG B 2 28 ? 2.144   11.970  4.331   1.00 22.30 ?  83  ARG B NH2 1 
ATOM   496 N  N   . ARG B 2 29 ? -2.533  6.468   1.188   1.00 11.55 ?  84  ARG B N   1 
ATOM   497 C  CA  . ARG B 2 29 ? -3.862  6.556   1.782   1.00 12.09 ?  84  ARG B CA  1 
ATOM   498 C  C   . ARG B 2 29 ? -4.148  5.350   2.670   1.00 11.53 ?  84  ARG B C   1 
ATOM   499 O  O   . ARG B 2 29 ? -4.685  5.491   3.776   1.00 12.54 ?  84  ARG B O   1 
ATOM   500 C  CB  . ARG B 2 29 ? -4.906  6.668   0.667   1.00 13.16 ?  84  ARG B CB  1 
ATOM   501 C  CG  . ARG B 2 29 ? -6.331  6.800   1.159   1.00 16.46 ?  84  ARG B CG  1 
ATOM   502 C  CD  . ARG B 2 29 ? -7.289  7.077   0.018   1.00 17.76 ?  84  ARG B CD  1 
ATOM   503 N  NE  . ARG B 2 29 ? -8.670  7.025   0.476   1.00 19.49 ?  84  ARG B NE  1 
ATOM   504 C  CZ  . ARG B 2 29 ? -9.723  7.146   -0.318  1.00 20.88 ?  84  ARG B CZ  1 
ATOM   505 N  NH1 . ARG B 2 29 ? -9.586  7.359   -1.617  1.00 23.73 ?  84  ARG B NH1 1 
ATOM   506 N  NH2 . ARG B 2 29 ? -10.943 7.042   0.200   1.00 22.35 ?  84  ARG B NH2 1 
ATOM   507 N  N   . ALA B 2 30 ? -3.781  4.155   2.205   1.00 11.79 ?  85  ALA B N   1 
ATOM   508 C  CA  . ALA B 2 30 ? -3.991  2.944   2.992   1.00 12.37 ?  85  ALA B CA  1 
ATOM   509 C  C   . ALA B 2 30 ? -3.189  2.978   4.289   1.00 11.74 ?  85  ALA B C   1 
ATOM   510 O  O   . ALA B 2 30 ? -3.678  2.560   5.346   1.00 12.14 ?  85  ALA B O   1 
ATOM   511 C  CB  . ALA B 2 30 ? -3.599  1.722   2.159   1.00 12.47 ?  85  ALA B CB  1 
ATOM   512 N  N   . ALA B 2 31 ? -1.946  3.464   4.219   1.00 11.86 ?  86  ALA B N   1 
ATOM   513 C  CA  . ALA B 2 31 ? -1.112  3.557   5.413   1.00 11.71 ?  86  ALA B CA  1 
ATOM   514 C  C   . ALA B 2 31 ? -1.699  4.535   6.422   1.00 11.09 ?  86  ALA B C   1 
ATOM   515 O  O   . ALA B 2 31 ? -1.743  4.247   7.625   1.00 11.71 ?  86  ALA B O   1 
ATOM   516 C  CB  . ALA B 2 31 ? 0.311   3.963   5.029   1.00 12.64 ?  86  ALA B CB  1 
ATOM   517 N  N   . MET B 2 32 ? -2.145  5.701   5.949   1.00 11.31 ?  87  MET B N   1 
ATOM   518 C  CA  . MET B 2 32 ? -2.772  6.660   6.851   1.00 11.34 ?  87  MET B CA  1 
ATOM   519 C  C   . MET B 2 32 ? -4.012  6.071   7.502   1.00 11.40 ?  87  MET B C   1 
ATOM   520 O  O   . MET B 2 32 ? -4.263  6.299   8.686   1.00 12.24 ?  87  MET B O   1 
ATOM   521 C  CB  . MET B 2 32 ? -3.137  7.943   6.111   1.00 13.67 ?  87  MET B CB  1 
ATOM   522 C  CG  . MET B 2 32 ? -1.973  8.816   5.703   1.00 13.67 ?  87  MET B CG  1 
ATOM   523 S  SD  . MET B 2 32 ? -2.611  10.258  4.825   1.00 58.48 ?  87  MET B SD  1 
ATOM   524 C  CE  . MET B 2 32 ? -2.249  11.577  5.976   1.00 49.38 ?  87  MET B CE  1 
ATOM   525 N  N   . ALA B 2 33 ? -4.797  5.309   6.735   1.00 11.43 ?  88  ALA B N   1 
ATOM   526 C  CA  . ALA B 2 33 ? -6.012  4.699   7.265   1.00 11.90 ?  88  ALA B CA  1 
ATOM   527 C  C   . ALA B 2 33 ? -5.696  3.714   8.386   1.00 12.10 ?  88  ALA B C   1 
ATOM   528 O  O   . ALA B 2 33 ? -6.322  3.753   9.452   1.00 12.29 ?  88  ALA B O   1 
ATOM   529 C  CB  . ALA B 2 33 ? -6.787  4.021   6.131   1.00 12.41 ?  88  ALA B CB  1 
ATOM   530 N  N   . VAL B 2 34 ? -4.707  2.833   8.166   1.00 12.93 ?  89  VAL B N   1 
ATOM   531 C  CA  . VAL B 2 34 ? -4.270  1.881   9.197   1.00 14.91 ?  89  VAL B CA  1 
ATOM   532 C  C   . VAL B 2 34 ? -3.769  2.611   10.423  1.00 13.74 ?  89  VAL B C   1 
ATOM   533 O  O   . VAL B 2 34 ? -4.114  2.267   11.561  1.00 14.33 ?  89  VAL B O   1 
ATOM   534 C  CB  . VAL B 2 34 ? -3.152  0.966   8.660   1.00 16.96 ?  89  VAL B CB  1 
ATOM   535 C  CG1 . VAL B 2 34 ? -2.520  0.149   9.806   1.00 15.04 ?  89  VAL B CG1 1 
ATOM   536 C  CG2 . VAL B 2 34 ? -3.678  0.066   7.604   1.00 16.51 ?  89  VAL B CG2 1 
ATOM   537 N  N   . ARG B 2 35 ? -2.879  3.578   10.209  1.00 14.31 ?  90  ARG B N   1 
ATOM   538 C  CA  . ARG B 2 35 ? -2.254  4.268   11.326  1.00 14.40 ?  90  ARG B CA  1 
ATOM   539 C  C   . ARG B 2 35 ? -3.310  4.877   12.233  1.00 14.57 ?  90  ARG B C   1 
ATOM   540 O  O   . ARG B 2 35 ? -3.245  4.736   13.460  1.00 15.06 ?  90  ARG B O   1 
ATOM   541 C  CB  . ARG B 2 35 ? -1.293  5.330   10.787  1.00 15.66 ?  90  ARG B CB  1 
ATOM   542 C  CG  . ARG B 2 35 ? -0.277  5.861   11.787  1.00 17.84 ?  90  ARG B CG  1 
ATOM   543 C  CD  . ARG B 2 35 ? -0.836  7.008   12.610  1.00 20.25 ?  90  ARG B CD  1 
ATOM   544 N  NE  . ARG B 2 35 ? 0.201   7.700   13.364  1.00 21.23 ?  90  ARG B NE  1 
ATOM   545 C  CZ  . ARG B 2 35 ? 0.896   8.730   12.904  1.00 23.80 ?  90  ARG B CZ  1 
ATOM   546 N  NH1 . ARG B 2 35 ? 0.696   9.210   11.688  1.00 24.26 ?  90  ARG B NH1 1 
ATOM   547 N  NH2 . ARG B 2 35 ? 1.814   9.295   13.685  1.00 23.79 ?  90  ARG B NH2 1 
ATOM   548 N  N   . THR B 2 36 ? -4.322  5.520   11.647  1.00 13.21 ?  91  THR B N   1 
ATOM   549 C  CA  . THR B 2 36 ? -5.324  6.172   12.480  1.00 13.83 ?  91  THR B CA  1 
ATOM   550 C  C   . THR B 2 36 ? -6.347  5.189   13.029  1.00 13.27 ?  91  THR B C   1 
ATOM   551 O  O   . THR B 2 36 ? -6.676  5.247   14.216  1.00 14.34 ?  91  THR B O   1 
ATOM   552 C  CB  . THR B 2 36 ? -5.999  7.329   11.750  1.00 17.67 ?  91  THR B CB  1 
ATOM   553 O  OG1 . THR B 2 36 ? -7.182  7.706   12.461  1.00 22.77 ?  91  THR B OG1 1 
ATOM   554 C  CG2 . THR B 2 36 ? -6.402  6.914   10.427  1.00 17.56 ?  91  THR B CG2 1 
ATOM   555 N  N   . ARG B 2 37 ? -6.850  4.278   12.196  1.00 13.63 ?  92  ARG B N   1 
ATOM   556 C  CA  . ARG B 2 37 ? -7.871  3.350   12.666  1.00 14.73 ?  92  ARG B CA  1 
ATOM   557 C  C   . ARG B 2 37 ? -7.345  2.471   13.795  1.00 15.94 ?  92  ARG B C   1 
ATOM   558 O  O   . ARG B 2 37 ? -8.072  2.179   14.751  1.00 17.22 ?  92  ARG B O   1 
ATOM   559 C  CB  . ARG B 2 37 ? -8.359  2.504   11.492  1.00 16.31 ?  92  ARG B CB  1 
ATOM   560 C  CG  . ARG B 2 37 ? -9.776  2.029   11.619  1.00 16.16 ?  92  ARG B CG  1 
ATOM   561 C  CD  . ARG B 2 37 ? -10.279 1.451   10.321  1.00 12.64 ?  92  ARG B CD  1 
ATOM   562 N  NE  . ARG B 2 37 ? -9.435  0.357   9.862   1.00 12.59 ?  92  ARG B NE  1 
ATOM   563 C  CZ  . ARG B 2 37 ? -8.708  0.377   8.754   1.00 11.66 ?  92  ARG B CZ  1 
ATOM   564 N  NH1 . ARG B 2 37 ? -8.785  1.378   7.892   1.00 10.79 ?  92  ARG B NH1 1 
ATOM   565 N  NH2 . ARG B 2 37 ? -7.878  -0.632  8.509   1.00 13.30 ?  92  ARG B NH2 1 
ATOM   566 N  N   . GLN B 2 38 ? -6.087  2.052   13.710  1.00 15.86 ?  93  GLN B N   1 
ATOM   567 C  CA  . GLN B 2 38 ? -5.487  1.191   14.721  1.00 17.45 ?  93  GLN B CA  1 
ATOM   568 C  C   . GLN B 2 38 ? -4.784  1.961   15.833  1.00 17.58 ?  93  GLN B C   1 
ATOM   569 O  O   . GLN B 2 38 ? -4.285  1.338   16.777  1.00 20.01 ?  93  GLN B O   1 
ATOM   570 C  CB  . GLN B 2 38 ? -4.509  0.202   14.072  1.00 17.59 ?  93  GLN B CB  1 
ATOM   571 C  CG  . GLN B 2 38 ? -5.172  -0.824  13.161  1.00 21.70 ?  93  GLN B CG  1 
ATOM   572 C  CD  . GLN B 2 38 ? -5.962  -1.876  13.926  1.00 22.37 ?  93  GLN B CD  1 
ATOM   573 O  OE1 . GLN B 2 38 ? -5.874  -1.971  15.150  1.00 21.44 ?  93  GLN B OE1 1 
ATOM   574 N  NE2 . GLN B 2 38 ? -6.731  -2.679  13.200  1.00 23.25 ?  93  GLN B NE2 1 
ATOM   575 N  N   . GLY B 2 39 ? -4.727  3.286   15.749  1.00 17.78 ?  94  GLY B N   1 
ATOM   576 C  CA  . GLY B 2 39 ? -4.076  4.064   16.792  1.00 19.76 ?  94  GLY B CA  1 
ATOM   577 C  C   . GLY B 2 39 ? -2.600  3.772   16.940  1.00 18.87 ?  94  GLY B C   1 
ATOM   578 O  O   . GLY B 2 39 ? -2.079  3.762   18.064  1.00 20.07 ?  94  GLY B O   1 
ATOM   579 N  N   . ILE B 2 40 ? -1.908  3.529   15.829  1.00 17.79 ?  95  ILE B N   1 
ATOM   580 C  CA  . ILE B 2 40 ? -0.473  3.277   15.878  1.00 17.94 ?  95  ILE B CA  1 
ATOM   581 C  C   . ILE B 2 40 ? 0.246   4.592   16.153  1.00 18.96 ?  95  ILE B C   1 
ATOM   582 O  O   . ILE B 2 40 ? 0.135   5.548   15.377  1.00 19.98 ?  95  ILE B O   1 
ATOM   583 C  CB  . ILE B 2 40 ? 0.022   2.635   14.576  1.00 17.86 ?  95  ILE B CB  1 
ATOM   584 C  CG1 . ILE B 2 40 ? -0.792  1.380   14.243  1.00 18.98 ?  95  ILE B CG1 1 
ATOM   585 C  CG2 . ILE B 2 40 ? 1.501   2.302   14.684  1.00 18.19 ?  95  ILE B CG2 1 
ATOM   586 C  CD1 . ILE B 2 40 ? -0.742  0.318   15.310  1.00 21.70 ?  95  ILE B CD1 1 
ATOM   587 N  N   . SER B 2 41 ? 0.996   4.641   17.257  1.00 20.77 ?  96  SER B N   1 
ATOM   588 C  CA  . SER B 2 41 ? 1.637   5.883   17.678  1.00 23.11 ?  96  SER B CA  1 
ATOM   589 C  C   . SER B 2 41 ? 3.117   5.727   18.017  1.00 20.64 ?  96  SER B C   1 
ATOM   590 O  O   . SER B 2 41 ? 3.874   6.700   17.932  1.00 23.31 ?  96  SER B O   1 
ATOM   591 C  CB  . SER B 2 41 ? 0.890   6.504   18.861  1.00 26.49 ?  96  SER B CB  1 
ATOM   592 O  OG  . SER B 2 41 ? -0.326  7.102   18.444  1.00 30.21 ?  96  SER B OG  1 
ATOM   593 N  N   . ALA B 2 42 ? 3.543   4.527   18.415  1.00 19.91 ?  97  ALA B N   1 
ATOM   594 C  CA  . ALA B 2 42 ? 4.950   4.311   18.739  1.00 20.00 ?  97  ALA B CA  1 
ATOM   595 C  C   . ALA B 2 42 ? 5.805   4.602   17.513  1.00 19.70 ?  97  ALA B C   1 
ATOM   596 O  O   . ALA B 2 42 ? 5.504   4.128   16.418  1.00 18.45 ?  97  ALA B O   1 
ATOM   597 C  CB  . ALA B 2 42 ? 5.159   2.867   19.192  1.00 20.76 ?  97  ALA B CB  1 
ATOM   598 N  N   . SER B 2 43 ? 6.874   5.381   17.699  1.00 19.80 ?  98  SER B N   1 
ATOM   599 C  CA  . SER B 2 43 ? 7.581   5.961   16.556  1.00 20.34 ?  98  SER B CA  1 
ATOM   600 C  C   . SER B 2 43 ? 8.088   4.893   15.591  1.00 18.20 ?  98  SER B C   1 
ATOM   601 O  O   . SER B 2 43 ? 7.915   5.013   14.372  1.00 18.06 ?  98  SER B O   1 
ATOM   602 C  CB  . SER B 2 43 ? 8.727   6.855   17.036  1.00 22.76 ?  98  SER B CB  1 
ATOM   603 O  OG  . SER B 2 43 ? 8.233   8.005   17.699  1.00 27.22 ?  98  SER B OG  1 
ATOM   604 N  N   . SER B 2 44 ? 8.725   3.844   16.113  1.00 17.54 ?  99  SER B N   1 
ATOM   605 C  CA  . SER B 2 44 ? 9.273   2.811   15.239  1.00 17.01 ?  99  SER B CA  1 
ATOM   606 C  C   . SER B 2 44 ? 8.167   2.065   14.502  1.00 15.41 ?  99  SER B C   1 
ATOM   607 O  O   . SER B 2 44 ? 8.341   1.687   13.337  1.00 14.82 ?  99  SER B O   1 
ATOM   608 C  CB  . SER B 2 44 ? 10.155  1.846   16.032  1.00 18.20 ?  99  SER B CB  1 
ATOM   609 O  OG  . SER B 2 44 ? 9.393   1.152   17.000  1.00 21.86 ?  99  SER B OG  1 
ATOM   610 N  N   . GLN B 2 45 ? 7.022   1.849   15.162  1.00 14.86 ?  100 GLN B N   1 
ATOM   611 C  CA  . GLN B 2 45 ? 5.894   1.199   14.494  1.00 13.96 ?  100 GLN B CA  1 
ATOM   612 C  C   . GLN B 2 45 ? 5.339   2.069   13.375  1.00 13.36 ?  100 GLN B C   1 
ATOM   613 O  O   . GLN B 2 45 ? 5.023   1.566   12.291  1.00 12.58 ?  100 GLN B O   1 
ATOM   614 C  CB  . GLN B 2 45 ? 4.784   0.868   15.491  1.00 14.94 ?  100 GLN B CB  1 
ATOM   615 C  CG  . GLN B 2 45 ? 5.170   -0.180  16.515  1.00 15.78 ?  100 GLN B CG  1 
ATOM   616 C  CD  . GLN B 2 45 ? 3.990   -0.652  17.344  1.00 18.27 ?  100 GLN B CD  1 
ATOM   617 O  OE1 . GLN B 2 45 ? 2.899   -0.086  17.277  1.00 21.31 ?  100 GLN B OE1 1 
ATOM   618 N  NE2 . GLN B 2 45 ? 4.203   -1.701  18.124  1.00 21.34 ?  100 GLN B NE2 1 
ATOM   619 N  N   . VAL B 2 46 ? 5.202   3.372   13.623  1.00 13.82 ?  101 VAL B N   1 
ATOM   620 C  CA  . VAL B 2 46 ? 4.687   4.278   12.600  1.00 13.23 ?  101 VAL B CA  1 
ATOM   621 C  C   . VAL B 2 46 ? 5.631   4.322   11.405  1.00 13.02 ?  101 VAL B C   1 
ATOM   622 O  O   . VAL B 2 46 ? 5.202   4.267   10.247  1.00 12.53 ?  101 VAL B O   1 
ATOM   623 C  CB  . VAL B 2 46 ? 4.447   5.675   13.198  1.00 15.37 ?  101 VAL B CB  1 
ATOM   624 C  CG1 . VAL B 2 46 ? 4.028   6.646   12.119  1.00 17.47 ?  101 VAL B CG1 1 
ATOM   625 C  CG2 . VAL B 2 46 ? 3.403   5.615   14.306  1.00 16.22 ?  101 VAL B CG2 1 
ATOM   626 N  N   . GLN B 2 47 ? 6.935   4.436   11.668  1.00 12.75 ?  102 GLN B N   1 
ATOM   627 C  CA  . GLN B 2 47 ? 7.905   4.449   10.578  1.00 12.86 ?  102 GLN B CA  1 
ATOM   628 C  C   . GLN B 2 47 ? 7.855   3.153   9.777   1.00 11.60 ?  102 GLN B C   1 
ATOM   629 O  O   . GLN B 2 47 ? 7.855   3.175   8.541   1.00 11.43 ?  102 GLN B O   1 
ATOM   630 C  CB  . GLN B 2 47 ? 9.304   4.702   11.134  1.00 14.81 ?  102 GLN B CB  1 
ATOM   631 C  CG  . GLN B 2 47 ? 9.488   6.104   11.696  1.00 18.74 ?  102 GLN B CG  1 
ATOM   632 C  CD  . GLN B 2 47 ? 10.773  6.249   12.474  1.00 21.49 ?  102 GLN B CD  1 
ATOM   633 O  OE1 . GLN B 2 47 ? 11.599  5.340   12.491  1.00 23.73 ?  102 GLN B OE1 1 
ATOM   634 N  NE2 . GLN B 2 47 ? 10.945  7.389   13.128  1.00 22.33 ?  102 GLN B NE2 1 
ATOM   635 N  N   . ARG B 2 48 ? 7.805   2.012   10.468  1.00 11.14 ?  103 ARG B N   1 
ATOM   636 C  CA  . ARG B 2 48 ? 7.773   0.730   9.773   1.00 10.69 ?  103 ARG B CA  1 
ATOM   637 C  C   . ARG B 2 48 ? 6.474   0.550   8.985   1.00 10.17 ?  103 ARG B C   1 
ATOM   638 O  O   . ARG B 2 48 ? 6.481   -0.049  7.905   1.00 10.36 ?  103 ARG B O   1 
ATOM   639 C  CB  . ARG B 2 48 ? 7.975   -0.408  10.778  1.00 11.01 ?  103 ARG B CB  1 
ATOM   640 C  CG  . ARG B 2 48 ? 8.089   -1.774  10.146  1.00 11.12 ?  103 ARG B CG  1 
ATOM   641 C  CD  . ARG B 2 48 ? 8.487   -2.837  11.160  1.00 11.79 ?  103 ARG B CD  1 
ATOM   642 N  NE  . ARG B 2 48 ? 8.552   -4.156  10.542  1.00 12.03 ?  103 ARG B NE  1 
ATOM   643 C  CZ  . ARG B 2 48 ? 9.624   -4.659  9.944   1.00 11.33 ?  103 ARG B CZ  1 
ATOM   644 N  NH1 . ARG B 2 48 ? 10.790  -4.031  9.974   1.00 12.14 ?  103 ARG B NH1 1 
ATOM   645 N  NH2 . ARG B 2 48 ? 9.523   -5.818  9.297   1.00 12.01 ?  103 ARG B NH2 1 
ATOM   646 N  N   . LEU B 2 49 ? 5.367   1.080   9.510   1.00 10.69 ?  104 LEU B N   1 
ATOM   647 C  CA  . LEU B 2 49 ? 4.082   1.054   8.822   1.00 10.56 ?  104 LEU B CA  1 
ATOM   648 C  C   . LEU B 2 49 ? 4.189   1.718   7.456   1.00 10.40 ?  104 LEU B C   1 
ATOM   649 O  O   . LEU B 2 49 ? 3.854   1.123   6.422   1.00 10.46 ?  104 LEU B O   1 
ATOM   650 C  CB  . LEU B 2 49 ? 3.059   1.771   9.710   1.00 11.70 ?  104 LEU B CB  1 
ATOM   651 C  CG  . LEU B 2 49 ? 1.566   1.730   9.402   1.00 12.87 ?  104 LEU B CG  1 
ATOM   652 C  CD1 . LEU B 2 49 ? 0.780   2.115   10.649  1.00 15.32 ?  104 LEU B CD1 1 
ATOM   653 C  CD2 . LEU B 2 49 ? 1.207   2.658   8.258   1.00 14.34 ?  104 LEU B CD2 1 
ATOM   654 N  N   . PHE B 2 50 ? 4.656   2.965   7.439   1.00 10.63 ?  105 PHE B N   1 
ATOM   655 C  CA  . PHE B 2 50 ? 4.758   3.692   6.181   1.00 10.85 ?  105 PHE B CA  1 
ATOM   656 C  C   . PHE B 2 50 ? 5.816   3.089   5.263   1.00 10.15 ?  105 PHE B C   1 
ATOM   657 O  O   . PHE B 2 50 ? 5.624   3.045   4.044   1.00 10.37 ?  105 PHE B O   1 
ATOM   658 C  CB  . PHE B 2 50 ? 4.973   5.188   6.432   1.00 11.37 ?  105 PHE B CB  1 
ATOM   659 C  CG  . PHE B 2 50 ? 3.715   5.902   6.839   1.00 12.18 ?  105 PHE B CG  1 
ATOM   660 C  CD1 . PHE B 2 50 ? 3.327   5.973   8.167   1.00 14.52 ?  105 PHE B CD1 1 
ATOM   661 C  CD2 . PHE B 2 50 ? 2.894   6.474   5.881   1.00 13.24 ?  105 PHE B CD2 1 
ATOM   662 C  CE1 . PHE B 2 50 ? 2.154   6.620   8.529   1.00 16.85 ?  105 PHE B CE1 1 
ATOM   663 C  CE2 . PHE B 2 50 ? 1.724   7.125   6.235   1.00 14.18 ?  105 PHE B CE2 1 
ATOM   664 C  CZ  . PHE B 2 50 ? 1.355   7.197   7.560   1.00 15.33 ?  105 PHE B CZ  1 
ATOM   665 N  N   . GLU B 2 51 ? 6.925   2.599   5.824   1.00 9.80  ?  106 GLU B N   1 
ATOM   666 C  CA  . GLU B 2 51 ? 7.945   1.965   4.991   1.00 9.92  ?  106 GLU B CA  1 
ATOM   667 C  C   . GLU B 2 51 ? 7.412   0.706   4.316   1.00 9.24  ?  106 GLU B C   1 
ATOM   668 O  O   . GLU B 2 51 ? 7.674   0.464   3.132   1.00 9.79  ?  106 GLU B O   1 
ATOM   669 C  CB  . GLU B 2 51 ? 9.183   1.621   5.825   1.00 9.89  ?  106 GLU B CB  1 
ATOM   670 C  CG  . GLU B 2 51 ? 10.243  0.931   5.001   1.00 10.38 ?  106 GLU B CG  1 
ATOM   671 C  CD  . GLU B 2 51 ? 11.494  0.707   5.788   1.00 11.11 ?  106 GLU B CD  1 
ATOM   672 O  OE1 . GLU B 2 51 ? 12.283  1.667   5.850   1.00 11.79 ?  106 GLU B OE1 1 
ATOM   673 O  OE2 . GLU B 2 51 ? 11.669  -0.388  6.366   1.00 11.40 ?  106 GLU B OE2 1 
ATOM   674 N  N   . THR B 2 52 ? 6.692   -0.123  5.072   1.00 9.78  ?  107 THR B N   1 
ATOM   675 C  CA  . THR B 2 52 ? 6.125   -1.335  4.499   1.00 9.92  ?  107 THR B CA  1 
ATOM   676 C  C   . THR B 2 52 ? 5.217   -0.992  3.324   1.00 9.77  ?  107 THR B C   1 
ATOM   677 O  O   . THR B 2 52 ? 5.285   -1.629  2.263   1.00 10.25 ?  107 THR B O   1 
ATOM   678 C  CB  . THR B 2 52 ? 5.356   -2.108  5.576   1.00 10.52 ?  107 THR B CB  1 
ATOM   679 O  OG1 . THR B 2 52 ? 6.255   -2.534  6.602   1.00 10.87 ?  107 THR B OG1 1 
ATOM   680 C  CG2 . THR B 2 52 ? 4.701   -3.339  4.993   1.00 11.59 ?  107 THR B CG2 1 
ATOM   681 N  N   . ALA B 2 53 ? 4.364   0.018   3.503   1.00 10.07 ?  108 ALA B N   1 
ATOM   682 C  CA  . ALA B 2 53 ? 3.477   0.438   2.428   1.00 10.15 ?  108 ALA B CA  1 
ATOM   683 C  C   . ALA B 2 53 ? 4.264   0.886   1.203   1.00 10.43 ?  108 ALA B C   1 
ATOM   684 O  O   . ALA B 2 53 ? 3.940   0.503   0.074   1.00 11.75 ?  108 ALA B O   1 
ATOM   685 C  CB  . ALA B 2 53 ? 2.542   1.541   2.925   1.00 11.01 ?  108 ALA B CB  1 
ATOM   686 N  N   A ARG B 2 54 ? 5.319   1.677   1.406   0.56 10.37 ?  109 ARG B N   1 
ATOM   687 N  N   B ARG B 2 54 ? 5.310   1.696   1.411   0.44 11.16 ?  109 ARG B N   1 
ATOM   688 C  CA  A ARG B 2 54 ? 6.075   2.189   0.271   0.56 10.89 ?  109 ARG B CA  1 
ATOM   689 C  CA  B ARG B 2 54 ? 6.096   2.194   0.286   0.44 11.05 ?  109 ARG B CA  1 
ATOM   690 C  C   A ARG B 2 54 ? 6.846   1.101   -0.464  0.56 11.97 ?  109 ARG B C   1 
ATOM   691 C  C   B ARG B 2 54 ? 6.757   1.062   -0.488  0.44 8.51  ?  109 ARG B C   1 
ATOM   692 O  O   A ARG B 2 54 ? 7.166   1.274   -1.646  0.56 11.56 ?  109 ARG B O   1 
ATOM   693 O  O   B ARG B 2 54 ? 6.914   1.154   -1.711  0.44 9.77  ?  109 ARG B O   1 
ATOM   694 C  CB  A ARG B 2 54 ? 7.037   3.282   0.730   0.56 11.43 ?  109 ARG B CB  1 
ATOM   695 C  CB  B ARG B 2 54 ? 7.169   3.186   0.764   0.44 10.57 ?  109 ARG B CB  1 
ATOM   696 C  CG  A ARG B 2 54 ? 6.354   4.567   1.161   0.56 12.08 ?  109 ARG B CG  1 
ATOM   697 C  CG  B ARG B 2 54 ? 6.633   4.475   1.387   0.44 12.02 ?  109 ARG B CG  1 
ATOM   698 C  CD  A ARG B 2 54 ? 7.340   5.531   1.791   0.56 13.95 ?  109 ARG B CD  1 
ATOM   699 C  CD  B ARG B 2 54 ? 7.725   5.542   1.592   0.44 13.64 ?  109 ARG B CD  1 
ATOM   700 N  NE  A ARG B 2 54 ? 8.629   5.489   1.113   0.56 13.52 ?  109 ARG B NE  1 
ATOM   701 N  NE  B ARG B 2 54 ? 8.899   5.069   2.323   0.44 11.81 ?  109 ARG B NE  1 
ATOM   702 C  CZ  A ARG B 2 54 ? 9.741   4.986   1.630   0.56 12.92 ?  109 ARG B CZ  1 
ATOM   703 C  CZ  B ARG B 2 54 ? 9.052   5.115   3.642   0.44 13.54 ?  109 ARG B CZ  1 
ATOM   704 N  NH1 A ARG B 2 54 ? 9.794   4.578   2.887   0.56 15.55 ?  109 ARG B NH1 1 
ATOM   705 N  NH1 B ARG B 2 54 ? 8.123   5.626   4.432   0.44 15.06 ?  109 ARG B NH1 1 
ATOM   706 N  NH2 A ARG B 2 54 ? 10.824  4.893   0.865   0.56 18.25 ?  109 ARG B NH2 1 
ATOM   707 N  NH2 B ARG B 2 54 ? 10.168  4.634   4.184   0.44 13.28 ?  109 ARG B NH2 1 
ATOM   708 N  N   . HIS B 2 55 ? 7.167   -0.002  0.208   1.00 10.90 ?  110 HIS B N   1 
ATOM   709 C  CA  . HIS B 2 55 ? 7.891   -1.094  -0.423  1.00 11.53 ?  110 HIS B CA  1 
ATOM   710 C  C   . HIS B 2 55 ? 6.984   -2.129  -1.061  1.00 11.95 ?  110 HIS B C   1 
ATOM   711 O  O   . HIS B 2 55 ? 7.486   -2.964  -1.815  1.00 13.70 ?  110 HIS B O   1 
ATOM   712 C  CB  . HIS B 2 55 ? 8.804   -1.791  0.583   1.00 12.50 ?  110 HIS B CB  1 
ATOM   713 C  CG  . HIS B 2 55 ? 10.109  -1.106  0.750   1.00 12.68 ?  110 HIS B CG  1 
ATOM   714 N  ND1 . HIS B 2 55 ? 11.271  -1.577  0.182   1.00 14.68 ?  110 HIS B ND1 1 
ATOM   715 C  CD2 . HIS B 2 55 ? 10.434  0.039   1.386   1.00 13.78 ?  110 HIS B CD2 1 
ATOM   716 C  CE1 . HIS B 2 55 ? 12.262  -0.758  0.473   1.00 15.65 ?  110 HIS B CE1 1 
ATOM   717 N  NE2 . HIS B 2 55 ? 11.781  0.227   1.209   1.00 13.85 ?  110 HIS B NE2 1 
ATOM   718 N  N   . LEU B 2 56 ? 5.685   -2.103  -0.776  1.00 12.91 ?  111 LEU B N   1 
ATOM   719 C  CA  . LEU B 2 56 ? 4.790   -3.135  -1.291  1.00 14.57 ?  111 LEU B CA  1 
ATOM   720 C  C   . LEU B 2 56 ? 4.833   -3.322  -2.798  1.00 16.17 ?  111 LEU B C   1 
ATOM   721 O  O   . LEU B 2 56 ? 4.743   -4.479  -3.238  1.00 19.22 ?  111 LEU B O   1 
ATOM   722 C  CB  . LEU B 2 56 ? 3.356   -2.927  -0.793  1.00 13.41 ?  111 LEU B CB  1 
ATOM   723 C  CG  . LEU B 2 56 ? 3.070   -3.626  0.530   1.00 11.73 ?  111 LEU B CG  1 
ATOM   724 C  CD1 . LEU B 2 56 ? 1.729   -3.193  1.065   1.00 11.97 ?  111 LEU B CD1 1 
ATOM   725 C  CD2 . LEU B 2 56 ? 3.132   -5.137  0.378   1.00 13.16 ?  111 LEU B CD2 1 
ATOM   726 N  N   . PRO B 2 57 ? 4.937   -2.285  -3.641  1.00 15.35 ?  112 PRO B N   1 
ATOM   727 C  CA  . PRO B 2 57 ? 5.046   -2.585  -5.077  1.00 17.32 ?  112 PRO B CA  1 
ATOM   728 C  C   . PRO B 2 57 ? 6.239   -3.480  -5.367  1.00 19.52 ?  112 PRO B C   1 
ATOM   729 O  O   . PRO B 2 57 ? 6.130   -4.427  -6.152  1.00 21.90 ?  112 PRO B O   1 
ATOM   730 C  CB  . PRO B 2 57 ? 5.139   -1.198  -5.729  1.00 17.66 ?  112 PRO B CB  1 
ATOM   731 C  CG  . PRO B 2 57 ? 4.514   -0.269  -4.719  1.00 16.92 ?  112 PRO B CG  1 
ATOM   732 C  CD  . PRO B 2 57 ? 4.920   -0.829  -3.394  1.00 14.19 ?  112 PRO B CD  1 
ATOM   733 N  N   . LYS B 2 58 ? 7.363   -3.244  -4.685  1.00 19.73 ?  113 LYS B N   1 
ATOM   734 C  CA  . LYS B 2 58 ? 8.544   -4.080  -4.879  1.00 21.22 ?  113 LYS B CA  1 
ATOM   735 C  C   . LYS B 2 58 ? 8.387   -5.442  -4.207  1.00 22.65 ?  113 LYS B C   1 
ATOM   736 O  O   . LYS B 2 58 ? 8.820   -6.462  -4.756  1.00 23.90 ?  113 LYS B O   1 
ATOM   737 C  CB  . LYS B 2 58 ? 9.792   -3.353  -4.378  1.00 22.74 ?  113 LYS B CB  1 
ATOM   738 C  CG  . LYS B 2 58 ? 11.088  -4.116  -4.605  1.00 26.62 ?  113 LYS B CG  1 
ATOM   739 C  CD  . LYS B 2 58 ? 11.569  -4.759  -3.322  1.00 27.57 ?  113 LYS B CD  1 
ATOM   740 C  CE  . LYS B 2 58 ? 11.858  -3.700  -2.281  1.00 29.14 ?  113 LYS B CE  1 
ATOM   741 N  NZ  . LYS B 2 58 ? 11.527  -4.186  -0.924  1.00 28.66 ?  113 LYS B NZ  1 
ATOM   742 N  N   . THR B 2 59 ? 7.783   -5.480  -3.013  1.00 22.92 ?  114 THR B N   1 
ATOM   743 C  CA  . THR B 2 59 ? 7.473   -6.763  -2.388  1.00 23.47 ?  114 THR B CA  1 
ATOM   744 C  C   . THR B 2 59 ? 6.596   -7.618  -3.296  1.00 25.05 ?  114 THR B C   1 
ATOM   745 O  O   . THR B 2 59 ? 6.706   -8.850  -3.290  1.00 26.07 ?  114 THR B O   1 
ATOM   746 C  CB  . THR B 2 59 ? 6.780   -6.542  -1.039  1.00 24.38 ?  114 THR B CB  1 
ATOM   747 O  OG1 . THR B 2 59 ? 7.491   -5.558  -0.273  1.00 22.68 ?  114 THR B OG1 1 
ATOM   748 C  CG2 . THR B 2 59 ? 6.721   -7.843  -0.244  1.00 23.48 ?  114 THR B CG2 1 
ATOM   749 N  N   . CYS B 2 60 ? 5.746   -6.980  -4.100  1.00 25.02 ?  115 CYS B N   1 
ATOM   750 C  CA  . CYS B 2 60 ? 4.803   -7.642  -4.992  1.00 25.90 ?  115 CYS B CA  1 
ATOM   751 C  C   . CYS B 2 60 ? 5.343   -7.862  -6.402  1.00 30.79 ?  115 CYS B C   1 
ATOM   752 O  O   . CYS B 2 60 ? 4.649   -8.475  -7.217  1.00 32.04 ?  115 CYS B O   1 
ATOM   753 C  CB  . CYS B 2 60 ? 3.505   -6.830  -5.081  1.00 23.69 ?  115 CYS B CB  1 
ATOM   754 S  SG  . CYS B 2 60 ? 2.452   -6.867  -3.614  1.00 21.64 ?  115 CYS B SG  1 
ATOM   755 N  N   . ASN B 2 61 ? 6.548   -7.373  -6.713  1.00 33.48 ?  116 ASN B N   1 
ATOM   756 C  CA  . ASN B 2 61 ? 7.117   -7.442  -8.068  1.00 35.43 ?  116 ASN B CA  1 
ATOM   757 C  C   . ASN B 2 61 ? 6.326   -6.602  -9.075  1.00 35.52 ?  116 ASN B C   1 
ATOM   758 O  O   . ASN B 2 61 ? 6.167   -6.980  -10.236 1.00 35.68 ?  116 ASN B O   1 
ATOM   759 C  CB  . ASN B 2 61 ? 7.335   -8.876  -8.566  1.00 36.92 ?  116 ASN B CB  1 
ATOM   760 C  CG  . ASN B 2 61 ? 8.494   -9.562  -7.871  1.00 38.35 ?  116 ASN B CG  1 
ATOM   761 O  OD1 . ASN B 2 61 ? 8.311   -10.264 -6.877  1.00 39.13 ?  116 ASN B OD1 1 
ATOM   762 N  ND2 . ASN B 2 61 ? 9.699   -9.358  -8.392  1.00 38.74 ?  116 ASN B ND2 1 
ATOM   763 N  N   . PHE B 2 62 ? 5.828   -5.453  -8.616  1.00 35.00 ?  117 PHE B N   1 
ATOM   764 C  CA  . PHE B 2 62 ? 5.185   -4.441  -9.453  1.00 34.61 ?  117 PHE B CA  1 
ATOM   765 C  C   . PHE B 2 62 ? 6.310   -3.612  -10.069 1.00 35.10 ?  117 PHE B C   1 
ATOM   766 O  O   . PHE B 2 62 ? 6.593   -2.482  -9.662  1.00 35.56 ?  117 PHE B O   1 
ATOM   767 C  CB  . PHE B 2 62 ? 4.281   -3.576  -8.583  1.00 34.26 ?  117 PHE B CB  1 
ATOM   768 C  CG  . PHE B 2 62 ? 3.027   -3.101  -9.262  1.00 33.29 ?  117 PHE B CG  1 
ATOM   769 C  CD1 . PHE B 2 62 ? 3.085   -2.226  -10.333 1.00 33.00 ?  117 PHE B CD1 1 
ATOM   770 C  CD2 . PHE B 2 62 ? 1.784   -3.495  -8.793  1.00 32.38 ?  117 PHE B CD2 1 
ATOM   771 C  CE1 . PHE B 2 62 ? 1.925   -1.777  -10.943 1.00 32.47 ?  117 PHE B CE1 1 
ATOM   772 C  CE2 . PHE B 2 62 ? 0.622   -3.051  -9.397  1.00 32.20 ?  117 PHE B CE2 1 
ATOM   773 C  CZ  . PHE B 2 62 ? 0.693   -2.191  -10.475 1.00 32.21 ?  117 PHE B CZ  1 
ATOM   774 N  N   . ALA B 2 63 ? 6.963   -4.199  -11.077 1.00 41.34 ?  118 ALA B N   1 
ATOM   775 C  CA  . ALA B 2 63 ? 8.234   -3.668  -11.568 1.00 41.66 ?  118 ALA B CA  1 
ATOM   776 C  C   . ALA B 2 63 ? 8.106   -2.250  -12.109 1.00 41.49 ?  118 ALA B C   1 
ATOM   777 O  O   . ALA B 2 63 ? 9.046   -1.455  -11.987 1.00 41.53 ?  118 ALA B O   1 
ATOM   778 C  CB  . ALA B 2 63 ? 8.821   -4.597  -12.629 1.00 41.48 ?  118 ALA B CB  1 
ATOM   779 N  N   . GLY B 2 64 ? 6.966   -1.910  -12.705 1.00 44.80 ?  119 GLY B N   1 
ATOM   780 C  CA  . GLY B 2 64 ? 6.790   -0.582  -13.266 1.00 43.12 ?  119 GLY B CA  1 
ATOM   781 C  C   . GLY B 2 64 ? 6.743   0.552   -12.262 1.00 41.03 ?  119 GLY B C   1 
ATOM   782 O  O   . GLY B 2 64 ? 6.649   1.712   -12.675 1.00 42.33 ?  119 GLY B O   1 
ATOM   783 N  N   . VAL B 2 65 ? 6.813   0.261   -10.962 1.00 34.82 ?  120 VAL B N   1 
ATOM   784 C  CA  . VAL B 2 65 ? 6.683   1.262   -9.909  1.00 31.35 ?  120 VAL B CA  1 
ATOM   785 C  C   . VAL B 2 65 ? 7.940   1.345   -9.053  1.00 31.33 ?  120 VAL B C   1 
ATOM   786 O  O   . VAL B 2 65 ? 8.477   2.433   -8.819  1.00 33.88 ?  120 VAL B O   1 
ATOM   787 C  CB  . VAL B 2 65 ? 5.434   1.007   -9.033  1.00 30.24 ?  120 VAL B CB  1 
ATOM   788 C  CG1 . VAL B 2 65 ? 5.397   1.966   -7.851  1.00 30.21 ?  120 VAL B CG1 1 
ATOM   789 C  CG2 . VAL B 2 65 ? 4.172   1.133   -9.866  1.00 30.63 ?  120 VAL B CG2 1 
ATOM   790 N  N   . GLY B 2 66 ? 8.423   0.203   -8.571  1.00 28.31 ?  121 GLY B N   1 
ATOM   791 C  CA  . GLY B 2 66 ? 9.523   0.209   -7.629  1.00 26.36 ?  121 GLY B CA  1 
ATOM   792 C  C   . GLY B 2 66 ? 9.048   0.573   -6.232  1.00 25.19 ?  121 GLY B C   1 
ATOM   793 O  O   . GLY B 2 66 ? 7.904   0.329   -5.851  1.00 25.22 ?  121 GLY B O   1 
ATOM   794 N  N   . VAL B 2 67 ? 9.946   1.172   -5.467  1.00 20.36 ?  122 VAL B N   1 
ATOM   795 C  CA  . VAL B 2 67 ? 9.636   1.612   -4.113  1.00 17.72 ?  122 VAL B CA  1 
ATOM   796 C  C   . VAL B 2 67 ? 9.101   3.036   -4.180  1.00 13.43 ?  122 VAL B C   1 
ATOM   797 O  O   . VAL B 2 67 ? 9.666   3.888   -4.872  1.00 15.07 ?  122 VAL B O   1 
ATOM   798 C  CB  . VAL B 2 67 ? 10.886  1.521   -3.222  1.00 18.78 ?  122 VAL B CB  1 
ATOM   799 C  CG1 . VAL B 2 67 ? 10.621  2.140   -1.868  1.00 19.14 ?  122 VAL B CG1 1 
ATOM   800 C  CG2 . VAL B 2 67 ? 11.326  0.066   -3.080  1.00 19.65 ?  122 VAL B CG2 1 
ATOM   801 N  N   . CYS B 2 68 ? 8.013   3.299   -3.467  1.00 12.52 ?  123 CYS B N   1 
ATOM   802 C  CA  . CYS B 2 68 ? 7.420   4.625   -3.470  1.00 11.77 ?  123 CYS B CA  1 
ATOM   803 C  C   . CYS B 2 68 ? 8.297   5.610   -2.707  1.00 11.81 ?  123 CYS B C   1 
ATOM   804 O  O   . CYS B 2 68 ? 8.913   5.249   -1.706  1.00 13.09 ?  123 CYS B O   1 
ATOM   805 C  CB  . CYS B 2 68 ? 6.077   4.568   -2.773  1.00 10.94 ?  123 CYS B CB  1 
ATOM   806 S  SG  . CYS B 2 68 ? 4.918   3.461   -3.622  1.00 11.88 ?  123 CYS B SG  1 
ATOM   807 N  N   . PRO B 2 69 ? 8.335   6.868   -3.135  1.00 13.99 ?  124 PRO B N   1 
ATOM   808 C  CA  . PRO B 2 69 ? 9.154   7.857   -2.428  1.00 15.03 ?  124 PRO B CA  1 
ATOM   809 C  C   . PRO B 2 69 ? 8.647   8.131   -1.021  1.00 14.03 ?  124 PRO B C   1 
ATOM   810 O  O   . PRO B 2 69 ? 7.456   8.027   -0.716  1.00 15.18 ?  124 PRO B O   1 
ATOM   811 C  CB  . PRO B 2 69 ? 9.032   9.107   -3.305  1.00 17.14 ?  124 PRO B CB  1 
ATOM   812 C  CG  . PRO B 2 69 ? 7.763   8.912   -4.068  1.00 21.06 ?  124 PRO B CG  1 
ATOM   813 C  CD  . PRO B 2 69 ? 7.696   7.442   -4.331  1.00 17.16 ?  124 PRO B CD  1 
ATOM   814 N  N   . PHE B 2 70 ? 9.591   8.490   -0.163  1.00 15.61 ?  125 PHE B N   1 
ATOM   815 C  CA  . PHE B 2 70 ? 9.281   8.895   1.197   1.00 16.50 ?  125 PHE B CA  1 
ATOM   816 C  C   . PHE B 2 70 ? 8.507   10.205  1.201   1.00 17.44 ?  125 PHE B C   1 
ATOM   817 O  O   . PHE B 2 70 ? 8.847   11.149  0.486   1.00 18.77 ?  125 PHE B O   1 
ATOM   818 C  CB  . PHE B 2 70 ? 10.579  9.075   1.984   1.00 17.18 ?  125 PHE B CB  1 
ATOM   819 C  CG  . PHE B 2 70 ? 10.365  9.501   3.404   1.00 18.15 ?  125 PHE B CG  1 
ATOM   820 C  CD1 . PHE B 2 70 ? 9.974   8.579   4.363   1.00 18.81 ?  125 PHE B CD1 1 
ATOM   821 C  CD2 . PHE B 2 70 ? 10.543  10.820  3.783   1.00 22.11 ?  125 PHE B CD2 1 
ATOM   822 C  CE1 . PHE B 2 70 ? 9.762   8.962   5.671   1.00 22.28 ?  125 PHE B CE1 1 
ATOM   823 C  CE2 . PHE B 2 70 ? 10.340  11.211  5.094   1.00 24.47 ?  125 PHE B CE2 1 
ATOM   824 C  CZ  . PHE B 2 70 ? 9.946   10.280  6.038   1.00 24.93 ?  125 PHE B CZ  1 
ATOM   825 N  N   . GLN B 2 71 ? 7.456   10.252  2.010   1.00 17.96 ?  126 GLN B N   1 
ATOM   826 C  CA  . GLN B 2 71 ? 6.726   11.476  2.296   1.00 20.03 ?  126 GLN B CA  1 
ATOM   827 C  C   . GLN B 2 71 ? 6.614   11.605  3.805   1.00 19.97 ?  126 GLN B C   1 
ATOM   828 O  O   . GLN B 2 71 ? 6.407   10.607  4.500   1.00 18.52 ?  126 GLN B O   1 
ATOM   829 C  CB  . GLN B 2 71 ? 5.325   11.450  1.672   1.00 22.48 ?  126 GLN B CB  1 
ATOM   830 C  CG  . GLN B 2 71 ? 5.322   11.320  0.154   1.00 24.57 ?  126 GLN B CG  1 
ATOM   831 C  CD  . GLN B 2 71 ? 3.929   11.120  -0.415  1.00 26.85 ?  126 GLN B CD  1 
ATOM   832 O  OE1 . GLN B 2 71 ? 3.531   10.002  -0.731  1.00 28.18 ?  126 GLN B OE1 1 
ATOM   833 N  NE2 . GLN B 2 71 ? 3.185   12.211  -0.554  1.00 28.33 ?  126 GLN B NE2 1 
ATOM   834 N  N   . ALA B 2 72 ? 6.763   12.833  4.306   1.00 21.86 ?  127 ALA B N   1 
ATOM   835 C  CA  . ALA B 2 72 ? 6.732   13.075  5.743   1.00 21.51 ?  127 ALA B CA  1 
ATOM   836 C  C   . ALA B 2 72 ? 5.516   12.419  6.378   1.00 21.19 ?  127 ALA B C   1 
ATOM   837 O  O   . ALA B 2 72 ? 4.406   12.476  5.843   1.00 26.51 ?  127 ALA B O   1 
ATOM   838 C  CB  . ALA B 2 72 ? 6.712   14.580  6.020   1.00 23.59 ?  127 ALA B CB  1 
ATOM   839 N  N   . VAL B 2 73 ? 5.737   11.781  7.517   1.00 21.90 ?  128 VAL B N   1 
ATOM   840 C  CA  . VAL B 2 73 ? 4.661   11.078  8.217   1.00 25.30 ?  128 VAL B CA  1 
ATOM   841 C  C   . VAL B 2 73 ? 3.883   12.086  9.058   1.00 26.22 ?  128 VAL B C   1 
ATOM   842 O  O   . VAL B 2 73 ? 4.501   12.879  9.786   1.00 25.38 ?  128 VAL B O   1 
ATOM   843 C  CB  . VAL B 2 73 ? 5.234   9.965   9.086   1.00 27.14 ?  128 VAL B CB  1 
ATOM   844 C  CG1 . VAL B 2 73 ? 4.118   9.264   9.834   1.00 28.07 ?  128 VAL B CG1 1 
ATOM   845 C  CG2 . VAL B 2 73 ? 6.012   8.979   8.231   1.00 27.20 ?  128 VAL B CG2 1 
ATOM   846 N  N   . PRO B 2 74 ? 2.542   12.091  8.986   1.00 29.00 ?  129 PRO B N   1 
ATOM   847 C  CA  . PRO B 2 74 ? 1.658   13.000  9.729   1.00 29.62 ?  129 PRO B CA  1 
ATOM   848 C  C   . PRO B 2 74 ? 1.862   12.901  11.233  1.00 30.12 ?  129 PRO B C   1 
ATOM   849 O  O   . PRO B 2 74 ? 2.001   11.782  11.725  1.00 30.66 ?  129 PRO B O   1 
ATOM   850 C  CB  . PRO B 2 74 ? 0.258   12.494  9.369   1.00 29.98 ?  129 PRO B CB  1 
ATOM   851 C  CG  . PRO B 2 74 ? 0.431   11.799  8.069   1.00 29.85 ?  129 PRO B CG  1 
ATOM   852 C  CD  . PRO B 2 74 ? 1.787   11.188  8.098   1.00 29.63 ?  129 PRO B CD  1 
HETATM 853 S  S   . SO4 C 3 .  ? -4.953  10.678  -20.167 1.00 10.60 ?  101 SO4 A S   1 
HETATM 854 O  O1  . SO4 C 3 .  ? -5.514  10.770  -21.539 1.00 12.13 ?  101 SO4 A O1  1 
HETATM 855 O  O2  . SO4 C 3 .  ? -3.486  10.950  -20.237 1.00 11.36 ?  101 SO4 A O2  1 
HETATM 856 O  O3  . SO4 C 3 .  ? -5.605  11.686  -19.289 1.00 11.58 ?  101 SO4 A O3  1 
HETATM 857 O  O4  . SO4 C 3 .  ? -5.160  9.307   -19.613 1.00 11.39 ?  101 SO4 A O4  1 
HETATM 858 N  N   . NO3 D 4 .  ? -10.123 2.855   4.368   1.00 13.80 ?  102 NO3 A N   1 
HETATM 859 O  O1  . NO3 D 4 .  ? -11.215 3.418   4.491   1.00 16.35 ?  102 NO3 A O1  1 
HETATM 860 O  O2  . NO3 D 4 .  ? -9.239  3.324   3.638   1.00 14.39 ?  102 NO3 A O2  1 
HETATM 861 O  O3  . NO3 D 4 .  ? -9.894  1.816   4.998   1.00 13.12 ?  102 NO3 A O3  1 
HETATM 862 C  C   . ACY E 5 .  ? -8.615  11.244  -27.359 1.00 37.04 ?  103 ACY A C   1 
HETATM 863 O  O   . ACY E 5 .  ? -9.772  11.478  -27.760 1.00 38.06 ?  103 ACY A O   1 
HETATM 864 O  OXT . ACY E 5 .  ? -8.266  11.018  -26.183 1.00 37.24 ?  103 ACY A OXT 1 
HETATM 865 C  CH3 . ACY E 5 .  ? -7.499  11.236  -28.419 1.00 37.31 ?  103 ACY A CH3 1 
HETATM 866 LI LI  . LI  F 6 .  ? -6.780  12.434  -12.216 1.00 13.45 ?  104 LI  A LI  1 
HETATM 867 C  C   . ACY G 5 .  ? -6.345  -3.536  9.573   1.00 20.60 ?  105 ACY A C   1 
HETATM 868 O  O   . ACY G 5 .  ? -6.180  -3.367  8.348   1.00 17.03 ?  105 ACY A O   1 
HETATM 869 O  OXT . ACY G 5 .  ? -7.024  -2.823  10.336  1.00 58.25 -1 105 ACY A OXT 1 
HETATM 870 C  CH3 . ACY G 5 .  ? -5.643  -4.747  10.206  1.00 20.34 ?  105 ACY A CH3 1 
HETATM 871 S  S   . SO4 H 3 .  ? 3.240   -17.103 -4.781  1.00 14.29 ?  201 SO4 B S   1 
HETATM 872 O  O1  . SO4 H 3 .  ? 2.111   -18.056 -4.576  1.00 14.20 ?  201 SO4 B O1  1 
HETATM 873 O  O2  . SO4 H 3 .  ? 3.494   -16.340 -3.533  1.00 14.94 ?  201 SO4 B O2  1 
HETATM 874 O  O3  . SO4 H 3 .  ? 4.477   -17.865 -5.150  1.00 18.41 ?  201 SO4 B O3  1 
HETATM 875 O  O4  . SO4 H 3 .  ? 2.878   -16.154 -5.873  1.00 16.22 ?  201 SO4 B O4  1 
HETATM 876 C  C   . ACY I 5 .  ? -6.573  8.192   -3.788  1.00 25.36 ?  202 ACY B C   1 
HETATM 877 O  O   . ACY I 5 .  ? -7.135  7.110   -3.520  1.00 25.21 ?  202 ACY B O   1 
HETATM 878 O  OXT . ACY I 5 .  ? -5.645  8.366   -4.603  1.00 27.50 ?  202 ACY B OXT 1 
HETATM 879 C  CH3 . ACY I 5 .  ? -7.071  9.440   -3.037  1.00 25.28 ?  202 ACY B CH3 1 
HETATM 880 N  N   . NO3 J 4 .  ? -0.810  13.379  2.782   1.00 34.85 ?  203 NO3 B N   1 
HETATM 881 O  O1  . NO3 J 4 .  ? -0.404  13.573  3.935   1.00 35.48 ?  203 NO3 B O1  1 
HETATM 882 O  O2  . NO3 J 4 .  ? -1.272  14.317  2.122   1.00 37.03 ?  203 NO3 B O2  1 
HETATM 883 O  O3  . NO3 J 4 .  ? -0.750  12.244  2.292   1.00 34.83 ?  203 NO3 B O3  1 
HETATM 884 O  O   . HOH K 7 .  ? -7.030  13.638  -20.472 1.00 16.73 ?  201 HOH A O   1 
HETATM 885 O  O   . HOH K 7 .  ? 6.511   -3.380  18.138  1.00 36.22 ?  202 HOH A O   1 
HETATM 886 O  O   . HOH K 7 .  ? -7.715  11.168  -14.783 1.00 13.43 ?  203 HOH A O   1 
HETATM 887 O  O   . HOH K 7 .  ? -8.364  5.518   -24.418 1.00 12.92 ?  204 HOH A O   1 
HETATM 888 O  O   . HOH K 7 .  ? 2.602   -8.793  13.664  1.00 24.42 ?  205 HOH A O   1 
HETATM 889 O  O   . HOH K 7 .  ? -8.010  -3.982  6.334   1.00 15.90 ?  206 HOH A O   1 
HETATM 890 O  O   . HOH K 7 .  ? -5.568  11.420  -16.510 1.00 11.17 ?  207 HOH A O   1 
HETATM 891 O  O   . HOH K 7 .  ? -2.052  -2.627  16.842  1.00 29.06 ?  208 HOH A O   1 
HETATM 892 O  O   . HOH K 7 .  ? -11.184 5.999   -20.173 1.00 30.33 ?  209 HOH A O   1 
HETATM 893 O  O   . HOH K 7 .  ? -6.811  10.331  -10.297 1.00 19.05 ?  210 HOH A O   1 
HETATM 894 O  O   . HOH K 7 .  ? -9.916  4.859   -13.435 1.00 20.61 ?  211 HOH A O   1 
HETATM 895 O  O   . HOH K 7 .  ? -11.430 0.692   -10.736 1.00 28.90 ?  212 HOH A O   1 
HETATM 896 O  O   . HOH K 7 .  ? -4.671  10.889  -8.603  1.00 33.82 ?  213 HOH A O   1 
HETATM 897 O  O   . HOH L 7 .  ? 4.814   7.721   -0.033  1.00 22.35 ?  301 HOH B O   1 
HETATM 898 O  O   . HOH L 7 .  ? 2.465   -24.272 -0.875  1.00 25.09 ?  302 HOH B O   1 
HETATM 899 O  O   . HOH L 7 .  ? 6.663   7.911   3.947   1.00 17.20 ?  303 HOH B O   1 
HETATM 900 O  O   . HOH L 7 .  ? 13.074  5.192   10.165  1.00 36.13 ?  304 HOH B O   1 
HETATM 901 O  O   . HOH L 7 .  ? 2.447   5.207   -8.100  1.00 15.00 ?  305 HOH B O   1 
HETATM 902 O  O   . HOH L 7 .  ? 1.541   9.323   -10.389 1.00 18.42 ?  306 HOH B O   1 
HETATM 903 O  O   . HOH L 7 .  ? -4.592  -1.307  17.624  1.00 31.31 ?  307 HOH B O   1 
HETATM 904 O  O   . HOH L 7 .  ? 5.603   -18.113 3.245   1.00 25.39 ?  308 HOH B O   1 
HETATM 905 O  O   . HOH L 7 .  ? 6.914   -16.775 -4.263  1.00 24.61 ?  309 HOH B O   1 
HETATM 906 O  O   . HOH L 7 .  ? -6.496  7.586   4.295   1.00 30.82 ?  310 HOH B O   1 
HETATM 907 O  O   . HOH L 7 .  ? -8.055  2.292   17.572  1.00 34.90 ?  311 HOH B O   1 
HETATM 908 O  O   . HOH L 7 .  ? -5.799  -8.166  -9.794  1.00 24.93 ?  312 HOH B O   1 
HETATM 909 O  O   . HOH L 7 .  ? -9.575  -0.818  -8.953  1.00 22.13 ?  313 HOH B O   1 
HETATM 910 O  O   . HOH L 7 .  ? 0.795   7.213   -7.126  1.00 16.70 ?  314 HOH B O   1 
HETATM 911 O  O   . HOH L 7 .  ? 1.687   2.257   18.665  1.00 27.83 ?  315 HOH B O   1 
HETATM 912 O  O   . HOH L 7 .  ? 6.879   -4.050  2.182   1.00 12.26 ?  316 HOH B O   1 
HETATM 913 O  O   . HOH L 7 .  ? -0.967  -14.800 5.510   1.00 16.96 ?  317 HOH B O   1 
HETATM 914 O  O   . HOH L 7 .  ? 4.227   7.582   2.717   1.00 18.34 ?  318 HOH B O   1 
HETATM 915 O  O   . HOH L 7 .  ? 3.321   4.990   2.512   1.00 24.29 ?  319 HOH B O   1 
HETATM 916 O  O   . HOH L 7 .  ? 4.940   6.347   -8.301  1.00 30.79 ?  320 HOH B O   1 
HETATM 917 O  O   . HOH L 7 .  ? -6.136  10.241  2.993   1.00 34.85 ?  321 HOH B O   1 
# 
loop_
_atom_site_anisotrop.id 
_atom_site_anisotrop.type_symbol 
_atom_site_anisotrop.pdbx_label_atom_id 
_atom_site_anisotrop.pdbx_label_alt_id 
_atom_site_anisotrop.pdbx_label_comp_id 
_atom_site_anisotrop.pdbx_label_asym_id 
_atom_site_anisotrop.pdbx_label_seq_id 
_atom_site_anisotrop.pdbx_PDB_ins_code 
_atom_site_anisotrop.U[1][1] 
_atom_site_anisotrop.U[2][2] 
_atom_site_anisotrop.U[3][3] 
_atom_site_anisotrop.U[1][2] 
_atom_site_anisotrop.U[1][3] 
_atom_site_anisotrop.U[2][3] 
_atom_site_anisotrop.pdbx_auth_seq_id 
_atom_site_anisotrop.pdbx_auth_comp_id 
_atom_site_anisotrop.pdbx_auth_asym_id 
_atom_site_anisotrop.pdbx_auth_atom_id 
1   N  N   . ALA A 1  ? 0.3418 0.3178 0.3553 -0.0505 -0.0175 -0.0305 1   ALA A N   
2   C  CA  . ALA A 1  ? 0.3353 0.2725 0.3567 -0.0758 -0.0133 -0.0417 1   ALA A CA  
3   C  C   . ALA A 1  ? 0.3295 0.2816 0.3324 -0.0707 -0.0268 -0.0464 1   ALA A C   
4   O  O   . ALA A 1  ? 0.3359 0.3156 0.3395 -0.0620 -0.0235 -0.0370 1   ALA A O   
6   N  N   . GLY A 2  ? 0.3545 0.2893 0.3391 -0.0692 -0.0454 -0.0571 2   GLY A N   
7   C  CA  . GLY A 2  ? 0.3507 0.2845 0.3102 -0.0500 -0.0595 -0.0560 2   GLY A CA  
8   C  C   . GLY A 2  ? 0.3058 0.2069 0.2397 -0.0386 -0.0678 -0.0557 2   GLY A C   
9   O  O   . GLY A 2  ? 0.3121 0.2133 0.2168 -0.0435 -0.0707 -0.0565 2   GLY A O   
10  N  N   . PRO A 3  ? 0.3259 0.1835 0.2688 -0.0141 -0.0749 -0.0450 3   PRO A N   
11  C  CA  . PRO A 3  ? 0.2932 0.1581 0.2215 0.0164  -0.0924 -0.0397 3   PRO A CA  
12  C  C   . PRO A 3  ? 0.2672 0.1757 0.1927 0.0242  -0.0928 -0.0478 3   PRO A C   
13  O  O   . PRO A 3  ? 0.2800 0.2098 0.2358 0.0125  -0.0755 -0.0719 3   PRO A O   
14  C  CB  . PRO A 3  ? 0.3450 0.2224 0.2810 0.0024  -0.0766 -0.0439 3   PRO A CB  
15  C  CG  . PRO A 3  ? 0.3387 0.2565 0.2692 0.0095  -0.0921 -0.0287 3   PRO A CG  
16  C  CD  . PRO A 3  ? 0.3443 0.2500 0.2859 -0.0077 -0.0834 -0.0439 3   PRO A CD  
17  N  N   . PHE A 4  ? 0.2390 0.1566 0.1799 0.0280  -0.0923 -0.0467 4   PHE A N   
18  C  CA  . PHE A 4  ? 0.2094 0.1714 0.1908 0.0167  -0.0856 -0.0569 4   PHE A CA  
19  C  C   . PHE A 4  ? 0.2064 0.1514 0.1718 0.0011  -0.0645 -0.0317 4   PHE A C   
20  O  O   . PHE A 4  ? 0.2235 0.1386 0.1604 0.0013  -0.0539 -0.0239 4   PHE A O   
21  C  CB  . PHE A 4  ? 0.2166 0.1976 0.2081 0.0392  -0.1004 -0.0734 4   PHE A CB  
22  C  CG  . PHE A 4  ? 0.2422 0.2277 0.2396 0.0385  -0.0954 -0.0918 4   PHE A CG  
23  C  CD1 . PHE A 4  ? 0.2619 0.2617 0.2624 0.0439  -0.0858 -0.1011 4   PHE A CD1 
24  C  CD2 . PHE A 4  ? 0.2442 0.2267 0.2332 0.0531  -0.1072 -0.0814 4   PHE A CD2 
25  C  CE1 . PHE A 4  ? 0.2777 0.2888 0.2851 0.0551  -0.0880 -0.0933 4   PHE A CE1 
26  C  CE2 . PHE A 4  ? 0.2874 0.2694 0.2935 0.0563  -0.0927 -0.0868 4   PHE A CE2 
27  C  CZ  . PHE A 4  ? 0.2898 0.2835 0.2986 0.0573  -0.0870 -0.0922 4   PHE A CZ  
28  N  N   . GLY A 5  ? 0.1984 0.1424 0.1434 -0.0040 -0.0541 -0.0082 5   GLY A N   
29  C  CA  . GLY A 5  ? 0.1945 0.1529 0.1339 -0.0115 -0.0432 -0.0046 5   GLY A CA  
30  C  C   . GLY A 5  ? 0.1731 0.1485 0.1362 -0.0211 -0.0393 -0.0162 5   GLY A C   
31  O  O   . GLY A 5  ? 0.1686 0.1747 0.1515 -0.0202 -0.0397 -0.0101 5   GLY A O   
32  N  N   . PRO A 6  ? 0.1782 0.1270 0.1215 -0.0177 -0.0366 -0.0082 6   PRO A N   
33  C  CA  . PRO A 6  ? 0.1822 0.1289 0.1286 -0.0350 -0.0275 -0.0036 6   PRO A CA  
34  C  C   . PRO A 6  ? 0.1897 0.1528 0.1250 -0.0377 -0.0288 0.0044  6   PRO A C   
35  O  O   . PRO A 6  ? 0.2119 0.1670 0.1445 -0.0577 -0.0066 -0.0080 6   PRO A O   
36  C  CB  . PRO A 6  ? 0.2053 0.1263 0.1445 -0.0163 -0.0274 -0.0071 6   PRO A CB  
37  C  CG  . PRO A 6  ? 0.1863 0.1409 0.1430 -0.0161 -0.0374 -0.0093 6   PRO A CG  
38  C  CD  . PRO A 6  ? 0.1693 0.1349 0.1359 -0.0189 -0.0386 -0.0074 6   PRO A CD  
39  N  N   . ARG A 7  ? 0.1827 0.1362 0.1229 -0.0289 -0.0302 -0.0062 7   ARG A N   
40  C  CA  . ARG A 7  ? 0.1784 0.1473 0.1232 -0.0299 -0.0307 -0.0042 7   ARG A CA  
41  C  C   . ARG A 7  ? 0.1755 0.1595 0.1196 -0.0320 -0.0203 -0.0081 7   ARG A C   
42  O  O   . ARG A 7  ? 0.1819 0.1910 0.1355 -0.0290 -0.0210 -0.0068 7   ARG A O   
50  N  N   . PRO A 8  ? 0.1862 0.1516 0.1276 -0.0266 -0.0156 0.0059  8   PRO A N   
51  C  CA  . PRO A 8  ? 0.1956 0.1444 0.1286 -0.0294 -0.0047 0.0049  8   PRO A CA  
52  C  C   . PRO A 8  ? 0.1698 0.1339 0.1254 -0.0169 -0.0197 0.0095  8   PRO A C   
53  O  O   . PRO A 8  ? 0.1756 0.1348 0.1389 -0.0271 -0.0197 0.0079  8   PRO A O   
54  C  CB  . PRO A 8  ? 0.2006 0.1638 0.1369 -0.0085 -0.0039 0.0205  8   PRO A CB  
55  C  CG  . PRO A 8  ? 0.1880 0.1841 0.1364 -0.0279 -0.0109 0.0137  8   PRO A CG  
56  C  CD  . PRO A 8  ? 0.1855 0.1551 0.1295 -0.0301 -0.0123 0.0093  8   PRO A CD  
57  N  N   . LYS A 9  ? 0.1697 0.1450 0.1253 -0.0109 -0.0153 0.0096  9   LYS A N   
58  C  CA  . LYS A 9  ? 0.1882 0.1749 0.1309 0.0170  -0.0175 0.0130  9   LYS A CA  
59  C  C   . LYS A 9  ? 0.1916 0.1613 0.1319 0.0043  -0.0174 0.0094  9   LYS A C   
60  O  O   . LYS A 9  ? 0.1869 0.1766 0.1350 0.0014  -0.0147 0.0135  9   LYS A O   
61  C  CB  . LYS A 9  ? 0.1938 0.2229 0.1653 0.0371  -0.0168 0.0241  9   LYS A CB  
62  C  CG  . LYS A 9  ? 0.1992 0.2368 0.1986 0.0282  -0.0162 0.0292  9   LYS A CG  
63  C  CD  . LYS A 9  ? 0.2563 0.2922 0.2702 0.0137  -0.0078 0.0234  9   LYS A CD  
64  C  CE  . LYS A 9  ? 0.2352 0.2816 0.2653 0.0013  -0.0041 0.0293  9   LYS A CE  
65  N  NZ  . LYS A 9  ? 0.1786 0.2331 0.2486 -0.0254 0.0016  0.0143  9   LYS A NZ  
66  N  N   . CYS A 10 ? 0.1845 0.1592 0.1348 0.0054  -0.0304 0.0069  10  CYS A N   
67  C  CA  . CYS A 10 ? 0.1894 0.1562 0.1402 0.0060  -0.0338 0.0146  10  CYS A CA  
68  C  C   . CYS A 10 ? 0.2026 0.1626 0.1413 0.0158  -0.0285 0.0155  10  CYS A C   
69  O  O   . CYS A 10 ? 0.2169 0.1634 0.1402 0.0069  -0.0272 0.0180  10  CYS A O   
70  C  CB  . CYS A 10 ? 0.1977 0.1756 0.1544 0.0026  -0.0354 0.0180  10  CYS A CB  
71  S  SG  . CYS A 10 ? 0.1916 0.1583 0.1751 0.0070  -0.0426 0.0110  10  CYS A SG  
72  N  N   . PRO A 11 ? 0.2216 0.1732 0.1533 0.0214  -0.0160 0.0186  11  PRO A N   
73  C  CA  . PRO A 11 ? 0.2356 0.1909 0.1640 0.0183  -0.0029 0.0233  11  PRO A CA  
74  C  C   . PRO A 11 ? 0.2260 0.2122 0.1709 0.0139  0.0039  0.0343  11  PRO A C   
75  O  O   . PRO A 11 ? 0.2254 0.2337 0.1589 0.0168  0.0089  0.0365  11  PRO A O   
76  C  CB  . PRO A 11 ? 0.2700 0.2131 0.2020 0.0143  -0.0005 0.0128  11  PRO A CB  
77  C  CG  . PRO A 11 ? 0.2718 0.2079 0.2096 0.0154  -0.0036 -0.0017 11  PRO A CG  
78  C  CD  . PRO A 11 ? 0.2433 0.1700 0.1837 0.0298  -0.0106 0.0071  11  PRO A CD  
79  N  N   . SER A 12 ? 0.2053 0.2061 0.1837 0.0167  -0.0073 0.0462  12  SER A N   
80  C  CA  . SER A 12 ? 0.1914 0.2146 0.1982 0.0131  -0.0181 0.0467  12  SER A CA  
81  C  C   . SER A 12 ? 0.1866 0.2146 0.1763 0.0065  -0.0270 0.0393  12  SER A C   
82  O  O   . SER A 12 ? 0.1872 0.2298 0.1704 -0.0008 -0.0245 0.0415  12  SER A O   
83  C  CB  . SER A 12 ? 0.1849 0.2353 0.2034 0.0318  -0.0260 0.0525  12  SER A CB  
84  O  OG  . SER A 12 ? 0.2648 0.3471 0.2985 0.0209  -0.0198 0.0322  12  SER A OG  
85  N  N   . GLN A 13 ? 0.1779 0.2101 0.1557 -0.0034 -0.0256 0.0282  13  GLN A N   
86  C  CA  . GLN A 13 ? 0.1734 0.1901 0.1373 -0.0059 -0.0280 0.0227  13  GLN A CA  
87  C  C   . GLN A 13 ? 0.1605 0.1900 0.1381 -0.0060 -0.0297 0.0187  13  GLN A C   
88  O  O   . GLN A 13 ? 0.1701 0.1714 0.1449 -0.0177 -0.0287 0.0158  13  GLN A O   
89  C  CB  . GLN A 13 ? 0.1930 0.1728 0.1505 -0.0057 -0.0296 0.0187  13  GLN A CB  
90  C  CG  . GLN A 13 ? 0.2113 0.1683 0.1459 -0.0058 -0.0284 0.0136  13  GLN A CG  
91  C  CD  . GLN A 13 ? 0.2101 0.1519 0.1338 -0.0121 -0.0315 0.0117  13  GLN A CD  
92  O  OE1 . GLN A 13 ? 0.2249 0.1751 0.1329 -0.0155 -0.0238 0.0116  13  GLN A OE1 
93  N  NE2 . GLN A 13 ? 0.1993 0.1649 0.1324 -0.0076 -0.0349 0.0210  13  GLN A NE2 
94  N  N   . PHE A 14 ? 0.1668 0.1644 0.1338 -0.0135 -0.0216 0.0149  14  PHE A N   
95  C  CA  . PHE A 14 ? 0.1636 0.1623 0.1327 -0.0093 -0.0197 0.0128  14  PHE A CA  
96  C  C   . PHE A 14 ? 0.1512 0.1787 0.1450 -0.0097 -0.0225 0.0168  14  PHE A C   
97  O  O   . PHE A 14 ? 0.1465 0.1678 0.1495 -0.0149 -0.0230 0.0191  14  PHE A O   
98  C  CB  . PHE A 14 ? 0.1776 0.1569 0.1473 -0.0175 -0.0103 0.0086  14  PHE A CB  
99  C  CG  . PHE A 14 ? 0.1622 0.1526 0.1491 -0.0118 -0.0122 0.0103  14  PHE A CG  
100 C  CD1 . PHE A 14 ? 0.1391 0.1510 0.1619 -0.0248 -0.0088 0.0104  14  PHE A CD1 
101 C  CD2 . PHE A 14 ? 0.1894 0.1988 0.1584 0.0230  -0.0092 0.0069  14  PHE A CD2 
102 C  CE1 . PHE A 14 ? 0.1331 0.1558 0.1679 -0.0199 -0.0261 -0.0056 14  PHE A CE1 
103 C  CE2 . PHE A 14 ? 0.2115 0.2082 0.1591 0.0087  -0.0108 -0.0037 14  PHE A CE2 
104 C  CZ  . PHE A 14 ? 0.1907 0.1834 0.1547 -0.0065 -0.0255 0.0004  14  PHE A CZ  
105 N  N   . VAL A 15 ? 0.1565 0.1988 0.1659 0.0030  -0.0221 0.0322  15  VAL A N   
106 C  CA  . VAL A 15 ? 0.1632 0.2125 0.1987 0.0043  -0.0123 0.0548  15  VAL A CA  
107 C  C   . VAL A 15 ? 0.1328 0.2336 0.1795 -0.0119 -0.0337 0.0466  15  VAL A C   
108 O  O   . VAL A 15 ? 0.1386 0.2435 0.1919 -0.0337 -0.0328 0.0469  15  VAL A O   
109 C  CB  . VAL A 15 ? 0.1980 0.3199 0.2559 0.0133  -0.0001 0.0302  15  VAL A CB  
110 C  CG1 . VAL A 15 ? 0.2404 0.3699 0.2979 0.0127  0.0093  0.0109  15  VAL A CG1 
111 C  CG2 . VAL A 15 ? 0.1982 0.3393 0.2645 0.0137  -0.0042 0.0149  15  VAL A CG2 
112 N  N   . SER A 16 ? 0.1386 0.2346 0.1845 -0.0253 -0.0451 0.0356  16  SER A N   
113 C  CA  . SER A 16 ? 0.1618 0.2540 0.1750 -0.0342 -0.0542 0.0209  16  SER A CA  
114 C  C   . SER A 16 ? 0.1707 0.2321 0.1629 -0.0468 -0.0532 0.0083  16  SER A C   
115 O  O   . SER A 16 ? 0.1907 0.2440 0.1967 -0.0688 -0.0486 -0.0025 16  SER A O   
116 C  CB  . SER A 16 ? 0.1942 0.2887 0.1613 -0.0338 -0.0605 0.0069  16  SER A CB  
117 O  OG  . SER A 16 ? 0.2860 0.3716 0.2570 -0.0261 -0.0442 0.0019  16  SER A OG  
118 N  N   . ALA A 17 ? 0.1660 0.1846 0.1367 -0.0344 -0.0369 -0.0035 17  ALA A N   
119 C  CA  . ALA A 17 ? 0.1731 0.1792 0.1375 -0.0231 -0.0179 -0.0079 17  ALA A CA  
120 C  C   . ALA A 17 ? 0.1460 0.1625 0.1327 -0.0220 -0.0174 -0.0069 17  ALA A C   
121 O  O   . ALA A 17 ? 0.1399 0.1665 0.1341 -0.0124 -0.0167 -0.0097 17  ALA A O   
122 C  CB  . ALA A 17 ? 0.1808 0.1979 0.1356 -0.0083 -0.0003 0.0101  17  ALA A CB  
123 N  N   . HIS A 18 ? 0.1287 0.1778 0.1388 -0.0229 -0.0219 0.0028  18  HIS A N   
124 C  CA  . HIS A 18 ? 0.1322 0.1806 0.1485 -0.0269 -0.0149 0.0029  18  HIS A CA  
125 C  C   . HIS A 18 ? 0.1080 0.1654 0.1464 -0.0124 -0.0087 0.0095  18  HIS A C   
126 O  O   . HIS A 18 ? 0.1176 0.1642 0.1382 -0.0154 -0.0065 0.0127  18  HIS A O   
127 C  CB  . HIS A 18 ? 0.1973 0.1741 0.1749 -0.0471 -0.0029 -0.0047 18  HIS A CB  
128 C  CG  . HIS A 18 ? 0.2322 0.2199 0.1948 -0.0721 0.0044  -0.0373 18  HIS A CG  
129 N  ND1 . HIS A 18 ? 0.2744 0.2582 0.2401 -0.0872 0.0242  -0.0549 18  HIS A ND1 
130 C  CD2 . HIS A 18 ? 0.2760 0.2959 0.2370 -0.0862 0.0104  -0.0528 18  HIS A CD2 
131 C  CE1 . HIS A 18 ? 0.2664 0.2619 0.2513 -0.1003 0.0230  -0.0725 18  HIS A CE1 
132 N  NE2 . HIS A 18 ? 0.2618 0.2766 0.2418 -0.0941 0.0101  -0.0719 18  HIS A NE2 
133 N  N   . ARG A 19 ? 0.1095 0.1591 0.1391 -0.0109 -0.0122 0.0041  19  ARG A N   
134 C  CA  . ARG A 19 ? 0.1196 0.1528 0.1453 -0.0084 -0.0129 -0.0029 19  ARG A CA  
135 C  C   . ARG A 19 ? 0.1201 0.1576 0.1149 -0.0135 -0.0151 -0.0020 19  ARG A C   
136 O  O   . ARG A 19 ? 0.1335 0.1775 0.1130 -0.0104 -0.0133 -0.0077 19  ARG A O   
137 C  CB  . ARG A 19 ? 0.1386 0.1512 0.1792 -0.0070 -0.0063 -0.0154 19  ARG A CB  
138 C  CG  . ARG A 19 ? 0.1305 0.1791 0.2157 -0.0028 -0.0108 -0.0481 19  ARG A CG  
139 C  CD  . ARG A 19 ? 0.1691 0.2076 0.2398 0.0206  -0.0223 -0.0386 19  ARG A CD  
140 N  NE  . ARG A 19 ? 0.1699 0.2068 0.2466 0.0345  -0.0317 -0.0263 19  ARG A NE  
141 C  CZ  . ARG A 19 ? 0.1922 0.2154 0.2553 0.0271  -0.0285 -0.0155 19  ARG A CZ  
142 N  NH1 . ARG A 19 ? 0.2244 0.2382 0.2420 0.0182  -0.0307 -0.0095 19  ARG A NH1 
143 N  NH2 . ARG A 19 ? 0.1889 0.2398 0.2475 0.0450  -0.0335 -0.0122 19  ARG A NH2 
144 N  N   . LEU A 20 ? 0.1161 0.1499 0.1076 -0.0120 -0.0140 -0.0029 20  LEU A N   
145 C  CA  . LEU A 20 ? 0.1104 0.1456 0.1163 -0.0147 -0.0132 -0.0013 20  LEU A CA  
146 C  C   . LEU A 20 ? 0.1079 0.1508 0.1173 -0.0139 -0.0145 0.0057  20  LEU A C   
147 O  O   . LEU A 20 ? 0.1098 0.1488 0.1182 -0.0159 -0.0153 0.0005  20  LEU A O   
148 C  CB  . LEU A 20 ? 0.1099 0.1490 0.1230 -0.0138 -0.0114 -0.0060 20  LEU A CB  
149 C  CG  . LEU A 20 ? 0.1299 0.1295 0.1193 -0.0235 -0.0058 -0.0088 20  LEU A CG  
150 C  CD1 . LEU A 20 ? 0.1428 0.1421 0.1358 -0.0331 0.0046  -0.0178 20  LEU A CD1 
151 C  CD2 . LEU A 20 ? 0.1517 0.1373 0.1184 -0.0310 0.0041  -0.0084 20  LEU A CD2 
152 N  N   . SER A 21 ? 0.1111 0.1665 0.1201 -0.0150 -0.0172 0.0176  21  SER A N   
153 C  CA  . SER A 21 ? 0.1168 0.1945 0.1366 -0.0125 -0.0090 0.0393  21  SER A CA  
154 C  C   . SER A 21 ? 0.1090 0.1506 0.1243 -0.0268 -0.0117 0.0104  21  SER A C   
155 O  O   . SER A 21 ? 0.1218 0.1500 0.1143 -0.0174 -0.0172 0.0024  21  SER A O   
156 C  CB  . SER A 21 ? 0.1320 0.2695 0.1626 -0.0036 0.0020  0.0724  21  SER A CB  
157 O  OG  . SER A 21 ? 0.1342 0.2939 0.1805 -0.0544 -0.0175 0.0436  21  SER A OG  
158 N  N   . ALA A 22 ? 0.1156 0.1419 0.1149 -0.0284 -0.0169 -0.0039 22  ALA A N   
159 C  CA  . ALA A 22 ? 0.1273 0.1294 0.1185 -0.0282 -0.0165 -0.0091 22  ALA A CA  
160 C  C   . ALA A 22 ? 0.1239 0.1217 0.1188 -0.0194 -0.0164 -0.0073 22  ALA A C   
161 O  O   . ALA A 22 ? 0.1250 0.1251 0.1259 -0.0167 -0.0255 -0.0064 22  ALA A O   
162 C  CB  . ALA A 22 ? 0.1425 0.1371 0.1341 -0.0374 -0.0131 -0.0229 22  ALA A CB  
163 N  N   . CYS A 23 ? 0.1127 0.1205 0.1122 -0.0174 -0.0157 -0.0113 23  CYS A N   
164 C  CA  . CYS A 23 ? 0.1059 0.1116 0.1125 -0.0178 -0.0129 -0.0117 23  CYS A CA  
165 C  C   . CYS A 23 ? 0.1061 0.1168 0.1171 -0.0137 -0.0171 -0.0060 23  CYS A C   
166 O  O   . CYS A 23 ? 0.1102 0.1224 0.1165 -0.0162 -0.0180 -0.0123 23  CYS A O   
167 C  CB  . CYS A 23 ? 0.1106 0.1163 0.1125 -0.0167 -0.0114 -0.0084 23  CYS A CB  
168 S  SG  . CYS A 23 ? 0.1226 0.1104 0.1111 -0.0182 -0.0157 -0.0078 23  CYS A SG  
169 N  N   . GLN A 24 ? 0.1083 0.1245 0.1121 -0.0117 -0.0212 -0.0099 24  GLN A N   
170 C  CA  . GLN A 24 ? 0.1125 0.1300 0.1121 -0.0103 -0.0142 -0.0104 24  GLN A CA  
171 C  C   . GLN A 24 ? 0.1164 0.1370 0.1146 -0.0132 -0.0140 -0.0124 24  GLN A C   
172 O  O   . GLN A 24 ? 0.1260 0.1441 0.1169 -0.0108 -0.0187 -0.0104 24  GLN A O   
173 C  CB  . GLN A 24 ? 0.1216 0.1338 0.1195 -0.0059 -0.0063 -0.0080 24  GLN A CB  
174 C  CG  . GLN A 24 ? 0.1322 0.1354 0.1233 -0.0001 -0.0067 -0.0115 24  GLN A CG  
175 C  CD  . GLN A 24 ? 0.1277 0.1470 0.1208 0.0057  -0.0146 -0.0186 24  GLN A CD  
176 O  OE1 . GLN A 24 ? 0.1361 0.1719 0.1213 0.0112  -0.0124 -0.0281 24  GLN A OE1 
177 N  NE2 . GLN A 24 ? 0.1430 0.1583 0.1224 0.0162  -0.0181 -0.0134 24  GLN A NE2 
178 N  N   . LYS A 25 ? 0.1153 0.1443 0.1175 -0.0119 -0.0174 -0.0018 25  LYS A N   
179 C  CA  . LYS A 25 ? 0.1217 0.1524 0.1262 -0.0197 -0.0164 0.0103  25  LYS A CA  
180 C  C   . LYS A 25 ? 0.1283 0.1346 0.1276 -0.0193 -0.0202 0.0061  25  LYS A C   
181 O  O   . LYS A 25 ? 0.1275 0.1600 0.1259 -0.0143 -0.0250 0.0131  25  LYS A O   
182 C  CB  . LYS A 25 ? 0.1300 0.1700 0.1634 -0.0285 -0.0081 0.0165  25  LYS A CB  
183 C  CG  . LYS A 25 ? 0.1555 0.2265 0.2101 -0.0327 -0.0002 0.0162  25  LYS A CG  
184 C  CD  . LYS A 25 ? 0.1705 0.2519 0.2555 -0.0498 0.0154  -0.0184 25  LYS A CD  
185 C  CE  . LYS A 25 ? 0.2284 0.3192 0.3044 -0.0480 0.0312  -0.0307 25  LYS A CE  
186 N  NZ  . LYS A 25 ? 0.2835 0.3815 0.3487 -0.0348 0.0371  -0.0413 25  LYS A NZ  
187 N  N   . TRP A 26 ? 0.1245 0.1313 0.1271 -0.0152 -0.0201 0.0002  26  TRP A N   
188 C  CA  . TRP A 26 ? 0.1169 0.1357 0.1335 -0.0124 -0.0209 -0.0055 26  TRP A CA  
189 C  C   . TRP A 26 ? 0.1230 0.1342 0.1352 -0.0131 -0.0216 0.0011  26  TRP A C   
190 O  O   . TRP A 26 ? 0.1218 0.1621 0.1300 -0.0006 -0.0300 0.0046  26  TRP A O   
191 C  CB  . TRP A 26 ? 0.1236 0.1418 0.1383 -0.0084 -0.0214 -0.0148 26  TRP A CB  
192 C  CG  . TRP A 26 ? 0.1217 0.1192 0.1334 -0.0106 -0.0229 -0.0101 26  TRP A CG  
193 C  CD1 . TRP A 26 ? 0.1338 0.1246 0.1450 -0.0103 -0.0172 0.0015  26  TRP A CD1 
194 C  CD2 . TRP A 26 ? 0.1234 0.1165 0.1392 -0.0138 -0.0250 -0.0100 26  TRP A CD2 
195 N  NE1 . TRP A 26 ? 0.1252 0.1225 0.1531 -0.0157 -0.0143 -0.0038 26  TRP A NE1 
196 C  CE2 . TRP A 26 ? 0.1237 0.1154 0.1409 -0.0172 -0.0223 -0.0103 26  TRP A CE2 
197 C  CE3 . TRP A 26 ? 0.1341 0.1216 0.1554 -0.0239 -0.0200 -0.0147 26  TRP A CE3 
198 C  CZ2 . TRP A 26 ? 0.1360 0.1238 0.1553 -0.0086 -0.0290 -0.0145 26  TRP A CZ2 
199 C  CZ3 . TRP A 26 ? 0.1479 0.1216 0.1673 -0.0122 -0.0281 -0.0114 26  TRP A CZ3 
200 C  CH2 . TRP A 26 ? 0.1422 0.1248 0.1684 -0.0032 -0.0369 -0.0158 26  TRP A CH2 
201 N  N   A ILE A 27 ? 0.1210 0.1393 0.1236 -0.0153 -0.0251 0.0010  27  ILE A N   
202 N  N   B ILE A 27 ? 0.1126 0.1396 0.1326 -0.0171 -0.0259 -0.0083 27  ILE A N   
203 C  CA  A ILE A 27 ? 0.1220 0.1323 0.1166 -0.0248 -0.0251 0.0014  27  ILE A CA  
204 C  CA  B ILE A 27 ? 0.1254 0.1572 0.1361 -0.0254 -0.0278 -0.0109 27  ILE A CA  
205 C  C   A ILE A 27 ? 0.1506 0.1484 0.1337 -0.0182 -0.0275 0.0014  27  ILE A C   
206 C  C   B ILE A 27 ? 0.1283 0.1405 0.1233 -0.0276 -0.0313 -0.0011 27  ILE A C   
207 O  O   A ILE A 27 ? 0.1590 0.1378 0.1439 -0.0139 -0.0299 -0.0125 27  ILE A O   
208 O  O   B ILE A 27 ? 0.1210 0.1370 0.1299 -0.0266 -0.0359 -0.0062 27  ILE A O   
209 C  CB  A ILE A 27 ? 0.1161 0.1353 0.1241 -0.0366 -0.0124 -0.0038 27  ILE A CB  
210 C  CB  B ILE A 27 ? 0.1175 0.1364 0.1227 -0.0342 -0.0226 -0.0056 27  ILE A CB  
211 C  CG1 A ILE A 27 ? 0.1409 0.1462 0.1417 -0.0220 -0.0198 0.0003  27  ILE A CG1 
212 C  CG1 B ILE A 27 ? 0.1286 0.1329 0.1440 -0.0242 -0.0236 -0.0069 27  ILE A CG1 
213 C  CG2 A ILE A 27 ? 0.1351 0.1477 0.1034 -0.0280 -0.0148 0.0062  27  ILE A CG2 
214 C  CG2 B ILE A 27 ? 0.1408 0.1326 0.1456 -0.0268 -0.0224 -0.0061 27  ILE A CG2 
215 C  CD1 A ILE A 27 ? 0.1433 0.1393 0.1650 -0.0226 -0.0146 -0.0114 27  ILE A CD1 
216 C  CD1 B ILE A 27 ? 0.1268 0.1431 0.1361 -0.0248 -0.0243 -0.0081 27  ILE A CD1 
217 N  N   . HIS A 28 ? 0.1346 0.1545 0.1229 -0.0208 -0.0304 0.0005  28  HIS A N   
218 C  CA  . HIS A 28 ? 0.1443 0.1615 0.1295 -0.0158 -0.0259 0.0024  28  HIS A CA  
219 C  C   . HIS A 28 ? 0.1336 0.1771 0.1266 -0.0332 -0.0255 0.0097  28  HIS A C   
220 O  O   . HIS A 28 ? 0.1459 0.2026 0.1294 -0.0387 -0.0276 0.0117  28  HIS A O   
221 C  CB  . HIS A 28 ? 0.1653 0.1812 0.1327 -0.0093 -0.0130 0.0110  28  HIS A CB  
222 C  CG  . HIS A 28 ? 0.1977 0.2099 0.1393 -0.0095 -0.0022 0.0120  28  HIS A CG  
223 N  ND1 . HIS A 28 ? 0.2466 0.2549 0.1867 -0.0262 0.0287  -0.0051 28  HIS A ND1 
224 C  CD2 . HIS A 28 ? 0.2107 0.2748 0.1461 -0.0103 0.0025  -0.0054 28  HIS A CD2 
225 C  CE1 . HIS A 28 ? 0.2549 0.2775 0.1831 -0.0182 0.0309  0.0073  28  HIS A CE1 
226 N  NE2 . HIS A 28 ? 0.2181 0.2887 0.1360 0.0136  0.0057  0.0104  28  HIS A NE2 
227 N  N   . LYS A 29 ? 0.1348 0.1707 0.1351 -0.0301 -0.0299 0.0176  29  LYS A N   
228 C  CA  . LYS A 29 ? 0.1521 0.1676 0.1611 -0.0263 -0.0322 0.0260  29  LYS A CA  
229 C  C   . LYS A 29 ? 0.1404 0.1884 0.1542 -0.0251 -0.0318 0.0235  29  LYS A C   
230 O  O   . LYS A 29 ? 0.1467 0.2300 0.1454 -0.0023 -0.0306 0.0432  29  LYS A O   
231 C  CB  . LYS A 29 ? 0.1771 0.1779 0.2009 -0.0057 -0.0401 0.0168  29  LYS A CB  
232 C  CG  . LYS A 29 ? 0.2447 0.2327 0.2418 0.0053  -0.0361 0.0079  29  LYS A CG  
233 C  CD  . LYS A 29 ? 0.2953 0.2909 0.2628 0.0208  -0.0295 0.0082  29  LYS A CD  
234 C  CE  . LYS A 29 ? 0.3062 0.3054 0.2692 0.0349  -0.0277 0.0117  29  LYS A CE  
235 N  NZ  . LYS A 29 ? 0.3242 0.3208 0.2950 0.0393  -0.0247 0.0110  29  LYS A NZ  
236 N  N   . GLN A 30 ? 0.1383 0.1739 0.1403 -0.0207 -0.0309 0.0197  30  GLN A N   
237 C  CA  . GLN A 30 ? 0.1302 0.1652 0.1458 -0.0182 -0.0318 0.0200  30  GLN A CA  
238 C  C   . GLN A 30 ? 0.1282 0.1959 0.1421 -0.0272 -0.0299 0.0188  30  GLN A C   
239 O  O   . GLN A 30 ? 0.1283 0.2230 0.1501 -0.0258 -0.0308 0.0144  30  GLN A O   
240 C  CB  . GLN A 30 ? 0.1505 0.1827 0.1449 -0.0247 -0.0224 0.0245  30  GLN A CB  
241 C  CG  . GLN A 30 ? 0.1454 0.1949 0.1453 -0.0206 -0.0296 0.0185  30  GLN A CG  
242 C  CD  . GLN A 30 ? 0.1572 0.2013 0.1697 -0.0153 -0.0424 0.0140  30  GLN A CD  
243 O  OE1 . GLN A 30 ? 0.1469 0.2313 0.2174 -0.0121 -0.0400 0.0129  30  GLN A OE1 
244 N  NE2 . GLN A 30 ? 0.2028 0.2116 0.1879 0.0032  -0.0575 -0.0131 30  GLN A NE2 
245 N  N   . ALA A 31 ? 0.1328 0.1866 0.1401 -0.0282 -0.0353 0.0085  31  ALA A N   
246 C  CA  . ALA A 31 ? 0.1460 0.1959 0.1547 -0.0298 -0.0387 0.0048  31  ALA A CA  
247 C  C   . ALA A 31 ? 0.1603 0.2226 0.1559 -0.0249 -0.0479 0.0119  31  ALA A C   
248 O  O   . ALA A 31 ? 0.1639 0.2250 0.1565 -0.0223 -0.0609 -0.0052 31  ALA A O   
249 C  CB  . ALA A 31 ? 0.1625 0.1765 0.1599 -0.0233 -0.0438 -0.0066 31  ALA A CB  
250 N  N   . THR A 32 ? 0.1702 0.2356 0.1515 -0.0303 -0.0474 0.0307  32  THR A N   
251 C  CA  . THR A 32 ? 0.1988 0.2874 0.1509 -0.0319 -0.0466 0.0391  32  THR A CA  
252 C  C   . THR A 32 ? 0.2388 0.3131 0.1789 -0.0191 -0.0502 0.0477  32  THR A C   
253 O  O   . THR A 32 ? 0.2534 0.3311 0.1526 -0.0058 -0.0490 0.0538  32  THR A O   
254 C  CB  . THR A 32 ? 0.2193 0.3231 0.1661 -0.0473 -0.0394 0.0321  32  THR A CB  
255 O  OG1 . THR A 32 ? 0.2859 0.3802 0.2335 -0.0468 -0.0311 0.0309  32  THR A OG1 
256 C  CG2 . THR A 32 ? 0.2443 0.3605 0.1993 -0.0377 -0.0389 0.0241  32  THR A CG2 
257 N  N   . SER A 33 ? 0.2168 0.2937 0.1853 0.0056  -0.0663 0.0541  33  SER A N   
258 C  CA  . SER A 33 ? 0.2315 0.3192 0.2629 0.0201  -0.0750 0.0392  33  SER A CA  
259 C  C   . SER A 33 ? 0.2144 0.3206 0.2605 0.0219  -0.0759 0.0451  33  SER A C   
260 O  O   . SER A 33 ? 0.2341 0.3489 0.3262 0.0205  -0.0727 0.0391  33  SER A O   
261 C  CB  . SER A 33 ? 0.2793 0.3740 0.3642 0.0185  -0.0733 0.0121  33  SER A CB  
262 O  OG  . SER A 33 ? 0.2980 0.3977 0.4109 0.0202  -0.0708 -0.0002 33  SER A OG  
263 N  N   . ALA A 34 ? 0.1974 0.3326 0.2133 0.0053  -0.0728 0.0502  34  ALA A N   
264 C  CA  . ALA A 34 ? 0.2092 0.3696 0.2059 0.0051  -0.0686 0.0526  34  ALA A CA  
265 C  C   . ALA A 34 ? 0.2235 0.4147 0.1841 0.0173  -0.0725 0.0643  34  ALA A C   
266 O  O   . ALA A 34 ? 0.2500 0.4345 0.1790 0.0081  -0.0622 0.0526  34  ALA A O   
267 C  CB  . ALA A 34 ? 0.2092 0.3592 0.2165 0.0076  -0.0748 0.0418  34  ALA A CB  
268 N  N   . GLY A 35 ? 0.2189 0.4266 0.2070 0.0347  -0.0767 0.0693  35  GLY A N   
269 C  CA  . GLY A 35 ? 0.2439 0.4598 0.2456 0.0436  -0.0747 0.0593  35  GLY A CA  
270 C  C   . GLY A 35 ? 0.2864 0.4988 0.2788 0.0480  -0.0704 0.0568  35  GLY A C   
271 O  O   . GLY A 35 ? 0.3101 0.5253 0.3044 0.0475  -0.0655 0.0544  35  GLY A O   
272 N  N   . PRO B 1  ? 0.3607 0.4995 0.2335 -0.0132 -0.0275 -0.0075 56  PRO B N   
273 C  CA  . PRO B 1  ? 0.3528 0.4924 0.2373 -0.0094 -0.0321 -0.0118 56  PRO B CA  
274 C  C   . PRO B 1  ? 0.3038 0.4427 0.1958 0.0032  -0.0446 -0.0135 56  PRO B C   
275 O  O   . PRO B 1  ? 0.3251 0.4569 0.2216 -0.0083 -0.0445 -0.0173 56  PRO B O   
276 C  CB  . PRO B 1  ? 0.3634 0.5093 0.2519 -0.0127 -0.0300 -0.0085 56  PRO B CB  
277 C  CG  . PRO B 1  ? 0.3608 0.5085 0.2421 -0.0158 -0.0291 -0.0069 56  PRO B CG  
278 C  CD  . PRO B 1  ? 0.3514 0.4952 0.2191 -0.0144 -0.0304 -0.0062 56  PRO B CD  
279 N  N   . GLU B 2  ? 0.2997 0.4312 0.2169 0.0138  -0.0467 -0.0204 57  GLU B N   
280 C  CA  . GLU B 2  ? 0.2913 0.4139 0.2445 0.0146  -0.0467 -0.0300 57  GLU B CA  
281 C  C   . GLU B 2  ? 0.2280 0.3470 0.2426 0.0101  -0.0533 -0.0258 57  GLU B C   
282 O  O   . GLU B 2  ? 0.2614 0.3797 0.2878 0.0022  -0.0411 -0.0254 57  GLU B O   
283 C  CB  . GLU B 2  ? 0.3399 0.4660 0.2810 0.0251  -0.0409 -0.0422 57  GLU B CB  
284 C  CG  . GLU B 2  ? 0.3739 0.5055 0.3156 0.0365  -0.0381 -0.0501 57  GLU B CG  
285 C  CD  . GLU B 2  ? 0.4017 0.5413 0.3339 0.0471  -0.0361 -0.0532 57  GLU B CD  
286 O  OE1 . GLU B 2  ? 0.4203 0.5600 0.3463 0.0481  -0.0322 -0.0548 57  GLU B OE1 
287 O  OE2 . GLU B 2  ? 0.4154 0.5555 0.3441 0.0490  -0.0353 -0.0555 57  GLU B OE2 
288 N  N   . GLN B 3  ? 0.1974 0.2976 0.2395 0.0116  -0.0709 -0.0278 58  GLN B N   
289 C  CA  . GLN B 3  ? 0.1890 0.2312 0.2109 -0.0020 -0.0632 -0.0218 58  GLN B CA  
290 C  C   . GLN B 3  ? 0.1669 0.2074 0.1712 -0.0126 -0.0634 -0.0247 58  GLN B C   
291 O  O   . GLN B 3  ? 0.2063 0.2322 0.2079 -0.0072 -0.0585 -0.0281 58  GLN B O   
292 C  CB  . GLN B 3  ? 0.1928 0.1969 0.1756 -0.0048 -0.0537 -0.0027 58  GLN B CB  
293 C  CG  . GLN B 3  ? 0.2229 0.1896 0.1698 -0.0122 -0.0358 -0.0028 58  GLN B CG  
294 C  CD  . GLN B 3  ? 0.2175 0.1469 0.1390 -0.0217 -0.0238 -0.0057 58  GLN B CD  
295 O  OE1 . GLN B 3  ? 0.2386 0.1730 0.1393 -0.0135 -0.0176 -0.0115 58  GLN B OE1 
296 N  NE2 . GLN B 3  ? 0.1966 0.1750 0.1356 -0.0200 -0.0309 -0.0118 58  GLN B NE2 
297 N  N   . ARG B 4  ? 0.1779 0.1936 0.1822 -0.0182 -0.0578 -0.0201 59  ARG B N   
298 C  CA  . ARG B 4  ? 0.1679 0.1789 0.1859 -0.0386 -0.0476 -0.0210 59  ARG B CA  
299 C  C   . ARG B 4  ? 0.1581 0.1369 0.1662 -0.0159 -0.0614 -0.0161 59  ARG B C   
300 O  O   . ARG B 4  ? 0.1559 0.1339 0.1653 -0.0257 -0.0569 -0.0199 59  ARG B O   
301 C  CB  . ARG B 4  ? 0.1918 0.1738 0.1832 -0.0568 -0.0375 -0.0001 59  ARG B CB  
302 C  CG  . ARG B 4  ? 0.2340 0.2249 0.2264 -0.0577 -0.0283 0.0079  59  ARG B CG  
303 C  CD  . ARG B 4  ? 0.2886 0.2486 0.2441 -0.0501 -0.0257 0.0062  59  ARG B CD  
304 N  NE  . ARG B 4  ? 0.3149 0.2322 0.2385 -0.0335 -0.0198 0.0103  59  ARG B NE  
305 C  CZ  . ARG B 4  ? 0.3228 0.2042 0.2275 -0.0079 -0.0128 0.0222  59  ARG B CZ  
306 N  NH1 . ARG B 4  ? 0.3271 0.1856 0.2537 -0.0256 0.0034  0.0136  59  ARG B NH1 
307 N  NH2 . ARG B 4  ? 0.3234 0.1899 0.2283 0.0061  -0.0178 0.0192  59  ARG B NH2 
308 N  N   . PRO B 5  ? 0.1578 0.1276 0.1659 -0.0223 -0.0611 -0.0140 60  PRO B N   
309 C  CA  . PRO B 5  ? 0.1735 0.1211 0.1482 -0.0210 -0.0576 -0.0048 60  PRO B CA  
310 C  C   . PRO B 5  ? 0.1680 0.1147 0.1344 -0.0226 -0.0486 0.0015  60  PRO B C   
311 O  O   . PRO B 5  ? 0.1518 0.1147 0.1423 -0.0249 -0.0411 -0.0018 60  PRO B O   
312 C  CB  . PRO B 5  ? 0.1910 0.1412 0.1611 -0.0139 -0.0623 -0.0139 60  PRO B CB  
313 C  CG  . PRO B 5  ? 0.1853 0.1416 0.1735 -0.0188 -0.0648 -0.0205 60  PRO B CG  
314 C  CD  . PRO B 5  ? 0.1705 0.1502 0.1710 -0.0366 -0.0575 -0.0237 60  PRO B CD  
315 N  N   . PRO B 6  ? 0.1700 0.1102 0.1368 -0.0282 -0.0459 0.0074  61  PRO B N   
316 C  CA  . PRO B 6  ? 0.1687 0.1109 0.1321 -0.0292 -0.0378 0.0043  61  PRO B CA  
317 C  C   . PRO B 6  ? 0.1439 0.1125 0.1283 -0.0313 -0.0331 0.0000  61  PRO B C   
318 O  O   . PRO B 6  ? 0.1426 0.1129 0.1274 -0.0262 -0.0373 -0.0013 61  PRO B O   
319 C  CB  . PRO B 6  ? 0.1863 0.1200 0.1507 -0.0396 -0.0276 0.0128  61  PRO B CB  
320 C  CG  . PRO B 6  ? 0.1941 0.1293 0.1623 -0.0348 -0.0330 0.0214  61  PRO B CG  
321 C  CD  . PRO B 6  ? 0.1853 0.1204 0.1525 -0.0293 -0.0432 0.0182  61  PRO B CD  
322 N  N   . LEU B 7  ? 0.1504 0.1225 0.1220 -0.0253 -0.0321 -0.0033 62  LEU B N   
323 C  CA  . LEU B 7  ? 0.1489 0.1225 0.1275 -0.0231 -0.0324 -0.0065 62  LEU B CA  
324 C  C   . LEU B 7  ? 0.1381 0.1164 0.1192 -0.0216 -0.0382 -0.0125 62  LEU B C   
325 O  O   . LEU B 7  ? 0.1438 0.1197 0.1235 -0.0180 -0.0363 -0.0055 62  LEU B O   
326 C  CB  . LEU B 7  ? 0.1661 0.1296 0.1276 -0.0253 -0.0241 -0.0143 62  LEU B CB  
327 C  CG  . LEU B 7  ? 0.1775 0.1399 0.1419 -0.0218 -0.0224 -0.0104 62  LEU B CG  
328 C  CD1 . LEU B 7  ? 0.1854 0.1565 0.1498 -0.0076 -0.0256 -0.0138 62  LEU B CD1 
329 C  CD2 . LEU B 7  ? 0.1875 0.1516 0.1456 -0.0227 -0.0217 -0.0097 62  LEU B CD2 
330 N  N   . LEU B 8  ? 0.1373 0.1115 0.1283 -0.0246 -0.0383 -0.0005 63  LEU B N   
331 C  CA  . LEU B 8  ? 0.1306 0.1129 0.1298 -0.0258 -0.0411 0.0022  63  LEU B CA  
332 C  C   . LEU B 8  ? 0.1262 0.1028 0.1324 -0.0308 -0.0300 -0.0055 63  LEU B C   
333 O  O   . LEU B 8  ? 0.1338 0.1090 0.1312 -0.0237 -0.0333 -0.0075 63  LEU B O   
334 C  CB  . LEU B 8  ? 0.1335 0.1168 0.1376 -0.0259 -0.0443 0.0008  63  LEU B CB  
335 C  CG  . LEU B 8  ? 0.1388 0.1232 0.1434 -0.0356 -0.0422 -0.0004 63  LEU B CG  
336 C  CD1 . LEU B 8  ? 0.1499 0.1218 0.1582 -0.0339 -0.0385 -0.0054 63  LEU B CD1 
337 C  CD2 . LEU B 8  ? 0.1341 0.1498 0.1757 -0.0281 -0.0436 0.0132  63  LEU B CD2 
338 N  N   . ARG B 9  ? 0.1324 0.1104 0.1351 -0.0254 -0.0344 -0.0013 64  ARG B N   
339 C  CA  . ARG B 9  ? 0.1389 0.1043 0.1254 -0.0300 -0.0330 -0.0068 64  ARG B CA  
340 C  C   . ARG B 9  ? 0.1521 0.1003 0.1236 -0.0297 -0.0315 -0.0064 64  ARG B C   
341 O  O   . ARG B 9  ? 0.1662 0.1110 0.1154 -0.0229 -0.0386 -0.0042 64  ARG B O   
342 C  CB  . ARG B 9  ? 0.1434 0.1100 0.1362 -0.0261 -0.0295 -0.0117 64  ARG B CB  
343 C  CG  . ARG B 9  ? 0.1541 0.1112 0.1589 -0.0318 -0.0165 -0.0041 64  ARG B CG  
344 C  CD  . ARG B 9  ? 0.1595 0.1166 0.1498 -0.0269 -0.0303 -0.0030 64  ARG B CD  
345 N  NE  . ARG B 9  ? 0.1566 0.1093 0.1278 -0.0259 -0.0373 -0.0033 64  ARG B NE  
346 C  CZ  . ARG B 9  ? 0.1522 0.1151 0.1186 -0.0227 -0.0386 -0.0062 64  ARG B CZ  
347 N  NH1 . ARG B 9  ? 0.1613 0.1205 0.1308 -0.0177 -0.0398 -0.0060 64  ARG B NH1 
348 N  NH2 . ARG B 9  ? 0.1579 0.1120 0.1234 -0.0268 -0.0312 -0.0030 64  ARG B NH2 
349 N  N   . LEU B 10 ? 0.1435 0.1021 0.1265 -0.0282 -0.0361 -0.0014 65  LEU B N   
350 C  CA  . LEU B 10 ? 0.1377 0.1118 0.1271 -0.0321 -0.0373 -0.0043 65  LEU B CA  
351 C  C   . LEU B 10 ? 0.1369 0.1119 0.1179 -0.0278 -0.0380 -0.0049 65  LEU B C   
352 O  O   . LEU B 10 ? 0.1520 0.1195 0.1292 -0.0197 -0.0501 -0.0021 65  LEU B O   
353 C  CB  . LEU B 10 ? 0.1496 0.1278 0.1328 -0.0366 -0.0348 -0.0010 65  LEU B CB  
354 C  CG  . LEU B 10 ? 0.1705 0.1271 0.1483 -0.0385 -0.0297 0.0090  65  LEU B CG  
355 C  CD1 . LEU B 10 ? 0.2040 0.1448 0.1588 -0.0440 -0.0095 0.0088  65  LEU B CD1 
356 C  CD2 . LEU B 10 ? 0.1773 0.1280 0.1603 -0.0334 -0.0387 0.0108  65  LEU B CD2 
357 N  N   . CYS B 11 ? 0.1307 0.1099 0.1173 -0.0228 -0.0320 -0.0036 66  CYS B N   
358 C  CA  . CYS B 11 ? 0.1310 0.1018 0.1162 -0.0235 -0.0298 -0.0084 66  CYS B CA  
359 C  C   . CYS B 11 ? 0.1528 0.0983 0.1158 -0.0252 -0.0311 -0.0098 66  CYS B C   
360 O  O   . CYS B 11 ? 0.1807 0.1116 0.1087 -0.0175 -0.0345 0.0002  66  CYS B O   
361 C  CB  . CYS B 11 ? 0.1222 0.1021 0.1203 -0.0213 -0.0252 -0.0179 66  CYS B CB  
362 S  SG  . CYS B 11 ? 0.1165 0.1087 0.1260 -0.0192 -0.0126 -0.0175 66  CYS B SG  
363 N  N   . CYS B 12 ? 0.1810 0.0954 0.1183 -0.0247 -0.0179 -0.0100 67  CYS B N   
364 C  CA  . CYS B 12 ? 0.2301 0.1136 0.1258 -0.0278 0.0071  -0.0084 67  CYS B CA  
365 C  C   . CYS B 12 ? 0.2715 0.1116 0.1071 -0.0062 -0.0117 -0.0107 67  CYS B C   
366 O  O   . CYS B 12 ? 0.3184 0.1212 0.1124 -0.0097 0.0066  -0.0055 67  CYS B O   
367 C  CB  . CYS B 12 ? 0.2090 0.1259 0.1746 -0.0368 0.0264  -0.0206 67  CYS B CB  
368 S  SG  . CYS B 12 ? 0.1996 0.1890 0.2735 -0.0642 0.0632  -0.0655 67  CYS B SG  
369 N  N   . THR B 13 ? 0.2698 0.1162 0.1103 -0.0049 -0.0415 -0.0112 68  THR B N   
370 C  CA  . THR B 13 ? 0.2801 0.1246 0.1190 0.0045  -0.0610 -0.0184 68  THR B CA  
371 C  C   . THR B 13 ? 0.2814 0.1098 0.1213 -0.0097 -0.0531 -0.0091 68  THR B C   
372 O  O   . THR B 13 ? 0.3100 0.1287 0.1104 0.0051  -0.0534 -0.0059 68  THR B O   
373 C  CB  . THR B 13 ? 0.2862 0.1201 0.1544 -0.0035 -0.0800 -0.0146 68  THR B CB  
374 O  OG1 . THR B 13 ? 0.3042 0.1156 0.1740 0.0083  -0.0780 -0.0227 68  THR B OG1 
375 C  CG2 . THR B 13 ? 0.2732 0.1491 0.1741 -0.0196 -0.0926 -0.0138 68  THR B CG2 
376 N  N   . GLN B 14 ? 0.2374 0.1112 0.1146 -0.0146 -0.0552 -0.0106 69  GLN B N   
377 C  CA  . GLN B 14 ? 0.2124 0.1200 0.1197 -0.0106 -0.0544 -0.0048 69  GLN B CA  
378 C  C   . GLN B 14 ? 0.2159 0.1202 0.1067 -0.0086 -0.0475 -0.0015 69  GLN B C   
379 O  O   . GLN B 14 ? 0.2134 0.1224 0.1197 -0.0023 -0.0472 0.0000  69  GLN B O   
380 C  CB  . GLN B 14 ? 0.2024 0.1282 0.1179 -0.0098 -0.0496 -0.0066 69  GLN B CB  
381 C  CG  . GLN B 14 ? 0.1828 0.1490 0.1274 -0.0226 -0.0464 -0.0109 69  GLN B CG  
382 C  CD  . GLN B 14 ? 0.1722 0.1559 0.1445 -0.0238 -0.0438 0.0038  69  GLN B CD  
383 O  OE1 . GLN B 14 ? 0.1788 0.1771 0.1210 -0.0356 -0.0304 0.0033  69  GLN B OE1 
384 N  NE2 . GLN B 14 ? 0.1687 0.1802 0.1921 -0.0220 -0.0456 -0.0053 69  GLN B NE2 
385 N  N   . LEU B 15 ? 0.2300 0.1118 0.1123 -0.0096 -0.0490 -0.0060 70  LEU B N   
386 C  CA  . LEU B 15 ? 0.2150 0.1119 0.1295 -0.0115 -0.0574 -0.0109 70  LEU B CA  
387 C  C   . LEU B 15 ? 0.2282 0.1129 0.1338 -0.0135 -0.0536 -0.0020 70  LEU B C   
388 O  O   . LEU B 15 ? 0.2174 0.1139 0.1369 -0.0281 -0.0536 0.0059  70  LEU B O   
389 C  CB  . LEU B 15 ? 0.2136 0.1197 0.1487 -0.0202 -0.0543 -0.0150 70  LEU B CB  
390 C  CG  . LEU B 15 ? 0.2175 0.1807 0.1650 -0.0559 -0.0327 -0.0183 70  LEU B CG  
391 C  CD1 . LEU B 15 ? 0.2163 0.1950 0.1678 -0.0292 -0.0560 -0.0217 70  LEU B CD1 
392 C  CD2 . LEU B 15 ? 0.1963 0.1733 0.2113 -0.0588 -0.0062 -0.0783 70  LEU B CD2 
393 N  N   . HIS B 16 ? 0.2462 0.1189 0.1120 -0.0178 -0.0427 -0.0038 71  HIS B N   
394 C  CA  . HIS B 16 ? 0.2663 0.1279 0.1187 -0.0350 -0.0279 -0.0038 71  HIS B CA  
395 C  C   . HIS B 16 ? 0.2355 0.1509 0.1109 -0.0565 -0.0390 0.0016  71  HIS B C   
396 O  O   . HIS B 16 ? 0.2387 0.2084 0.1057 -0.0555 -0.0413 -0.0009 71  HIS B O   
397 C  CB  . HIS B 16 ? 0.3093 0.1474 0.1340 -0.0163 -0.0190 -0.0285 71  HIS B CB  
398 C  CG  . HIS B 16 ? 0.3238 0.1823 0.2084 0.0237  -0.0401 -0.0602 71  HIS B CG  
399 N  ND1 . HIS B 16 ? 0.3696 0.2589 0.3112 0.0274  -0.0306 -0.0668 71  HIS B ND1 
400 C  CD2 . HIS B 16 ? 0.3397 0.2300 0.2924 0.0340  -0.0378 -0.0793 71  HIS B CD2 
401 C  CE1 . HIS B 16 ? 0.3636 0.2713 0.3410 0.0350  -0.0361 -0.0717 71  HIS B CE1 
402 N  NE2 . HIS B 16 ? 0.3401 0.2350 0.3158 0.0416  -0.0407 -0.0736 71  HIS B NE2 
403 N  N   . GLN B 17 ? 0.2128 0.1430 0.1218 -0.0646 -0.0455 0.0104  72  GLN B N   
404 C  CA  . GLN B 17 ? 0.1882 0.1713 0.1333 -0.0673 -0.0543 0.0183  72  GLN B CA  
405 C  C   . GLN B 17 ? 0.1756 0.1887 0.1706 -0.0565 -0.0559 0.0402  72  GLN B C   
406 O  O   . GLN B 17 ? 0.1545 0.2261 0.2622 -0.0331 -0.0516 0.0645  72  GLN B O   
407 C  CB  . GLN B 17 ? 0.2024 0.1810 0.1560 -0.0659 -0.0535 0.0139  72  GLN B CB  
408 C  CG  . GLN B 17 ? 0.2175 0.1916 0.1946 -0.0823 -0.0327 0.0190  72  GLN B CG  
409 C  CD  . GLN B 17 ? 0.2797 0.2815 0.2489 -0.0694 -0.0293 0.0225  72  GLN B CD  
410 O  OE1 . GLN B 17 ? 0.3534 0.3792 0.3217 -0.0566 -0.0224 0.0264  72  GLN B OE1 
411 N  NE2 . GLN B 17 ? 0.3380 0.3445 0.3121 -0.0602 -0.0241 0.0131  72  GLN B NE2 
412 N  N   . GLN B 18 ? 0.1746 0.1499 0.1419 -0.0494 -0.0527 0.0229  73  GLN B N   
413 C  CA  . GLN B 18 ? 0.1689 0.1419 0.1445 -0.0273 -0.0485 0.0280  73  GLN B CA  
414 C  C   . GLN B 18 ? 0.1853 0.1318 0.1449 -0.0254 -0.0375 0.0286  73  GLN B C   
415 O  O   . GLN B 18 ? 0.2173 0.1499 0.1740 -0.0182 -0.0181 0.0352  73  GLN B O   
416 C  CB  . GLN B 18 ? 0.1608 0.1426 0.1529 -0.0295 -0.0479 0.0212  73  GLN B CB  
417 C  CG  . GLN B 18 ? 0.1513 0.1463 0.1432 -0.0310 -0.0455 0.0145  73  GLN B CG  
418 C  CD  . GLN B 18 ? 0.1473 0.1467 0.1632 -0.0281 -0.0354 0.0131  73  GLN B CD  
419 O  OE1 . GLN B 18 ? 0.1573 0.1929 0.1863 -0.0378 -0.0262 -0.0096 73  GLN B OE1 
420 N  NE2 . GLN B 18 ? 0.1314 0.1569 0.1384 -0.0231 -0.0378 -0.0055 73  GLN B NE2 
421 N  N   . ASN B 19 ? 0.1880 0.1441 0.1409 -0.0304 -0.0368 0.0254  74  ASN B N   
422 C  CA  . ASN B 19 ? 0.1882 0.1380 0.1387 -0.0319 -0.0408 0.0154  74  ASN B CA  
423 C  C   . ASN B 19 ? 0.1791 0.1247 0.1377 -0.0147 -0.0417 0.0043  74  ASN B C   
424 O  O   . ASN B 19 ? 0.1791 0.1314 0.1416 -0.0188 -0.0355 0.0077  74  ASN B O   
425 C  CB  . ASN B 19 ? 0.1874 0.1385 0.1402 -0.0379 -0.0436 0.0230  74  ASN B CB  
426 C  CG  . ASN B 19 ? 0.1907 0.1535 0.1548 -0.0393 -0.0388 0.0347  74  ASN B CG  
427 O  OD1 . ASN B 19 ? 0.1936 0.2031 0.1629 -0.0273 -0.0335 0.0414  74  ASN B OD1 
428 N  ND2 . ASN B 19 ? 0.1895 0.1404 0.1663 -0.0365 -0.0535 0.0123  74  ASN B ND2 
429 N  N   . PRO B 20 ? 0.1862 0.1405 0.1297 -0.0138 -0.0390 0.0083  75  PRO B N   
430 C  CA  . PRO B 20 ? 0.1895 0.1692 0.1292 -0.0176 -0.0327 0.0083  75  PRO B CA  
431 C  C   . PRO B 20 ? 0.1860 0.1642 0.1228 -0.0303 -0.0384 0.0151  75  PRO B C   
432 O  O   . PRO B 20 ? 0.1881 0.1814 0.1162 -0.0283 -0.0409 0.0144  75  PRO B O   
433 C  CB  . PRO B 20 ? 0.2074 0.2102 0.1508 -0.0136 -0.0281 -0.0020 75  PRO B CB  
434 C  CG  . PRO B 20 ? 0.2218 0.2062 0.1566 -0.0105 -0.0308 -0.0157 75  PRO B CG  
435 C  CD  . PRO B 20 ? 0.2075 0.1634 0.1345 -0.0217 -0.0293 -0.0124 75  PRO B CD  
436 N  N   . GLN B 21 ? 0.1906 0.1532 0.1151 -0.0387 -0.0467 0.0131  76  GLN B N   
437 C  CA  . GLN B 21 ? 0.2146 0.1584 0.1325 -0.0397 -0.0488 0.0045  76  GLN B CA  
438 C  C   . GLN B 21 ? 0.1899 0.1405 0.1404 -0.0261 -0.0583 0.0049  76  GLN B C   
439 O  O   . GLN B 21 ? 0.2124 0.1464 0.1931 -0.0331 -0.0463 -0.0220 76  GLN B O   
440 C  CB  . GLN B 21 ? 0.2460 0.1518 0.1418 -0.0458 -0.0463 -0.0031 76  GLN B CB  
441 C  CG  . GLN B 21 ? 0.2511 0.1265 0.1338 -0.0204 -0.0617 -0.0012 76  GLN B CG  
442 C  CD  . GLN B 21 ? 0.2265 0.1166 0.1312 -0.0209 -0.0645 -0.0030 76  GLN B CD  
443 O  OE1 . GLN B 21 ? 0.2211 0.1296 0.1243 -0.0205 -0.0530 -0.0017 76  GLN B OE1 
444 N  NE2 . GLN B 21 ? 0.2194 0.1132 0.1322 -0.0163 -0.0784 -0.0035 76  GLN B NE2 
445 N  N   . CYS B 22 ? 0.1705 0.1357 0.1473 -0.0147 -0.0560 0.0005  77  CYS B N   
446 C  CA  . CYS B 22 ? 0.1578 0.1454 0.1540 -0.0037 -0.0558 -0.0084 77  CYS B CA  
447 C  C   . CYS B 22 ? 0.1425 0.1438 0.1453 -0.0047 -0.0476 -0.0140 77  CYS B C   
448 O  O   . CYS B 22 ? 0.1552 0.1826 0.1400 0.0143  -0.0545 -0.0229 77  CYS B O   
449 C  CB  . CYS B 22 ? 0.1553 0.1563 0.1613 0.0054  -0.0644 -0.0172 77  CYS B CB  
450 S  SG  . CYS B 22 ? 0.1714 0.1792 0.1530 0.0156  -0.0633 -0.0093 77  CYS B SG  
451 N  N   . THR B 23 ? 0.1287 0.1421 0.1351 -0.0119 -0.0379 0.0017  78  THR B N   
452 C  CA  . THR B 23 ? 0.1268 0.1489 0.1338 -0.0113 -0.0363 0.0047  78  THR B CA  
453 C  C   . THR B 23 ? 0.1180 0.1440 0.1281 -0.0195 -0.0331 0.0044  78  THR B C   
454 O  O   . THR B 23 ? 0.1333 0.1560 0.1366 -0.0301 -0.0212 0.0022  78  THR B O   
455 C  CB  . THR B 23 ? 0.1505 0.1720 0.1685 0.0087  -0.0473 -0.0064 78  THR B CB  
456 O  OG1 . THR B 23 ? 0.1817 0.1869 0.1962 0.0102  -0.0510 -0.0129 78  THR B OG1 
457 C  CG2 . THR B 23 ? 0.1924 0.1943 0.1489 0.0286  -0.0487 0.0018  78  THR B CG2 
458 N  N   . CYS B 24 ? 0.1213 0.1639 0.1197 -0.0242 -0.0345 0.0073  79  CYS B N   
459 C  CA  . CYS B 24 ? 0.1225 0.1645 0.1283 -0.0343 -0.0312 0.0000  79  CYS B CA  
460 C  C   . CYS B 24 ? 0.1267 0.1607 0.1447 -0.0321 -0.0277 -0.0049 79  CYS B C   
461 O  O   . CYS B 24 ? 0.1263 0.1719 0.1497 -0.0310 -0.0261 -0.0160 79  CYS B O   
462 C  CB  . CYS B 24 ? 0.1203 0.1869 0.1292 -0.0393 -0.0285 0.0080  79  CYS B CB  
463 S  SG  . CYS B 24 ? 0.1297 0.2111 0.1260 -0.0363 -0.0270 -0.0098 79  CYS B SG  
464 N  N   . SER B 25 ? 0.1294 0.1495 0.1695 -0.0285 -0.0300 0.0082  80  SER B N   
465 C  CA  . SER B 25 ? 0.1497 0.1396 0.2085 -0.0175 -0.0258 0.0041  80  SER B CA  
466 C  C   . SER B 25 ? 0.1281 0.1414 0.1823 -0.0100 -0.0354 -0.0114 80  SER B C   
467 O  O   . SER B 25 ? 0.1429 0.1522 0.1838 -0.0168 -0.0334 -0.0145 80  SER B O   
468 C  CB  . SER B 25 ? 0.1735 0.1597 0.2417 -0.0039 -0.0130 0.0360  80  SER B CB  
469 O  OG  . SER B 25 ? 0.2651 0.2581 0.3375 -0.0024 -0.0076 0.0144  80  SER B OG  
470 N  N   . THR B 26 ? 0.1233 0.1445 0.1528 -0.0125 -0.0322 -0.0003 81  THR B N   
471 C  CA  . THR B 26 ? 0.1228 0.1434 0.1418 -0.0187 -0.0288 -0.0016 81  THR B CA  
472 C  C   . THR B 26 ? 0.1196 0.1394 0.1353 -0.0134 -0.0284 -0.0123 81  THR B C   
473 O  O   . THR B 26 ? 0.1190 0.1596 0.1402 -0.0180 -0.0223 -0.0125 81  THR B O   
474 C  CB  . THR B 26 ? 0.1372 0.1696 0.1500 -0.0237 -0.0317 0.0012  81  THR B CB  
475 O  OG1 . THR B 26 ? 0.1308 0.1810 0.1510 -0.0390 -0.0176 -0.0277 81  THR B OG1 
476 C  CG2 . THR B 26 ? 0.1347 0.2062 0.1510 -0.0238 -0.0461 -0.0038 81  THR B CG2 
477 N  N   . LEU B 27 ? 0.1276 0.1469 0.1343 -0.0050 -0.0240 -0.0016 82  LEU B N   
478 C  CA  . LEU B 27 ? 0.1282 0.1605 0.1188 0.0031  -0.0274 -0.0088 82  LEU B CA  
479 C  C   . LEU B 27 ? 0.1396 0.1667 0.1272 0.0071  -0.0233 -0.0138 82  LEU B C   
480 O  O   . LEU B 27 ? 0.1664 0.1826 0.1337 0.0254  -0.0203 -0.0153 82  LEU B O   
481 C  CB  . LEU B 27 ? 0.1269 0.1596 0.1233 0.0010  -0.0310 -0.0123 82  LEU B CB  
482 C  CG  . LEU B 27 ? 0.1450 0.1585 0.1314 0.0088  -0.0355 -0.0068 82  LEU B CG  
483 C  CD1 . LEU B 27 ? 0.1450 0.1781 0.1357 0.0229  -0.0405 -0.0299 82  LEU B CD1 
484 C  CD2 . LEU B 27 ? 0.1703 0.1605 0.1633 0.0005  -0.0331 -0.0092 82  LEU B CD2 
485 N  N   . ARG B 28 ? 0.1265 0.1797 0.1456 -0.0113 -0.0224 -0.0277 83  ARG B N   
486 C  CA  . ARG B 28 ? 0.1303 0.1921 0.1571 -0.0217 -0.0203 -0.0382 83  ARG B CA  
487 C  C   . ARG B 28 ? 0.1318 0.1672 0.1507 -0.0166 -0.0216 -0.0323 83  ARG B C   
488 O  O   . ARG B 28 ? 0.1382 0.1749 0.1588 -0.0124 -0.0225 -0.0420 83  ARG B O   
489 C  CB  . ARG B 28 ? 0.1518 0.2086 0.2146 -0.0502 0.0044  -0.0599 83  ARG B CB  
490 C  CG  . ARG B 28 ? 0.1937 0.2330 0.2710 -0.0545 0.0099  -0.0884 83  ARG B CG  
491 C  CD  . ARG B 28 ? 0.1941 0.2610 0.2906 -0.0461 -0.0067 -0.1129 83  ARG B CD  
492 N  NE  . ARG B 28 ? 0.2103 0.2677 0.3190 -0.0519 0.0007  -0.1266 83  ARG B NE  
493 C  CZ  . ARG B 28 ? 0.2291 0.2640 0.3350 -0.0602 0.0088  -0.1356 83  ARG B CZ  
494 N  NH1 . ARG B 28 ? 0.2532 0.2937 0.3646 -0.0470 0.0123  -0.1365 83  ARG B NH1 
495 N  NH2 . ARG B 28 ? 0.2532 0.2615 0.3328 -0.0561 0.0051  -0.1460 83  ARG B NH2 
496 N  N   . ARG B 29 ? 0.1311 0.1531 0.1545 -0.0114 -0.0247 -0.0215 84  ARG B N   
497 C  CA  . ARG B 29 ? 0.1341 0.1635 0.1616 -0.0016 -0.0287 -0.0195 84  ARG B CA  
498 C  C   . ARG B 29 ? 0.1277 0.1664 0.1441 -0.0122 -0.0224 -0.0290 84  ARG B C   
499 O  O   . ARG B 29 ? 0.1369 0.1870 0.1527 -0.0055 -0.0230 -0.0306 84  ARG B O   
500 C  CB  . ARG B 29 ? 0.1436 0.1821 0.1742 0.0142  -0.0368 -0.0216 84  ARG B CB  
501 C  CG  . ARG B 29 ? 0.1652 0.2504 0.2099 0.0052  -0.0312 -0.0527 84  ARG B CG  
502 C  CD  . ARG B 29 ? 0.1600 0.2936 0.2211 0.0129  -0.0340 -0.0522 84  ARG B CD  
503 N  NE  . ARG B 29 ? 0.1676 0.3215 0.2512 0.0086  -0.0281 -0.0662 84  ARG B NE  
504 C  CZ  . ARG B 29 ? 0.1730 0.3550 0.2656 0.0137  -0.0261 -0.0652 84  ARG B CZ  
505 N  NH1 . ARG B 29 ? 0.2193 0.3958 0.2866 0.0178  -0.0232 -0.0571 84  ARG B NH1 
506 N  NH2 . ARG B 29 ? 0.1789 0.3744 0.2956 0.0104  -0.0236 -0.0696 84  ARG B NH2 
507 N  N   . ALA B 30 ? 0.1357 0.1663 0.1461 -0.0190 -0.0145 -0.0198 85  ALA B N   
508 C  CA  . ALA B 30 ? 0.1609 0.1707 0.1382 -0.0206 -0.0111 -0.0217 85  ALA B CA  
509 C  C   . ALA B 30 ? 0.1549 0.1519 0.1394 -0.0082 -0.0110 -0.0194 85  ALA B C   
510 O  O   . ALA B 30 ? 0.1536 0.1666 0.1411 -0.0128 -0.0081 -0.0268 85  ALA B O   
511 C  CB  . ALA B 30 ? 0.1788 0.1612 0.1338 -0.0333 -0.0116 -0.0274 85  ALA B CB  
512 N  N   . ALA B 31 ? 0.1412 0.1662 0.1434 0.0044  -0.0188 -0.0275 86  ALA B N   
513 C  CA  . ALA B 31 ? 0.1365 0.1637 0.1445 0.0076  -0.0232 -0.0217 86  ALA B CA  
514 C  C   . ALA B 31 ? 0.1237 0.1504 0.1474 0.0009  -0.0254 -0.0251 86  ALA B C   
515 O  O   . ALA B 31 ? 0.1379 0.1699 0.1372 0.0092  -0.0259 -0.0172 86  ALA B O   
516 C  CB  . ALA B 31 ? 0.1356 0.1843 0.1602 0.0122  -0.0168 -0.0195 86  ALA B CB  
517 N  N   . MET B 32 ? 0.1317 0.1486 0.1494 0.0062  -0.0229 -0.0248 87  MET B N   
518 C  CA  . MET B 32 ? 0.1300 0.1536 0.1474 0.0019  -0.0262 -0.0385 87  MET B CA  
519 C  C   . MET B 32 ? 0.1396 0.1484 0.1454 0.0086  -0.0293 -0.0275 87  MET B C   
520 O  O   . MET B 32 ? 0.1561 0.1684 0.1405 0.0042  -0.0204 -0.0304 87  MET B O   
525 N  N   . ALA B 33 ? 0.1309 0.1501 0.1535 -0.0001 -0.0267 -0.0284 88  ALA B N   
526 C  CA  . ALA B 33 ? 0.1474 0.1553 0.1494 -0.0025 -0.0190 -0.0284 88  ALA B CA  
527 C  C   . ALA B 33 ? 0.1635 0.1506 0.1457 -0.0084 -0.0094 -0.0348 88  ALA B C   
528 O  O   . ALA B 33 ? 0.1595 0.1701 0.1372 -0.0112 -0.0108 -0.0357 88  ALA B O   
529 C  CB  . ALA B 33 ? 0.1416 0.1699 0.1598 -0.0081 -0.0142 -0.0252 88  ALA B CB  
530 N  N   . VAL B 34 ? 0.2009 0.1493 0.1410 0.0137  -0.0032 -0.0230 89  VAL B N   
531 C  CA  . VAL B 34 ? 0.2248 0.1686 0.1732 0.0307  0.0027  -0.0223 89  VAL B CA  
532 C  C   . VAL B 34 ? 0.1847 0.1842 0.1533 0.0524  -0.0018 -0.0059 89  VAL B C   
533 O  O   . VAL B 34 ? 0.1813 0.2206 0.1427 0.0598  0.0015  0.0074  89  VAL B O   
534 C  CB  . VAL B 34 ? 0.2269 0.2050 0.2126 0.0236  -0.0268 -0.0263 89  VAL B CB  
535 C  CG1 . VAL B 34 ? 0.1893 0.2015 0.1805 0.0217  -0.0410 -0.0355 89  VAL B CG1 
536 C  CG2 . VAL B 34 ? 0.2100 0.1986 0.2187 0.0139  -0.0252 -0.0373 89  VAL B CG2 
537 N  N   . ARG B 35 ? 0.1709 0.2065 0.1664 0.0430  -0.0037 0.0045  90  ARG B N   
538 C  CA  . ARG B 35 ? 0.1497 0.2377 0.1599 0.0368  -0.0167 -0.0040 90  ARG B CA  
539 C  C   . ARG B 35 ? 0.1528 0.2309 0.1696 0.0255  -0.0211 -0.0213 90  ARG B C   
540 O  O   . ARG B 35 ? 0.1540 0.2822 0.1361 0.0428  -0.0214 -0.0099 90  ARG B O   
541 C  CB  . ARG B 35 ? 0.1670 0.2713 0.1566 0.0272  -0.0231 -0.0062 90  ARG B CB  
542 C  CG  . ARG B 35 ? 0.1896 0.2937 0.1944 0.0251  -0.0337 -0.0230 90  ARG B CG  
543 C  CD  . ARG B 35 ? 0.2077 0.3065 0.2552 0.0279  -0.0344 -0.0426 90  ARG B CD  
544 N  NE  . ARG B 35 ? 0.2125 0.3033 0.2907 0.0127  -0.0277 -0.0658 90  ARG B NE  
545 C  CZ  . ARG B 35 ? 0.2380 0.3361 0.3301 0.0148  -0.0227 -0.0767 90  ARG B CZ  
546 N  NH1 . ARG B 35 ? 0.2392 0.3531 0.3295 0.0246  -0.0284 -0.0763 90  ARG B NH1 
547 N  NH2 . ARG B 35 ? 0.2338 0.3341 0.3362 0.0097  -0.0203 -0.0829 90  ARG B NH2 
548 N  N   . THR B 36 ? 0.1486 0.1978 0.1556 0.0246  -0.0263 -0.0282 91  THR B N   
549 C  CA  . THR B 36 ? 0.1680 0.1993 0.1579 0.0404  -0.0294 -0.0359 91  THR B CA  
550 C  C   . THR B 36 ? 0.1421 0.2155 0.1468 0.0434  -0.0355 -0.0402 91  THR B C   
551 O  O   . THR B 36 ? 0.1387 0.2659 0.1401 0.0227  -0.0257 -0.0440 91  THR B O   
552 C  CB  . THR B 36 ? 0.2264 0.2462 0.1987 0.0716  -0.0272 -0.0287 91  THR B CB  
553 O  OG1 . THR B 36 ? 0.2849 0.3037 0.2765 0.0629  -0.0257 -0.0429 91  THR B OG1 
554 C  CG2 . THR B 36 ? 0.2196 0.2567 0.1911 0.0740  -0.0461 -0.0401 91  THR B CG2 
555 N  N   . ARG B 37 ? 0.1466 0.2096 0.1617 0.0426  -0.0339 -0.0446 92  ARG B N   
556 C  CA  . ARG B 37 ? 0.1278 0.2357 0.1962 0.0272  -0.0201 -0.0488 92  ARG B CA  
557 C  C   . ARG B 37 ? 0.1207 0.2558 0.2290 0.0243  -0.0047 -0.0158 92  ARG B C   
558 O  O   . ARG B 37 ? 0.1240 0.2856 0.2446 0.0201  -0.0044 -0.0096 92  ARG B O   
559 C  CB  . ARG B 37 ? 0.1431 0.2599 0.2169 0.0152  -0.0083 -0.0745 92  ARG B CB  
560 C  CG  . ARG B 37 ? 0.1688 0.2458 0.1995 0.0238  -0.0113 -0.0470 92  ARG B CG  
561 C  CD  . ARG B 37 ? 0.1482 0.1908 0.1410 0.0204  -0.0126 -0.0120 92  ARG B CD  
562 N  NE  . ARG B 37 ? 0.1661 0.1766 0.1358 0.0063  -0.0016 -0.0009 92  ARG B NE  
563 C  CZ  . ARG B 37 ? 0.1431 0.1681 0.1318 0.0009  -0.0090 -0.0154 92  ARG B CZ  
564 N  NH1 . ARG B 37 ? 0.1272 0.1624 0.1204 -0.0093 -0.0120 -0.0134 92  ARG B NH1 
565 N  NH2 . ARG B 37 ? 0.1769 0.1768 0.1519 0.0302  -0.0083 -0.0109 92  ARG B NH2 
566 N  N   . GLN B 38 ? 0.1301 0.2298 0.2427 0.0262  0.0058  0.0036  93  GLN B N   
567 C  CA  . GLN B 38 ? 0.1612 0.2594 0.2424 0.0267  0.0104  0.0221  93  GLN B CA  
568 C  C   . GLN B 38 ? 0.1565 0.2900 0.2212 0.0220  -0.0063 0.0308  93  GLN B C   
569 O  O   . GLN B 38 ? 0.1898 0.3203 0.2501 0.0207  -0.0072 0.0372  93  GLN B O   
570 C  CB  . GLN B 38 ? 0.1801 0.2606 0.2275 0.0412  0.0097  0.0251  93  GLN B CB  
571 C  CG  . GLN B 38 ? 0.2473 0.3318 0.2454 0.0239  0.0150  0.0190  93  GLN B CG  
572 C  CD  . GLN B 38 ? 0.2686 0.3530 0.2282 0.0026  0.0201  0.0060  93  GLN B CD  
573 O  OE1 . GLN B 38 ? 0.2637 0.3442 0.2069 -0.0070 0.0253  0.0041  93  GLN B OE1 
574 N  NE2 . GLN B 38 ? 0.2834 0.3644 0.2358 -0.0055 0.0218  -0.0008 93  GLN B NE2 
575 N  N   . GLY B 39 ? 0.1562 0.3146 0.2049 0.0168  -0.0204 0.0220  94  GLY B N   
576 C  CA  . GLY B 39 ? 0.1906 0.3539 0.2063 0.0139  -0.0232 0.0164  94  GLY B CA  
577 C  C   . GLY B 39 ? 0.1838 0.3541 0.1792 0.0112  -0.0268 0.0210  94  GLY B C   
578 O  O   . GLY B 39 ? 0.1952 0.3848 0.1826 0.0055  -0.0245 0.0188  94  GLY B O   
579 N  N   . ILE B 40 ? 0.1674 0.3247 0.1836 0.0044  -0.0239 0.0154  95  ILE B N   
580 C  CA  . ILE B 40 ? 0.1675 0.3100 0.2042 0.0041  -0.0282 0.0117  95  ILE B CA  
581 C  C   . ILE B 40 ? 0.1867 0.3332 0.2004 0.0020  -0.0322 -0.0114 95  ILE B C   
582 O  O   . ILE B 40 ? 0.2064 0.3282 0.2246 -0.0037 -0.0307 -0.0191 95  ILE B O   
583 C  CB  . ILE B 40 ? 0.1580 0.2927 0.2279 0.0013  -0.0290 0.0186  95  ILE B CB  
584 C  CG1 . ILE B 40 ? 0.1652 0.2943 0.2617 -0.0082 -0.0192 0.0129  95  ILE B CG1 
585 C  CG2 . ILE B 40 ? 0.1621 0.2959 0.2330 -0.0032 -0.0279 0.0141  95  ILE B CG2 
586 C  CD1 . ILE B 40 ? 0.2091 0.3174 0.2980 -0.0136 -0.0100 0.0094  95  ILE B CD1 
587 N  N   . SER B 41 ? 0.2124 0.3570 0.2199 -0.0094 -0.0269 -0.0365 96  SER B N   
588 C  CA  . SER B 41 ? 0.2456 0.3860 0.2467 -0.0134 -0.0222 -0.0589 96  SER B CA  
589 C  C   . SER B 41 ? 0.2275 0.3521 0.2044 -0.0169 -0.0263 -0.0634 96  SER B C   
590 O  O   . SER B 41 ? 0.2678 0.3683 0.2499 -0.0233 -0.0199 -0.0740 96  SER B O   
591 C  CB  . SER B 41 ? 0.2786 0.4374 0.2904 -0.0075 -0.0179 -0.0703 96  SER B CB  
592 O  OG  . SER B 41 ? 0.3184 0.4857 0.3437 -0.0017 -0.0106 -0.0750 96  SER B OG  
593 N  N   . ALA B 42 ? 0.2291 0.3550 0.1725 -0.0192 -0.0313 -0.0634 97  ALA B N   
594 C  CA  . ALA B 42 ? 0.2312 0.3545 0.1744 -0.0264 -0.0304 -0.0664 97  ALA B CA  
595 C  C   . ALA B 42 ? 0.2265 0.3494 0.1725 -0.0321 -0.0322 -0.0620 97  ALA B C   
596 O  O   . ALA B 42 ? 0.2170 0.3354 0.1487 -0.0283 -0.0353 -0.0566 97  ALA B O   
597 C  CB  . ALA B 42 ? 0.2426 0.3741 0.1721 -0.0148 -0.0320 -0.0574 97  ALA B CB  
598 N  N   . SER B 43 ? 0.2267 0.3384 0.1874 -0.0526 -0.0279 -0.0765 98  SER B N   
599 C  CA  . SER B 43 ? 0.2346 0.3203 0.2180 -0.0542 -0.0266 -0.0818 98  SER B CA  
600 C  C   . SER B 43 ? 0.2005 0.2936 0.1975 -0.0575 -0.0309 -0.0648 98  SER B C   
601 O  O   . SER B 43 ? 0.1926 0.3046 0.1890 -0.0480 -0.0345 -0.0458 98  SER B O   
602 C  CB  . SER B 43 ? 0.2691 0.3401 0.2557 -0.0506 -0.0231 -0.0955 98  SER B CB  
603 O  OG  . SER B 43 ? 0.3230 0.3971 0.3141 -0.0444 -0.0183 -0.0984 98  SER B OG  
604 N  N   . SER B 44 ? 0.1871 0.3047 0.1747 -0.0463 -0.0444 -0.0428 99  SER B N   
605 C  CA  . SER B 44 ? 0.1696 0.3054 0.1712 -0.0276 -0.0529 -0.0219 99  SER B CA  
606 C  C   . SER B 44 ? 0.1636 0.2707 0.1511 -0.0253 -0.0423 -0.0039 99  SER B C   
607 O  O   . SER B 44 ? 0.1625 0.2639 0.1366 -0.0249 -0.0383 -0.0018 99  SER B O   
608 C  CB  . SER B 44 ? 0.1692 0.3340 0.1883 -0.0120 -0.0664 -0.0144 99  SER B CB  
609 O  OG  . SER B 44 ? 0.2402 0.3807 0.2099 -0.0107 -0.0569 -0.0074 99  SER B OG  
610 N  N   . GLN B 45 ? 0.1591 0.2665 0.1388 -0.0309 -0.0304 -0.0104 100 GLN B N   
611 C  CA  . GLN B 45 ? 0.1506 0.2523 0.1276 -0.0236 -0.0319 -0.0038 100 GLN B CA  
612 C  C   . GLN B 45 ? 0.1448 0.2268 0.1361 -0.0269 -0.0248 -0.0057 100 GLN B C   
613 O  O   . GLN B 45 ? 0.1404 0.2126 0.1250 -0.0227 -0.0291 -0.0097 100 GLN B O   
614 C  CB  . GLN B 45 ? 0.1781 0.2549 0.1347 -0.0383 -0.0264 -0.0016 100 GLN B CB  
615 C  CG  . GLN B 45 ? 0.2001 0.2720 0.1275 -0.0320 -0.0235 0.0113  100 GLN B CG  
616 C  CD  . GLN B 45 ? 0.2341 0.3098 0.1505 -0.0218 -0.0068 0.0275  100 GLN B CD  
617 O  OE1 . GLN B 45 ? 0.2724 0.3393 0.1980 -0.0216 0.0124  0.0305  100 GLN B OE1 
618 N  NE2 . GLN B 45 ? 0.2721 0.3483 0.1906 -0.0202 0.0024  0.0332  100 GLN B NE2 
619 N  N   . VAL B 46 ? 0.1539 0.2327 0.1386 -0.0303 -0.0184 -0.0249 101 VAL B N   
620 C  CA  . VAL B 46 ? 0.1499 0.2135 0.1394 -0.0142 -0.0235 -0.0254 101 VAL B CA  
621 C  C   . VAL B 46 ? 0.1547 0.1795 0.1606 -0.0136 -0.0213 -0.0252 101 VAL B C   
622 O  O   . VAL B 46 ? 0.1505 0.1800 0.1456 -0.0090 -0.0257 -0.0247 101 VAL B O   
623 C  CB  . VAL B 46 ? 0.1992 0.2220 0.1629 -0.0137 -0.0052 -0.0386 101 VAL B CB  
624 C  CG1 . VAL B 46 ? 0.2363 0.2208 0.2066 -0.0096 0.0009  -0.0449 101 VAL B CG1 
625 C  CG2 . VAL B 46 ? 0.2115 0.2296 0.1754 -0.0151 -0.0011 -0.0417 101 VAL B CG2 
626 N  N   . GLN B 47 ? 0.1493 0.1837 0.1515 -0.0223 -0.0163 -0.0235 102 GLN B N   
627 C  CA  . GLN B 47 ? 0.1513 0.1818 0.1554 -0.0205 -0.0249 -0.0136 102 GLN B CA  
628 C  C   . GLN B 47 ? 0.1284 0.1657 0.1464 -0.0180 -0.0237 -0.0077 102 GLN B C   
629 O  O   . GLN B 47 ? 0.1396 0.1609 0.1338 -0.0104 -0.0266 0.0007  102 GLN B O   
630 C  CB  . GLN B 47 ? 0.1609 0.2135 0.1882 -0.0565 -0.0118 -0.0394 102 GLN B CB  
631 C  CG  . GLN B 47 ? 0.2143 0.2434 0.2542 -0.0641 -0.0045 -0.0772 102 GLN B CG  
632 C  CD  . GLN B 47 ? 0.2273 0.2968 0.2925 -0.0598 -0.0206 -0.0960 102 GLN B CD  
633 O  OE1 . GLN B 47 ? 0.2329 0.3397 0.3290 -0.0513 -0.0244 -0.1007 102 GLN B OE1 
634 N  NE2 . GLN B 47 ? 0.2473 0.2997 0.3015 -0.0701 -0.0148 -0.1051 102 GLN B NE2 
635 N  N   . ARG B 48 ? 0.1234 0.1680 0.1319 -0.0143 -0.0273 -0.0032 103 ARG B N   
636 C  CA  . ARG B 48 ? 0.1209 0.1572 0.1281 -0.0048 -0.0319 0.0074  103 ARG B CA  
637 C  C   . ARG B 48 ? 0.1130 0.1509 0.1225 -0.0079 -0.0282 0.0066  103 ARG B C   
638 O  O   . ARG B 48 ? 0.1181 0.1490 0.1266 -0.0048 -0.0280 0.0078  103 ARG B O   
639 C  CB  . ARG B 48 ? 0.1187 0.1633 0.1362 -0.0111 -0.0350 0.0121  103 ARG B CB  
640 C  CG  . ARG B 48 ? 0.1210 0.1586 0.1429 -0.0112 -0.0371 0.0202  103 ARG B CG  
641 C  CD  . ARG B 48 ? 0.1311 0.1677 0.1489 -0.0100 -0.0377 0.0180  103 ARG B CD  
642 N  NE  . ARG B 48 ? 0.1271 0.1641 0.1659 -0.0111 -0.0336 0.0262  103 ARG B NE  
643 C  CZ  . ARG B 48 ? 0.1200 0.1500 0.1604 -0.0106 -0.0343 0.0308  103 ARG B CZ  
644 N  NH1 . ARG B 48 ? 0.1348 0.1504 0.1761 -0.0236 -0.0264 0.0188  103 ARG B NH1 
645 N  NH2 . ARG B 48 ? 0.1289 0.1452 0.1823 -0.0185 -0.0313 0.0276  103 ARG B NH2 
646 N  N   . LEU B 49 ? 0.1175 0.1594 0.1293 -0.0082 -0.0237 0.0020  104 LEU B N   
647 C  CA  . LEU B 49 ? 0.1135 0.1565 0.1312 -0.0047 -0.0220 -0.0001 104 LEU B CA  
648 C  C   . LEU B 49 ? 0.1088 0.1599 0.1262 -0.0033 -0.0216 -0.0035 104 LEU B C   
649 O  O   . LEU B 49 ? 0.1161 0.1485 0.1329 -0.0032 -0.0239 0.0031  104 LEU B O   
650 C  CB  . LEU B 49 ? 0.1296 0.1657 0.1492 -0.0019 -0.0170 -0.0065 104 LEU B CB  
651 C  CG  . LEU B 49 ? 0.1249 0.1825 0.1815 -0.0065 -0.0189 -0.0368 104 LEU B CG  
652 C  CD1 . LEU B 49 ? 0.1401 0.2399 0.2020 0.0000  -0.0102 -0.0331 104 LEU B CD1 
653 C  CD2 . LEU B 49 ? 0.1489 0.2181 0.1780 0.0117  -0.0280 -0.0296 104 LEU B CD2 
654 N  N   . PHE B 50 ? 0.1181 0.1485 0.1372 -0.0056 -0.0229 0.0028  105 PHE B N   
655 C  CA  . PHE B 50 ? 0.1184 0.1591 0.1347 0.0014  -0.0275 -0.0040 105 PHE B CA  
656 C  C   . PHE B 50 ? 0.1194 0.1298 0.1364 -0.0105 -0.0257 0.0032  105 PHE B C   
657 O  O   . PHE B 50 ? 0.1244 0.1416 0.1278 -0.0066 -0.0278 0.0075  105 PHE B O   
658 C  CB  . PHE B 50 ? 0.1290 0.1460 0.1571 0.0002  -0.0244 -0.0077 105 PHE B CB  
659 C  CG  . PHE B 50 ? 0.1539 0.1435 0.1655 0.0050  -0.0209 -0.0037 105 PHE B CG  
660 C  CD1 . PHE B 50 ? 0.1884 0.1864 0.1771 0.0458  -0.0068 -0.0077 105 PHE B CD1 
661 C  CD2 . PHE B 50 ? 0.1492 0.1820 0.1720 0.0187  -0.0223 -0.0075 105 PHE B CD2 
662 C  CE1 . PHE B 50 ? 0.2181 0.2169 0.2055 0.0431  0.0050  -0.0055 105 PHE B CE1 
663 C  CE2 . PHE B 50 ? 0.1600 0.1836 0.1949 0.0163  -0.0201 -0.0135 105 PHE B CE2 
664 C  CZ  . PHE B 50 ? 0.1842 0.1913 0.2070 0.0279  -0.0089 -0.0084 105 PHE B CZ  
665 N  N   . GLU B 51 ? 0.1161 0.1314 0.1252 -0.0113 -0.0266 0.0015  106 GLU B N   
666 C  CA  . GLU B 51 ? 0.1163 0.1337 0.1268 -0.0159 -0.0263 0.0023  106 GLU B CA  
667 C  C   . GLU B 51 ? 0.0974 0.1322 0.1214 -0.0160 -0.0292 0.0080  106 GLU B C   
668 O  O   . GLU B 51 ? 0.1145 0.1328 0.1249 -0.0200 -0.0285 0.0080  106 GLU B O   
669 C  CB  . GLU B 51 ? 0.1092 0.1374 0.1294 -0.0173 -0.0288 0.0009  106 GLU B CB  
670 C  CG  . GLU B 51 ? 0.1180 0.1439 0.1328 -0.0129 -0.0353 0.0110  106 GLU B CG  
671 C  CD  . GLU B 51 ? 0.1184 0.1426 0.1611 -0.0235 -0.0386 0.0256  106 GLU B CD  
672 O  OE1 . GLU B 51 ? 0.1238 0.1498 0.1742 -0.0325 -0.0417 0.0388  106 GLU B OE1 
673 O  OE2 . GLU B 51 ? 0.1249 0.1365 0.1717 -0.0273 -0.0429 0.0248  106 GLU B OE2 
674 N  N   . THR B 52 ? 0.1100 0.1303 0.1311 -0.0184 -0.0275 0.0044  107 THR B N   
675 C  CA  . THR B 52 ? 0.1159 0.1291 0.1319 -0.0225 -0.0285 0.0088  107 THR B CA  
676 C  C   . THR B 52 ? 0.1099 0.1238 0.1374 -0.0262 -0.0281 0.0085  107 THR B C   
677 O  O   . THR B 52 ? 0.1189 0.1280 0.1425 -0.0242 -0.0341 0.0056  107 THR B O   
678 C  CB  . THR B 52 ? 0.1288 0.1366 0.1342 -0.0272 -0.0301 0.0186  107 THR B CB  
679 O  OG1 . THR B 52 ? 0.1317 0.1431 0.1383 -0.0149 -0.0291 0.0218  107 THR B OG1 
680 C  CG2 . THR B 52 ? 0.1477 0.1517 0.1411 -0.0472 -0.0240 0.0171  107 THR B CG2 
681 N  N   . ALA B 53 ? 0.1073 0.1324 0.1427 -0.0194 -0.0309 0.0079  108 ALA B N   
682 C  CA  . ALA B 53 ? 0.1073 0.1380 0.1404 -0.0207 -0.0350 0.0054  108 ALA B CA  
683 C  C   . ALA B 53 ? 0.1170 0.1429 0.1364 -0.0157 -0.0420 0.0024  108 ALA B C   
684 O  O   . ALA B 53 ? 0.1302 0.1803 0.1358 -0.0196 -0.0462 -0.0005 108 ALA B O   
685 C  CB  . ALA B 53 ? 0.1148 0.1488 0.1547 -0.0094 -0.0337 0.0110  108 ALA B CB  
686 N  N   A ARG B 54 ? 0.1378 0.1376 0.1187 -0.0228 -0.0371 0.0125  109 ARG B N   
687 N  N   B ARG B 54 ? 0.1447 0.1357 0.1437 -0.0226 -0.0395 0.0038  109 ARG B N   
688 C  CA  A ARG B 54 ? 0.1426 0.1439 0.1272 -0.0273 -0.0332 0.0138  109 ARG B CA  
689 C  CA  B ARG B 54 ? 0.1469 0.1319 0.1409 -0.0298 -0.0374 0.0046  109 ARG B CA  
690 C  C   A ARG B 54 ? 0.1470 0.1581 0.1499 -0.0239 -0.0346 0.0124  109 ARG B C   
691 C  C   B ARG B 54 ? 0.1018 0.1105 0.1112 -0.0346 -0.0433 0.0063  109 ARG B C   
692 O  O   A ARG B 54 ? 0.1545 0.1427 0.1419 -0.0249 -0.0369 -0.0007 109 ARG B O   
693 O  O   B ARG B 54 ? 0.1346 0.1101 0.1264 -0.0296 -0.0429 0.0003  109 ARG B O   
694 C  CB  A ARG B 54 ? 0.1555 0.1572 0.1214 -0.0225 -0.0329 0.0183  109 ARG B CB  
695 C  CB  B ARG B 54 ? 0.1564 0.1053 0.1400 -0.0346 -0.0280 -0.0026 109 ARG B CB  
696 C  CG  A ARG B 54 ? 0.1613 0.1586 0.1391 -0.0164 -0.0397 0.0138  109 ARG B CG  
697 C  CG  B ARG B 54 ? 0.1874 0.1207 0.1486 -0.0282 -0.0299 -0.0102 109 ARG B CG  
698 C  CD  A ARG B 54 ? 0.1580 0.1801 0.1919 -0.0118 -0.0437 -0.0136 109 ARG B CD  
699 C  CD  B ARG B 54 ? 0.2188 0.1445 0.1551 -0.0400 -0.0185 -0.0264 109 ARG B CD  
700 N  NE  A ARG B 54 ? 0.1536 0.1648 0.1955 -0.0150 -0.0465 -0.0203 109 ARG B NE  
701 N  NE  B ARG B 54 ? 0.1896 0.1354 0.1236 -0.0589 -0.0209 -0.0257 109 ARG B NE  
702 C  CZ  A ARG B 54 ? 0.1400 0.1388 0.2119 -0.0252 -0.0309 -0.0063 109 ARG B CZ  
703 C  CZ  B ARG B 54 ? 0.1696 0.1523 0.1925 -0.0425 -0.0259 -0.0265 109 ARG B CZ  
704 N  NH1 A ARG B 54 ? 0.1933 0.1441 0.2536 -0.0332 0.0020  -0.0187 109 ARG B NH1 
705 N  NH1 B ARG B 54 ? 0.1661 0.1557 0.2505 -0.0287 -0.0063 -0.0164 109 ARG B NH1 
706 N  NH2 A ARG B 54 ? 0.2225 0.2202 0.2509 0.0023  -0.0256 0.0110  109 ARG B NH2 
707 N  NH2 B ARG B 54 ? 0.1388 0.1520 0.2138 -0.0432 -0.0205 -0.0221 109 ARG B NH2 
708 N  N   . HIS B 55 ? 0.1191 0.1408 0.1542 -0.0222 -0.0303 0.0210  110 HIS B N   
709 C  CA  . HIS B 55 ? 0.1168 0.1438 0.1774 -0.0213 -0.0213 0.0337  110 HIS B CA  
710 C  C   . HIS B 55 ? 0.1083 0.1408 0.2049 -0.0178 -0.0153 0.0214  110 HIS B C   
711 O  O   . HIS B 55 ? 0.1206 0.1688 0.2312 -0.0210 -0.0097 -0.0059 110 HIS B O   
712 C  CB  . HIS B 55 ? 0.1166 0.1559 0.2024 -0.0140 -0.0239 0.0414  110 HIS B CB  
713 C  CG  . HIS B 55 ? 0.1108 0.1871 0.1839 -0.0181 -0.0322 0.0492  110 HIS B CG  
714 N  ND1 . HIS B 55 ? 0.1275 0.2047 0.2254 0.0058  -0.0388 0.0358  110 HIS B ND1 
715 C  CD2 . HIS B 55 ? 0.1532 0.2169 0.1537 -0.0536 -0.0287 0.0535  110 HIS B CD2 
716 C  CE1 . HIS B 55 ? 0.1376 0.2545 0.2027 -0.0149 -0.0441 0.0305  110 HIS B CE1 
717 N  NE2 . HIS B 55 ? 0.1454 0.2289 0.1520 -0.0581 -0.0404 0.0349  110 HIS B NE2 
718 N  N   . LEU B 56 ? 0.1153 0.1315 0.2438 -0.0225 0.0003  0.0177  111 LEU B N   
719 C  CA  . LEU B 56 ? 0.1205 0.1402 0.2931 -0.0287 0.0119  -0.0143 111 LEU B CA  
720 C  C   . LEU B 56 ? 0.1410 0.1472 0.3260 -0.0513 0.0293  -0.0651 111 LEU B C   
721 O  O   . LEU B 56 ? 0.1854 0.1691 0.3757 -0.0636 0.0663  -0.0907 111 LEU B O   
722 C  CB  . LEU B 56 ? 0.1158 0.1332 0.2605 -0.0283 -0.0004 0.0007  111 LEU B CB  
723 C  CG  . LEU B 56 ? 0.1158 0.1231 0.2066 -0.0232 -0.0278 -0.0229 111 LEU B CG  
724 C  CD1 . LEU B 56 ? 0.1238 0.1311 0.2001 -0.0256 -0.0257 -0.0254 111 LEU B CD1 
725 C  CD2 . LEU B 56 ? 0.1568 0.1290 0.2143 -0.0137 -0.0261 -0.0117 111 LEU B CD2 
726 N  N   . PRO B 57 ? 0.1520 0.1847 0.2467 -0.0411 -0.0183 -0.0816 112 PRO B N   
727 C  CA  . PRO B 57 ? 0.1883 0.2366 0.2333 -0.0500 -0.0120 -0.1043 112 PRO B CA  
728 C  C   . PRO B 57 ? 0.2385 0.2138 0.2893 -0.0612 0.0387  -0.1024 112 PRO B C   
729 O  O   . PRO B 57 ? 0.2660 0.2539 0.3121 -0.0559 0.0391  -0.1086 112 PRO B O   
730 C  CB  . PRO B 57 ? 0.2195 0.2832 0.1683 -0.0051 -0.0458 -0.0745 112 PRO B CB  
731 C  CG  . PRO B 57 ? 0.2291 0.2591 0.1548 0.0001  -0.0507 -0.0548 112 PRO B CG  
732 C  CD  . PRO B 57 ? 0.1741 0.1803 0.1848 -0.0225 -0.0504 -0.0536 112 PRO B CD  
733 N  N   . LYS B 58 ? 0.2296 0.2095 0.3104 -0.0634 0.0651  -0.0819 113 LYS B N   
734 C  CA  . LYS B 58 ? 0.2587 0.1980 0.3495 -0.0492 0.0856  -0.0740 113 LYS B CA  
735 C  C   . LYS B 58 ? 0.2828 0.2008 0.3772 -0.0320 0.0984  -0.0777 113 LYS B C   
736 O  O   . LYS B 58 ? 0.3007 0.2261 0.3815 -0.0106 0.0998  -0.0784 113 LYS B O   
737 C  CB  . LYS B 58 ? 0.2833 0.2213 0.3594 -0.0274 0.0756  -0.0718 113 LYS B CB  
738 C  CG  . LYS B 58 ? 0.3329 0.2886 0.3898 -0.0003 0.0635  -0.0690 113 LYS B CG  
739 C  CD  . LYS B 58 ? 0.3476 0.3109 0.3890 0.0231  0.0501  -0.0660 113 LYS B CD  
740 C  CE  . LYS B 58 ? 0.3685 0.3392 0.3995 0.0326  0.0444  -0.0650 113 LYS B CE  
741 N  NZ  . LYS B 58 ? 0.3663 0.3332 0.3894 0.0373  0.0389  -0.0638 113 LYS B NZ  
742 N  N   . THR B 59 ? 0.2915 0.1957 0.3837 -0.0374 0.1070  -0.0724 114 THR B N   
743 C  CA  . THR B 59 ? 0.3104 0.1856 0.3957 -0.0449 0.1127  -0.0765 114 THR B CA  
744 C  C   . THR B 59 ? 0.3404 0.2096 0.4018 -0.0647 0.1172  -0.1171 114 THR B C   
745 O  O   . THR B 59 ? 0.3557 0.2171 0.4178 -0.0483 0.1144  -0.1167 114 THR B O   
746 C  CB  . THR B 59 ? 0.3097 0.2075 0.4090 -0.0351 0.1097  -0.0443 114 THR B CB  
747 O  OG1 . THR B 59 ? 0.2772 0.1843 0.4002 -0.0358 0.1104  -0.0289 114 THR B OG1 
748 C  CG2 . THR B 59 ? 0.2986 0.1940 0.3995 -0.0390 0.1126  -0.0317 114 THR B CG2 
749 N  N   . CYS B 60 ? 0.3328 0.2348 0.3831 -0.1047 0.1168  -0.1409 115 CYS B N   
750 C  CA  . CYS B 60 ? 0.3465 0.2675 0.3704 -0.1177 0.1157  -0.1563 115 CYS B CA  
751 C  C   . CYS B 60 ? 0.3882 0.3765 0.4051 -0.1041 0.1288  -0.1839 115 CYS B C   
752 O  O   . CYS B 60 ? 0.3941 0.4093 0.4140 -0.1117 0.1280  -0.1976 115 CYS B O   
753 C  CB  . CYS B 60 ? 0.3405 0.2414 0.3183 -0.1212 0.1143  -0.1298 115 CYS B CB  
754 S  SG  . CYS B 60 ? 0.3174 0.2146 0.2903 -0.1178 0.1217  -0.1089 115 CYS B SG  
755 N  N   . ASN B 61 ? 0.4172 0.4407 0.4139 -0.0750 0.1320  -0.1726 116 ASN B N   
756 C  CA  . ASN B 61 ? 0.4398 0.4862 0.4203 -0.0498 0.1299  -0.1503 116 ASN B CA  
757 C  C   . ASN B 61 ? 0.4399 0.4927 0.4171 -0.0446 0.1205  -0.1473 116 ASN B C   
758 O  O   . ASN B 61 ? 0.4455 0.4930 0.4174 -0.0488 0.1195  -0.1478 116 ASN B O   
759 C  CB  . ASN B 61 ? 0.4597 0.5163 0.4268 -0.0299 0.1327  -0.1311 116 ASN B CB  
760 C  CG  . ASN B 61 ? 0.4834 0.5410 0.4328 -0.0137 0.1358  -0.1123 116 ASN B CG  
761 O  OD1 . ASN B 61 ? 0.4960 0.5520 0.4388 -0.0089 0.1375  -0.1087 116 ASN B OD1 
762 N  ND2 . ASN B 61 ? 0.4895 0.5477 0.4348 -0.0092 0.1386  -0.1060 116 ASN B ND2 
763 N  N   . PHE B 62 ? 0.4339 0.4832 0.4128 -0.0403 0.1105  -0.1487 117 PHE B N   
764 C  CA  . PHE B 62 ? 0.4323 0.4843 0.3984 -0.0293 0.0966  -0.1440 117 PHE B CA  
765 C  C   . PHE B 62 ? 0.4384 0.5013 0.3940 -0.0111 0.0880  -0.1520 117 PHE B C   
766 O  O   . PHE B 62 ? 0.4379 0.5109 0.4022 -0.0074 0.0864  -0.1544 117 PHE B O   
767 C  CB  . PHE B 62 ? 0.4296 0.4790 0.3933 -0.0275 0.0903  -0.1297 117 PHE B CB  
768 C  CG  . PHE B 62 ? 0.4261 0.4577 0.3811 -0.0331 0.0843  -0.1187 117 PHE B CG  
769 C  CD1 . PHE B 62 ? 0.4245 0.4452 0.3843 -0.0321 0.0813  -0.1120 117 PHE B CD1 
770 C  CD2 . PHE B 62 ? 0.4243 0.4383 0.3677 -0.0371 0.0833  -0.1139 117 PHE B CD2 
771 C  CE1 . PHE B 62 ? 0.4181 0.4353 0.3804 -0.0357 0.0819  -0.1064 117 PHE B CE1 
772 C  CE2 . PHE B 62 ? 0.4212 0.4299 0.3723 -0.0392 0.0843  -0.1120 117 PHE B CE2 
773 C  CZ  . PHE B 62 ? 0.4165 0.4328 0.3746 -0.0376 0.0815  -0.1078 117 PHE B CZ  
774 N  N   . ALA B 63 ? 0.5211 0.5840 0.4654 0.0039  0.0809  -0.1480 118 ALA B N   
775 C  CA  . ALA B 63 ? 0.5294 0.5933 0.4603 0.0206  0.0710  -0.1413 118 ALA B CA  
776 C  C   . ALA B 63 ? 0.5310 0.5997 0.4456 0.0390  0.0589  -0.1334 118 ALA B C   
777 O  O   . ALA B 63 ? 0.5320 0.5961 0.4499 0.0368  0.0605  -0.1330 118 ALA B O   
778 C  CB  . ALA B 63 ? 0.5268 0.5908 0.4585 0.0198  0.0714  -0.1417 118 ALA B CB  
779 N  N   . GLY B 64 ? 0.5766 0.6574 0.4683 0.0595  0.0444  -0.1229 119 GLY B N   
780 C  CA  . GLY B 64 ? 0.5577 0.6526 0.4282 0.0788  0.0289  -0.1133 119 GLY B CA  
781 C  C   . GLY B 64 ? 0.5313 0.6438 0.3838 0.0957  0.0122  -0.1028 119 GLY B C   
782 O  O   . GLY B 64 ? 0.5442 0.6630 0.4012 0.0990  0.0140  -0.0999 119 GLY B O   
783 N  N   . VAL B 65 ? 0.4555 0.5809 0.2867 0.1082  -0.0087 -0.0931 120 VAL B N   
784 C  CA  . VAL B 65 ? 0.4075 0.5473 0.2364 0.1145  -0.0280 -0.0845 120 VAL B CA  
785 C  C   . VAL B 65 ? 0.4044 0.5325 0.2535 0.1030  -0.0289 -0.0751 120 VAL B C   
786 O  O   . VAL B 65 ? 0.4305 0.5666 0.2904 0.1022  -0.0254 -0.0659 120 VAL B O   
787 C  CB  . VAL B 65 ? 0.3871 0.5483 0.2136 0.1268  -0.0421 -0.0893 120 VAL B CB  
788 C  CG1 . VAL B 65 ? 0.3889 0.5540 0.2048 0.1265  -0.0429 -0.0916 120 VAL B CG1 
789 C  CG2 . VAL B 65 ? 0.3902 0.5558 0.2177 0.1275  -0.0439 -0.0958 120 VAL B CG2 
790 N  N   . GLY B 66 ? 0.3674 0.4884 0.2199 0.0975  -0.0405 -0.0700 121 GLY B N   
791 C  CA  . GLY B 66 ? 0.3375 0.4505 0.2135 0.0802  -0.0422 -0.0658 121 GLY B CA  
792 C  C   . GLY B 66 ? 0.3106 0.4204 0.2262 0.0595  -0.0443 -0.0640 121 GLY B C   
793 O  O   . GLY B 66 ? 0.3123 0.4218 0.2243 0.0455  -0.0494 -0.0739 121 GLY B O   
794 N  N   . VAL B 67 ? 0.2337 0.3442 0.1956 0.0583  -0.0449 -0.0480 122 VAL B N   
795 C  CA  . VAL B 67 ? 0.1973 0.2785 0.1974 0.0228  -0.0387 -0.0331 122 VAL B CA  
796 C  C   . VAL B 67 ? 0.1377 0.2160 0.1565 -0.0125 -0.0275 -0.0028 122 VAL B C   
797 O  O   . VAL B 67 ? 0.1482 0.2459 0.1785 -0.0337 0.0033  0.0178  122 VAL B O   
798 C  CB  . VAL B 67 ? 0.2142 0.2944 0.2049 0.0363  -0.0498 -0.0248 122 VAL B CB  
799 C  CG1 . VAL B 67 ? 0.2116 0.3187 0.1968 0.0396  -0.0516 -0.0180 122 VAL B CG1 
800 C  CG2 . VAL B 67 ? 0.2190 0.3011 0.2266 0.0443  -0.0511 -0.0283 122 VAL B CG2 
801 N  N   . CYS B 68 ? 0.1392 0.1828 0.1536 -0.0121 -0.0374 0.0081  123 CYS B N   
802 C  CA  . CYS B 68 ? 0.1270 0.1756 0.1446 -0.0240 -0.0373 0.0044  123 CYS B CA  
803 C  C   . CYS B 68 ? 0.1168 0.1869 0.1450 -0.0473 -0.0346 -0.0009 123 CYS B C   
804 O  O   . CYS B 68 ? 0.1390 0.2022 0.1561 -0.0252 -0.0385 -0.0102 123 CYS B O   
805 C  CB  . CYS B 68 ? 0.1210 0.1611 0.1334 -0.0336 -0.0361 0.0079  123 CYS B CB  
806 S  SG  . CYS B 68 ? 0.1339 0.1515 0.1660 -0.0389 -0.0331 -0.0042 123 CYS B SG  
807 N  N   . PRO B 69 ? 0.1500 0.1991 0.1824 -0.0630 -0.0345 0.0212  124 PRO B N   
808 C  CA  . PRO B 69 ? 0.1695 0.1942 0.2075 -0.0755 -0.0227 0.0101  124 PRO B CA  
809 C  C   . PRO B 69 ? 0.1423 0.1849 0.2060 -0.0720 -0.0294 0.0036  124 PRO B C   
810 O  O   . PRO B 69 ? 0.1467 0.2088 0.2212 -0.0655 -0.0314 -0.0079 124 PRO B O   
811 C  CB  . PRO B 69 ? 0.2247 0.2040 0.2225 -0.0705 -0.0142 0.0232  124 PRO B CB  
812 C  CG  . PRO B 69 ? 0.2742 0.2545 0.2715 -0.0573 -0.0222 0.0146  124 PRO B CG  
813 C  CD  . PRO B 69 ? 0.2159 0.2032 0.2328 -0.0608 -0.0310 0.0174  124 PRO B CD  
814 N  N   . PHE B 70 ? 0.1420 0.2182 0.2328 -0.0778 -0.0245 -0.0158 125 PHE B N   
815 C  CA  . PHE B 70 ? 0.1719 0.2159 0.2392 -0.0664 -0.0429 -0.0208 125 PHE B CA  
816 C  C   . PHE B 70 ? 0.1959 0.2026 0.2641 -0.0718 -0.0240 -0.0062 125 PHE B C   
817 O  O   . PHE B 70 ? 0.2175 0.1955 0.3003 -0.0677 -0.0115 0.0029  125 PHE B O   
818 C  CB  . PHE B 70 ? 0.1902 0.2266 0.2358 -0.0683 -0.0500 -0.0516 125 PHE B CB  
819 C  CG  . PHE B 70 ? 0.2216 0.2188 0.2490 -0.0502 -0.0571 -0.0761 125 PHE B CG  
820 C  CD1 . PHE B 70 ? 0.2182 0.2610 0.2355 -0.0185 -0.0815 -0.0560 125 PHE B CD1 
821 C  CD2 . PHE B 70 ? 0.2851 0.2626 0.2922 -0.0440 -0.0465 -0.0891 125 PHE B CD2 
822 C  CE1 . PHE B 70 ? 0.2615 0.3152 0.2700 -0.0069 -0.0765 -0.0545 125 PHE B CE1 
823 C  CE2 . PHE B 70 ? 0.3030 0.3183 0.3086 -0.0237 -0.0579 -0.0746 125 PHE B CE2 
824 C  CZ  . PHE B 70 ? 0.3001 0.3368 0.3104 -0.0113 -0.0652 -0.0646 125 PHE B CZ  
825 N  N   . GLN B 71 ? 0.2222 0.1900 0.2702 -0.0565 -0.0269 -0.0193 126 GLN B N   
826 C  CA  . GLN B 71 ? 0.2509 0.2155 0.2948 -0.0343 -0.0411 -0.0352 126 GLN B CA  
827 C  C   . GLN B 71 ? 0.2787 0.1985 0.2817 -0.0268 -0.0348 -0.0494 126 GLN B C   
828 O  O   . GLN B 71 ? 0.2806 0.1714 0.2517 -0.0204 -0.0373 -0.0433 126 GLN B O   
829 C  CB  . GLN B 71 ? 0.2563 0.2565 0.3413 -0.0252 -0.0491 -0.0318 126 GLN B CB  
830 C  CG  . GLN B 71 ? 0.2614 0.2927 0.3794 -0.0184 -0.0540 -0.0284 126 GLN B CG  
831 C  CD  . GLN B 71 ? 0.2786 0.3218 0.4197 -0.0070 -0.0590 -0.0249 126 GLN B CD  
832 O  OE1 . GLN B 71 ? 0.2911 0.3377 0.4420 -0.0055 -0.0603 -0.0268 126 GLN B OE1 
833 N  NE2 . GLN B 71 ? 0.2937 0.3383 0.4445 -0.0028 -0.0544 -0.0257 126 GLN B NE2 
834 N  N   . ALA B 72 ? 0.3016 0.2259 0.3033 -0.0271 -0.0240 -0.0554 127 ALA B N   
835 C  CA  . ALA B 72 ? 0.2868 0.2274 0.3029 -0.0379 -0.0207 -0.0684 127 ALA B CA  
836 C  C   . ALA B 72 ? 0.2788 0.2330 0.2933 -0.0409 -0.0204 -0.0768 127 ALA B C   
837 O  O   . ALA B 72 ? 0.3388 0.3240 0.3446 -0.0178 -0.0248 -0.0685 127 ALA B O   
838 C  CB  . ALA B 72 ? 0.3094 0.2513 0.3355 -0.0330 -0.0133 -0.0655 127 ALA B CB  
839 N  N   . VAL B 73 ? 0.2845 0.2515 0.2962 -0.0389 -0.0116 -0.0684 128 VAL B N   
840 C  CA  . VAL B 73 ? 0.3156 0.3155 0.3303 -0.0404 -0.0042 -0.0657 128 VAL B CA  
841 C  C   . VAL B 73 ? 0.3128 0.3456 0.3376 -0.0368 -0.0018 -0.0721 128 VAL B C   
842 O  O   . VAL B 73 ? 0.3112 0.3260 0.3269 -0.0353 -0.0003 -0.0806 128 VAL B O   
843 C  CB  . VAL B 73 ? 0.3399 0.3405 0.3509 -0.0483 0.0026  -0.0569 128 VAL B CB  
844 C  CG1 . VAL B 73 ? 0.3497 0.3534 0.3636 -0.0514 0.0040  -0.0544 128 VAL B CG1 
845 C  CG2 . VAL B 73 ? 0.3426 0.3429 0.3481 -0.0512 0.0036  -0.0540 128 VAL B CG2 
846 N  N   . PRO B 74 ? 0.3311 0.3999 0.3709 -0.0382 0.0001  -0.0690 129 PRO B N   
847 C  CA  . PRO B 74 ? 0.3294 0.4193 0.3768 -0.0359 0.0009  -0.0642 129 PRO B CA  
848 C  C   . PRO B 74 ? 0.3323 0.4318 0.3804 -0.0374 0.0014  -0.0590 129 PRO B C   
849 O  O   . PRO B 74 ? 0.3410 0.4349 0.3890 -0.0417 0.0059  -0.0564 129 PRO B O   
850 C  CB  . PRO B 74 ? 0.3294 0.4307 0.3790 -0.0318 -0.0007 -0.0646 129 PRO B CB  
851 C  CG  . PRO B 74 ? 0.3274 0.4304 0.3764 -0.0349 -0.0018 -0.0659 129 PRO B CG  
852 C  CD  . PRO B 74 ? 0.3308 0.4218 0.3731 -0.0367 0.0002  -0.0668 129 PRO B CD  
853 S  S   . SO4 C .  ? 0.1777 0.1115 0.1135 -0.0237 -0.0402 -0.0053 101 SO4 A S   
854 O  O1  . SO4 C .  ? 0.1831 0.1499 0.1280 -0.0110 -0.0498 0.0011  101 SO4 A O1  
855 O  O2  . SO4 C .  ? 0.1842 0.1261 0.1212 -0.0190 -0.0450 -0.0049 101 SO4 A O2  
856 O  O3  . SO4 C .  ? 0.1875 0.1202 0.1322 -0.0223 -0.0438 -0.0057 101 SO4 A O3  
857 O  O4  . SO4 C .  ? 0.1767 0.1084 0.1477 -0.0223 -0.0439 -0.0026 101 SO4 A O4  
858 N  N   . NO3 D .  ? 0.1371 0.2303 0.1568 0.0193  -0.0236 -0.0434 102 NO3 A N   
859 O  O1  . NO3 D .  ? 0.1441 0.2724 0.2048 0.0574  -0.0122 -0.0215 102 NO3 A O1  
860 O  O2  . NO3 D .  ? 0.1410 0.2442 0.1614 -0.0087 0.0001  -0.0580 102 NO3 A O2  
861 O  O3  . NO3 D .  ? 0.1419 0.2154 0.1410 0.0163  -0.0175 -0.0323 102 NO3 A O3  
862 C  C   . ACY E .  ? 0.6160 0.3174 0.4740 0.0600  -0.0955 0.1442  103 ACY A C   
863 O  O   . ACY E .  ? 0.6172 0.3386 0.4901 0.0546  -0.0886 0.1303  103 ACY A O   
864 O  OXT . ACY E .  ? 0.6193 0.3194 0.4763 0.0487  -0.0900 0.1347  103 ACY A OXT 
865 C  CH3 . ACY E .  ? 0.6155 0.3277 0.4746 0.0625  -0.0978 0.1413  103 ACY A CH3 
866 LI LI  . LI  F .  ? 0.1793 0.1869 0.1447 -0.0279 -0.0148 -0.0113 104 LI  A LI  
871 S  S   . SO4 H .  ? 0.1995 0.1880 0.1551 -0.0372 -0.0286 0.0006  201 SO4 B S   
872 O  O1  . SO4 H .  ? 0.1922 0.1792 0.1683 -0.0076 -0.0414 0.0027  201 SO4 B O1  
873 O  O2  . SO4 H .  ? 0.2147 0.1972 0.1557 -0.0454 -0.0184 -0.0144 201 SO4 B O2  
874 O  O3  . SO4 H .  ? 0.2302 0.2608 0.2087 -0.0072 -0.0252 -0.0209 201 SO4 B O3  
875 O  O4  . SO4 H .  ? 0.2445 0.2066 0.1652 -0.0345 -0.0236 -0.0032 201 SO4 B O4  
876 C  C   . ACY I .  ? 0.2735 0.3114 0.3786 -0.0445 -0.0340 -0.0060 202 ACY B C   
877 O  O   . ACY I .  ? 0.2721 0.3187 0.3671 -0.0370 -0.0394 -0.0104 202 ACY B O   
878 O  OXT . ACY I .  ? 0.2998 0.3427 0.4024 -0.0411 -0.0318 -0.0042 202 ACY B OXT 
879 C  CH3 . ACY I .  ? 0.2699 0.3156 0.3749 -0.0385 -0.0377 -0.0043 202 ACY B CH3 
880 N  N   . NO3 J .  ? 0.3688 0.3563 0.5990 0.1128  -0.1348 -0.0940 203 NO3 B N   
881 O  O1  . NO3 J .  ? 0.3765 0.3680 0.6037 0.1103  -0.1278 -0.0943 203 NO3 B O1  
882 O  O2  . NO3 J .  ? 0.3921 0.4013 0.6136 0.1066  -0.1312 -0.0925 203 NO3 B O2  
883 O  O3  . NO3 J .  ? 0.3706 0.3539 0.5990 0.1124  -0.1347 -0.1000 203 NO3 B O3  
884 O  O   . HOH K .  ? 0.3198 0.1448 0.1710 0.0333  -0.0716 -0.0272 201 HOH A O   
885 O  O   . HOH K .  ? 0.3159 0.7511 0.3093 -0.1766 -0.0176 0.0226  202 HOH A O   
886 O  O   . HOH K .  ? 0.1878 0.1513 0.1714 -0.0079 -0.0061 0.0253  203 HOH A O   
887 O  O   . HOH K .  ? 0.2309 0.1350 0.1251 -0.0009 -0.0143 -0.0013 204 HOH A O   
888 O  O   . HOH K .  ? 0.3024 0.3769 0.2486 0.0030  -0.0340 0.1116  205 HOH A O   
889 O  O   . HOH K .  ? 0.1722 0.2501 0.1816 -0.0219 0.0080  -0.0207 206 HOH A O   
890 O  O   . HOH K .  ? 0.1696 0.1312 0.1236 -0.0437 -0.0282 -0.0058 207 HOH A O   
891 O  O   . HOH K .  ? 0.3206 0.5896 0.1938 -0.0440 0.0051  -0.0165 208 HOH A O   
892 O  O   . HOH K .  ? 0.2579 0.4770 0.4175 0.0448  -0.1350 -0.1841 209 HOH A O   
893 O  O   . HOH K .  ? 0.2367 0.1768 0.3105 -0.0184 0.0277  0.0263  210 HOH A O   
894 O  O   . HOH K .  ? 0.3605 0.1752 0.2474 -0.0506 -0.0337 -0.0263 211 HOH A O   
895 O  O   . HOH K .  ? 0.3483 0.4550 0.2946 -0.1048 -0.1188 0.1426  212 HOH A O   
896 O  O   . HOH K .  ? 0.5199 0.4343 0.3309 -0.1226 -0.1329 0.0137  213 HOH A O   
897 O  O   . HOH L .  ? 0.1728 0.3125 0.3641 -0.0477 -0.0009 -0.0294 301 HOH B O   
898 O  O   . HOH L .  ? 0.5308 0.2532 0.1695 0.1459  0.0555  0.0433  302 HOH B O   
899 O  O   . HOH L .  ? 0.1983 0.1698 0.2854 -0.0116 -0.0003 -0.0215 303 HOH B O   
900 O  O   . HOH L .  ? 0.4148 0.5252 0.4327 -0.2297 -0.0282 -0.0107 304 HOH B O   
901 O  O   . HOH L .  ? 0.2179 0.2229 0.1291 -0.0808 -0.0266 0.0075  305 HOH B O   
902 O  O   . HOH L .  ? 0.3192 0.1821 0.1987 -0.0692 -0.0595 0.0082  306 HOH B O   
903 O  O   . HOH L .  ? 0.4181 0.4039 0.3678 -0.1041 -0.0724 0.0386  307 HOH B O   
904 O  O   . HOH L .  ? 0.3723 0.3049 0.2876 -0.0675 -0.1157 -0.0437 308 HOH B O   
905 O  O   . HOH L .  ? 0.3247 0.3374 0.2728 -0.0341 -0.0150 0.0064  309 HOH B O   
906 O  O   . HOH L .  ? 0.3830 0.5251 0.2630 0.2568  -0.0290 0.0027  310 HOH B O   
907 O  O   . HOH L .  ? 0.2839 0.6503 0.3918 0.0662  -0.0409 -0.0243 311 HOH B O   
908 O  O   . HOH L .  ? 0.5034 0.2740 0.1700 -0.0679 -0.0910 -0.0229 312 HOH B O   
909 O  O   . HOH L .  ? 0.3207 0.2502 0.2697 -0.0027 -0.0875 -0.0351 313 HOH B O   
910 O  O   . HOH L .  ? 0.2222 0.2292 0.1831 -0.0477 -0.0549 0.0568  314 HOH B O   
911 O  O   . HOH L .  ? 0.3375 0.3952 0.3247 -0.1310 -0.1216 0.0735  315 HOH B O   
912 O  O   . HOH L .  ? 0.1368 0.1482 0.1806 -0.0117 -0.0165 0.0158  316 HOH B O   
913 O  O   . HOH L .  ? 0.2996 0.1916 0.1534 0.0357  -0.0604 -0.0248 317 HOH B O   
914 O  O   . HOH L .  ? 0.2388 0.1796 0.2785 -0.0300 0.0164  -0.0355 318 HOH B O   
915 O  O   . HOH L .  ? 0.3262 0.1760 0.4209 -0.0552 0.1121  -0.0456 319 HOH B O   
916 O  O   . HOH L .  ? 0.3049 0.5050 0.3600 -0.2077 -0.0514 0.1202  320 HOH B O   
917 O  O   . HOH L .  ? 0.4437 0.3616 0.5187 0.0395  -0.1213 0.0205  321 HOH B O   
# 
